data_4HES
#
_entry.id   4HES
#
_cell.length_a   117.398
_cell.length_b   163.106
_cell.length_c   113.009
_cell.angle_alpha   90.000
_cell.angle_beta   90.380
_cell.angle_gamma   90.000
#
_symmetry.space_group_name_H-M   'C 1 2 1'
#
loop_
_entity.id
_entity.type
_entity.pdbx_description
1 polymer 'Beta-lactamase class A-like protein'
2 non-polymer GLYCEROL
3 non-polymer 'SODIUM ION'
4 non-polymer 'FORMIC ACID'
5 water water
#
_entity_poly.entity_id   1
_entity_poly.type   'polypeptide(L)'
_entity_poly.pdbx_seq_one_letter_code
;SNA(MSE)EKLIVGKSLEHQLDTVIKELAPAGNISYAVLQFDDEEEPTLIAARGENTVHSSASLIKVLI(MSE)EYVFHL
ARTEQLDINDTVPLSRTPRVEGGGALQELVGKHSFTYLELCRL(MSE)(MSE)VLSDNIATNLLITVLG(MSE)ENINAR
AEKLGVDE(MSE)ELNR(MSE)(MSE)(MSE)DFNALAEGRDNHITA(MSE)SLARLYKHIFECRDRDVYGRE(MSE)WN
ILGRQQFRDILPFYWGEGIRFHHKTGSLDRVEHDGGVIETFRGHFCFILL(MSE)SDIDNDRGKELGAQVGRI(MSE)KE
FVEEALP
;
_entity_poly.pdbx_strand_id   A,B,C,D,E
#
# COMPACT_ATOMS: atom_id res chain seq x y z
N SER A 1 -43.31 -32.03 18.78
CA SER A 1 -42.66 -33.28 19.30
C SER A 1 -42.25 -34.27 18.17
N ASN A 2 -43.12 -34.66 17.24
CA ASN A 2 -42.63 -35.45 16.09
C ASN A 2 -42.05 -34.55 14.98
N ALA A 3 -41.41 -35.16 13.99
CA ALA A 3 -40.70 -34.43 12.94
C ALA A 3 -41.65 -33.60 12.07
N GLU A 5 -44.52 -32.26 13.05
CA GLU A 5 -44.95 -31.13 13.86
C GLU A 5 -43.90 -30.05 13.95
N LYS A 6 -42.64 -30.46 14.13
CA LYS A 6 -41.50 -29.54 14.13
C LYS A 6 -41.34 -28.82 12.81
N LEU A 7 -41.53 -29.53 11.70
CA LEU A 7 -41.44 -28.93 10.39
C LEU A 7 -42.55 -27.88 10.20
N ILE A 8 -43.75 -28.23 10.65
CA ILE A 8 -44.84 -27.30 10.44
C ILE A 8 -44.59 -26.03 11.26
N VAL A 9 -44.20 -26.18 12.51
CA VAL A 9 -43.93 -25.01 13.37
C VAL A 9 -42.79 -24.21 12.74
N GLY A 10 -41.81 -24.93 12.19
CA GLY A 10 -40.67 -24.35 11.52
C GLY A 10 -40.98 -23.40 10.37
N LYS A 11 -42.17 -23.51 9.76
CA LYS A 11 -42.55 -22.56 8.71
C LYS A 11 -42.57 -21.13 9.20
N SER A 12 -42.87 -20.95 10.49
N SER A 12 -42.84 -20.94 10.49
CA SER A 12 -42.85 -19.61 11.08
CA SER A 12 -42.87 -19.60 11.08
C SER A 12 -41.43 -19.05 11.04
C SER A 12 -41.45 -19.03 11.15
N LEU A 13 -40.47 -19.90 11.40
CA LEU A 13 -39.07 -19.49 11.37
C LEU A 13 -38.64 -19.14 9.95
N GLU A 14 -39.03 -19.95 8.95
CA GLU A 14 -38.76 -19.60 7.54
C GLU A 14 -39.33 -18.24 7.22
N HIS A 15 -40.59 -17.99 7.61
CA HIS A 15 -41.18 -16.69 7.29
C HIS A 15 -40.38 -15.54 7.93
N GLN A 16 -39.97 -15.70 9.19
CA GLN A 16 -39.23 -14.64 9.88
C GLN A 16 -37.88 -14.40 9.21
N LEU A 17 -37.19 -15.46 8.82
CA LEU A 17 -35.88 -15.33 8.19
C LEU A 17 -36.00 -14.79 6.75
N ASP A 18 -36.99 -15.26 6.01
CA ASP A 18 -37.18 -14.75 4.66
C ASP A 18 -37.55 -13.26 4.68
N THR A 19 -38.28 -12.83 5.70
CA THR A 19 -38.65 -11.42 5.85
C THR A 19 -37.41 -10.54 6.04
N VAL A 20 -36.54 -10.94 6.96
CA VAL A 20 -35.34 -10.15 7.20
C VAL A 20 -34.38 -10.18 6.01
N ILE A 21 -34.26 -11.35 5.36
CA ILE A 21 -33.46 -11.45 4.15
C ILE A 21 -33.98 -10.50 3.05
N LYS A 22 -35.29 -10.45 2.86
CA LYS A 22 -35.86 -9.55 1.85
C LYS A 22 -35.58 -8.09 2.20
N GLU A 23 -35.61 -7.73 3.48
CA GLU A 23 -35.39 -6.37 3.92
C GLU A 23 -33.93 -6.00 3.70
N LEU A 24 -32.99 -6.88 4.06
CA LEU A 24 -31.57 -6.49 4.12
C LEU A 24 -30.75 -6.85 2.90
N ALA A 25 -31.15 -7.91 2.18
CA ALA A 25 -30.41 -8.38 1.01
C ALA A 25 -31.30 -9.01 -0.04
N PRO A 26 -32.22 -8.22 -0.62
CA PRO A 26 -33.17 -8.74 -1.59
C PRO A 26 -32.55 -9.23 -2.89
N ALA A 27 -31.35 -8.76 -3.23
CA ALA A 27 -30.65 -9.23 -4.43
C ALA A 27 -29.56 -10.25 -4.10
N GLY A 28 -29.44 -10.64 -2.82
CA GLY A 28 -28.38 -11.57 -2.41
C GLY A 28 -28.76 -12.99 -2.74
N ASN A 29 -27.79 -13.89 -2.68
CA ASN A 29 -28.04 -15.31 -2.85
C ASN A 29 -27.82 -15.98 -1.49
N ILE A 30 -28.91 -16.13 -0.75
CA ILE A 30 -28.85 -16.51 0.66
C ILE A 30 -29.49 -17.86 0.83
N SER A 31 -28.74 -18.78 1.43
CA SER A 31 -29.24 -20.10 1.80
C SER A 31 -29.12 -20.32 3.29
N TYR A 32 -30.04 -21.09 3.84
CA TYR A 32 -29.94 -21.52 5.22
C TYR A 32 -30.57 -22.88 5.45
N ALA A 33 -30.17 -23.48 6.56
CA ALA A 33 -30.82 -24.68 7.07
C ALA A 33 -30.75 -24.67 8.57
N VAL A 34 -31.84 -25.07 9.21
CA VAL A 34 -31.94 -25.20 10.63
C VAL A 34 -32.42 -26.62 10.88
N LEU A 35 -31.66 -27.36 11.68
CA LEU A 35 -32.00 -28.74 11.97
C LEU A 35 -31.83 -29.05 13.43
N GLN A 36 -32.60 -30.02 13.93
CA GLN A 36 -32.44 -30.52 15.27
C GLN A 36 -31.60 -31.80 15.21
N PHE A 37 -30.54 -31.86 16.05
CA PHE A 37 -29.68 -33.04 16.12
C PHE A 37 -29.91 -33.80 17.44
N ASP A 38 -30.08 -35.11 17.30
CA ASP A 38 -30.27 -36.06 18.37
C ASP A 38 -29.37 -37.27 18.11
N ASP A 39 -28.77 -37.77 19.17
CA ASP A 39 -27.85 -38.90 19.04
C ASP A 39 -28.50 -40.10 18.34
N GLU A 40 -27.82 -40.60 17.31
CA GLU A 40 -28.21 -41.78 16.58
C GLU A 40 -29.53 -41.65 15.80
N GLU A 41 -29.99 -40.44 15.53
CA GLU A 41 -31.24 -40.26 14.80
C GLU A 41 -30.95 -39.35 13.64
N GLU A 42 -31.68 -39.53 12.55
CA GLU A 42 -31.60 -38.66 11.39
C GLU A 42 -31.93 -37.23 11.79
N PRO A 43 -31.17 -36.26 11.26
CA PRO A 43 -31.47 -34.88 11.59
C PRO A 43 -32.90 -34.51 11.25
N THR A 44 -33.52 -33.69 12.10
CA THR A 44 -34.88 -33.25 11.87
C THR A 44 -34.83 -31.84 11.28
N LEU A 45 -35.27 -31.68 10.05
CA LEU A 45 -35.29 -30.37 9.42
C LEU A 45 -36.37 -29.48 10.05
N ILE A 46 -35.96 -28.25 10.36
CA ILE A 46 -36.86 -27.27 10.94
C ILE A 46 -37.23 -26.22 9.90
N ALA A 47 -36.21 -25.74 9.19
CA ALA A 47 -36.40 -24.62 8.27
C ALA A 47 -35.29 -24.65 7.25
N ALA A 48 -35.59 -24.30 6.01
CA ALA A 48 -34.57 -24.29 4.97
C ALA A 48 -34.89 -23.32 3.86
N ARG A 49 -33.86 -22.84 3.21
CA ARG A 49 -33.99 -21.97 2.04
C ARG A 49 -32.80 -22.27 1.14
N GLY A 50 -33.05 -22.66 -0.11
CA GLY A 50 -31.94 -22.90 -1.05
C GLY A 50 -30.85 -23.79 -0.47
N GLU A 51 -31.27 -24.85 0.22
CA GLU A 51 -30.37 -25.64 1.05
C GLU A 51 -29.49 -26.59 0.24
N ASN A 52 -29.80 -26.75 -1.06
CA ASN A 52 -28.92 -27.51 -1.95
C ASN A 52 -28.21 -26.66 -3.00
N THR A 53 -28.32 -25.35 -2.91
CA THR A 53 -27.62 -24.44 -3.82
C THR A 53 -26.15 -24.52 -3.57
N VAL A 54 -25.36 -24.53 -4.64
CA VAL A 54 -23.92 -24.54 -4.48
C VAL A 54 -23.40 -23.12 -4.23
N HIS A 55 -22.61 -22.92 -3.18
CA HIS A 55 -21.92 -21.68 -2.92
C HIS A 55 -20.42 -21.91 -2.91
N SER A 56 -19.66 -20.85 -3.17
N SER A 56 -19.67 -20.85 -3.14
CA SER A 56 -18.24 -20.87 -2.86
CA SER A 56 -18.24 -20.84 -2.87
C SER A 56 -18.12 -21.23 -1.37
C SER A 56 -18.01 -21.09 -1.37
N SER A 57 -17.13 -22.02 -1.06
CA SER A 57 -17.02 -22.53 0.30
C SER A 57 -16.42 -21.48 1.23
N ALA A 58 -15.61 -20.63 0.63
CA ALA A 58 -14.74 -19.81 1.34
C ALA A 58 -14.13 -20.82 2.37
N SER A 59 -13.88 -20.40 3.53
CA SER A 59 -13.15 -21.27 4.43
C SER A 59 -13.92 -22.48 5.06
N LEU A 60 -15.20 -22.67 4.72
CA LEU A 60 -15.95 -23.74 5.37
C LEU A 60 -15.45 -25.12 5.03
N ILE A 61 -14.78 -25.26 3.89
CA ILE A 61 -14.21 -26.54 3.49
C ILE A 61 -13.16 -27.02 4.51
N LYS A 62 -12.65 -26.10 5.32
CA LYS A 62 -11.70 -26.47 6.38
C LYS A 62 -12.28 -27.50 7.38
N VAL A 63 -13.61 -27.52 7.55
CA VAL A 63 -14.25 -28.48 8.46
C VAL A 63 -13.99 -29.92 7.97
N LEU A 64 -14.11 -30.11 6.65
CA LEU A 64 -13.86 -31.44 6.05
C LEU A 64 -12.40 -31.85 6.22
N ILE A 65 -11.51 -30.90 6.00
CA ILE A 65 -10.06 -31.15 6.16
C ILE A 65 -9.80 -31.63 7.60
N GLU A 67 -11.95 -33.08 9.73
CA GLU A 67 -12.53 -34.39 9.90
C GLU A 67 -11.59 -35.47 9.34
N TYR A 68 -11.01 -35.21 8.18
CA TYR A 68 -10.11 -36.19 7.53
C TYR A 68 -8.86 -36.43 8.38
N VAL A 69 -8.30 -35.38 8.96
CA VAL A 69 -7.10 -35.54 9.84
C VAL A 69 -7.42 -36.45 11.00
N PHE A 70 -8.54 -36.20 11.69
CA PHE A 70 -8.91 -36.99 12.84
C PHE A 70 -9.33 -38.43 12.46
N HIS A 71 -9.86 -38.59 11.26
CA HIS A 71 -10.15 -39.91 10.77
C HIS A 71 -8.85 -40.72 10.61
N LEU A 72 -7.83 -40.11 9.99
CA LEU A 72 -6.53 -40.72 9.83
C LEU A 72 -5.92 -41.08 11.16
N ALA A 73 -6.08 -40.18 12.14
CA ALA A 73 -5.61 -40.46 13.52
C ALA A 73 -6.30 -41.65 14.16
N ARG A 74 -7.62 -41.66 14.09
CA ARG A 74 -8.42 -42.70 14.68
C ARG A 74 -8.11 -44.06 14.06
N THR A 75 -7.84 -44.09 12.76
CA THR A 75 -7.53 -45.36 12.08
C THR A 75 -6.05 -45.65 12.08
N GLU A 76 -5.27 -44.89 12.84
CA GLU A 76 -3.85 -45.10 13.00
C GLU A 76 -3.03 -45.01 11.73
N GLN A 77 -3.48 -44.17 10.80
CA GLN A 77 -2.71 -43.86 9.62
C GLN A 77 -1.80 -42.65 9.83
N LEU A 78 -2.01 -41.88 10.89
CA LEU A 78 -1.06 -40.87 11.30
C LEU A 78 -1.17 -40.67 12.77
N ASP A 79 -0.13 -40.10 13.34
CA ASP A 79 -0.07 -39.73 14.74
C ASP A 79 -0.34 -38.23 14.82
N ILE A 80 -1.40 -37.83 15.52
CA ILE A 80 -1.87 -36.45 15.51
C ILE A 80 -0.83 -35.54 16.18
N ASN A 81 0.14 -36.13 16.91
CA ASN A 81 1.19 -35.34 17.49
C ASN A 81 2.48 -35.30 16.67
N ASP A 82 2.51 -35.93 15.51
CA ASP A 82 3.67 -35.76 14.61
C ASP A 82 3.64 -34.34 14.05
N THR A 83 4.82 -33.84 13.65
CA THR A 83 4.93 -32.44 13.24
C THR A 83 5.13 -32.26 11.75
N VAL A 84 4.78 -31.06 11.30
CA VAL A 84 4.94 -30.61 9.93
C VAL A 84 5.66 -29.26 9.99
N PRO A 85 6.77 -29.13 9.26
CA PRO A 85 7.48 -27.84 9.25
C PRO A 85 6.63 -26.75 8.59
N LEU A 86 6.68 -25.55 9.15
CA LEU A 86 6.05 -24.35 8.56
C LEU A 86 6.51 -24.10 7.12
N SER A 87 7.76 -24.47 6.83
CA SER A 87 8.35 -24.34 5.50
C SER A 87 7.67 -25.15 4.38
N ARG A 88 6.79 -26.11 4.73
CA ARG A 88 6.29 -27.07 3.77
C ARG A 88 5.28 -26.56 2.77
N THR A 89 4.84 -25.30 2.89
CA THR A 89 3.99 -24.72 1.87
C THR A 89 4.36 -23.24 1.75
N PRO A 90 4.14 -22.62 0.56
CA PRO A 90 4.46 -21.21 0.49
C PRO A 90 3.63 -20.38 1.45
N ARG A 91 4.23 -19.34 1.99
CA ARG A 91 3.49 -18.36 2.82
C ARG A 91 2.35 -17.76 1.97
N VAL A 92 1.14 -17.73 2.54
CA VAL A 92 -0.01 -17.02 1.99
C VAL A 92 -0.61 -16.16 3.10
N GLU A 93 -1.36 -15.14 2.74
CA GLU A 93 -1.98 -14.25 3.69
C GLU A 93 -3.48 -14.57 3.79
N GLY A 94 -4.32 -13.55 3.97
CA GLY A 94 -5.76 -13.69 4.07
C GLY A 94 -6.22 -14.10 5.48
N GLY A 95 -5.31 -14.11 6.44
CA GLY A 95 -5.67 -14.31 7.83
C GLY A 95 -5.04 -15.52 8.49
N GLY A 96 -4.88 -15.37 9.79
CA GLY A 96 -4.22 -16.40 10.59
C GLY A 96 -3.01 -15.87 11.34
N ALA A 97 -2.40 -16.74 12.12
CA ALA A 97 -1.21 -16.43 12.89
C ALA A 97 0.06 -16.82 12.19
N LEU A 98 0.07 -17.93 11.44
CA LEU A 98 1.32 -18.43 10.87
C LEU A 98 1.92 -17.45 9.83
N GLN A 99 1.08 -16.64 9.22
CA GLN A 99 1.55 -15.64 8.27
C GLN A 99 2.46 -14.57 8.90
N GLU A 100 2.38 -14.41 10.22
CA GLU A 100 3.24 -13.44 10.93
C GLU A 100 4.60 -14.03 11.36
N LEU A 101 4.75 -15.36 11.24
CA LEU A 101 5.94 -16.03 11.72
C LEU A 101 7.04 -15.97 10.72
N VAL A 102 8.27 -15.90 11.22
CA VAL A 102 9.43 -15.83 10.36
C VAL A 102 10.48 -16.88 10.68
N GLY A 103 10.53 -17.44 11.89
CA GLY A 103 11.59 -18.37 12.18
C GLY A 103 11.31 -19.78 11.69
N LYS A 104 12.16 -20.69 12.09
CA LYS A 104 11.98 -22.09 11.85
C LYS A 104 10.94 -22.54 12.89
N HIS A 105 9.80 -23.06 12.46
CA HIS A 105 8.78 -23.59 13.33
C HIS A 105 8.24 -24.88 12.75
N SER A 106 7.75 -25.74 13.65
N SER A 106 7.80 -25.77 13.63
CA SER A 106 7.04 -26.94 13.29
CA SER A 106 7.01 -26.92 13.22
C SER A 106 5.79 -26.98 14.14
C SER A 106 5.83 -27.07 14.15
N PHE A 107 4.75 -27.59 13.58
CA PHE A 107 3.48 -27.73 14.25
C PHE A 107 2.94 -29.14 14.11
N THR A 108 2.27 -29.61 15.15
CA THR A 108 1.68 -30.93 15.07
C THR A 108 0.40 -30.85 14.22
N TYR A 109 -0.05 -31.98 13.70
CA TYR A 109 -1.35 -32.00 13.01
C TYR A 109 -2.46 -31.45 13.88
N LEU A 110 -2.43 -31.77 15.16
CA LEU A 110 -3.35 -31.20 16.14
C LEU A 110 -3.32 -29.67 16.17
N GLU A 111 -2.12 -29.10 16.30
CA GLU A 111 -1.98 -27.65 16.35
C GLU A 111 -2.45 -27.01 15.05
N LEU A 112 -2.18 -27.65 13.91
CA LEU A 112 -2.52 -27.06 12.65
C LEU A 112 -4.04 -27.11 12.46
N CYS A 113 -4.68 -28.19 12.86
CA CYS A 113 -6.16 -28.26 12.80
C CYS A 113 -6.78 -27.19 13.66
N ARG A 114 -6.23 -27.00 14.87
CA ARG A 114 -6.73 -25.99 15.75
C ARG A 114 -6.65 -24.59 15.14
N LEU A 115 -5.48 -24.22 14.62
CA LEU A 115 -5.28 -22.91 14.01
C LEU A 115 -6.14 -22.71 12.76
N VAL A 118 -9.94 -22.38 14.44
CA VAL A 118 -10.37 -21.32 15.34
C VAL A 118 -10.03 -19.91 14.87
N LEU A 119 -9.00 -19.77 14.03
CA LEU A 119 -8.61 -18.49 13.47
C LEU A 119 -8.59 -18.51 11.94
N SER A 120 -9.11 -19.56 11.35
CA SER A 120 -9.18 -19.68 9.89
C SER A 120 -7.80 -19.49 9.25
N ASP A 121 -6.79 -20.09 9.86
CA ASP A 121 -5.39 -19.87 9.41
C ASP A 121 -5.17 -20.53 8.06
N ASN A 122 -4.88 -19.71 7.06
CA ASN A 122 -4.74 -20.22 5.67
C ASN A 122 -3.47 -21.02 5.44
N ILE A 123 -2.38 -20.68 6.12
CA ILE A 123 -1.17 -21.47 5.95
C ILE A 123 -1.33 -22.83 6.64
N ALA A 124 -1.93 -22.84 7.81
CA ALA A 124 -2.20 -24.12 8.48
C ALA A 124 -3.03 -25.05 7.58
N THR A 125 -4.02 -24.47 6.97
CA THR A 125 -4.85 -25.19 5.98
C THR A 125 -4.02 -25.75 4.83
N ASN A 126 -3.19 -24.91 4.20
CA ASN A 126 -2.37 -25.35 3.09
C ASN A 126 -1.29 -26.35 3.43
N LEU A 127 -0.78 -26.27 4.64
CA LEU A 127 0.13 -27.29 5.14
C LEU A 127 -0.55 -28.65 5.20
N LEU A 128 -1.76 -28.69 5.78
CA LEU A 128 -2.53 -29.92 5.85
C LEU A 128 -2.87 -30.44 4.46
N ILE A 129 -3.29 -29.57 3.55
CA ILE A 129 -3.64 -30.04 2.20
C ILE A 129 -2.43 -30.62 1.48
N THR A 130 -1.29 -29.95 1.65
CA THR A 130 -0.02 -30.38 1.04
C THR A 130 0.34 -31.79 1.49
N VAL A 131 0.28 -32.03 2.79
CA VAL A 131 0.68 -33.32 3.32
C VAL A 131 -0.36 -34.41 3.18
N LEU A 132 -1.64 -34.10 3.18
CA LEU A 132 -2.68 -35.12 3.13
C LEU A 132 -3.10 -35.47 1.72
N GLY A 133 -3.11 -34.47 0.85
CA GLY A 133 -3.47 -34.65 -0.54
C GLY A 133 -4.94 -34.26 -0.80
N GLU A 135 -6.90 -34.92 -3.42
CA GLU A 135 -7.70 -36.03 -3.88
C GLU A 135 -8.14 -36.91 -2.72
N ASN A 136 -7.27 -37.12 -1.74
CA ASN A 136 -7.65 -37.92 -0.57
C ASN A 136 -8.75 -37.26 0.26
N ILE A 137 -8.69 -35.96 0.36
CA ILE A 137 -9.68 -35.20 1.15
C ILE A 137 -11.04 -35.25 0.47
N ASN A 138 -11.10 -35.13 -0.86
CA ASN A 138 -12.34 -35.33 -1.58
C ASN A 138 -12.88 -36.75 -1.53
N ALA A 139 -11.99 -37.74 -1.58
CA ALA A 139 -12.44 -39.09 -1.40
C ALA A 139 -13.10 -39.29 -0.01
N ARG A 140 -12.57 -38.62 1.04
CA ARG A 140 -13.24 -38.65 2.32
C ARG A 140 -14.66 -38.08 2.27
N ALA A 141 -14.81 -36.97 1.59
CA ALA A 141 -16.15 -36.39 1.42
C ALA A 141 -17.13 -37.36 0.77
N GLU A 142 -16.67 -38.10 -0.24
CA GLU A 142 -17.55 -39.07 -0.92
C GLU A 142 -17.94 -40.19 0.03
N LYS A 143 -16.97 -40.68 0.78
CA LYS A 143 -17.24 -41.72 1.75
C LYS A 143 -18.25 -41.28 2.81
N LEU A 144 -18.20 -40.01 3.23
CA LEU A 144 -19.10 -39.50 4.24
C LEU A 144 -20.47 -39.10 3.63
N GLY A 145 -20.61 -39.13 2.31
CA GLY A 145 -21.88 -38.74 1.69
C GLY A 145 -22.09 -37.23 1.64
N VAL A 146 -20.99 -36.47 1.63
CA VAL A 146 -21.07 -35.02 1.61
C VAL A 146 -20.25 -34.48 0.45
N ASP A 147 -20.23 -35.20 -0.67
CA ASP A 147 -19.34 -34.79 -1.73
C ASP A 147 -19.90 -33.69 -2.62
N GLU A 148 -21.02 -33.09 -2.24
CA GLU A 148 -21.36 -31.78 -2.79
C GLU A 148 -20.36 -30.74 -2.36
N GLU A 150 -16.56 -29.69 -2.16
CA GLU A 150 -15.41 -30.05 -2.96
C GLU A 150 -14.25 -29.17 -2.65
N LEU A 151 -13.08 -29.81 -2.50
CA LEU A 151 -11.83 -29.10 -2.38
C LEU A 151 -11.10 -29.17 -3.72
N ASN A 152 -11.07 -28.06 -4.45
CA ASN A 152 -10.39 -28.00 -5.77
C ASN A 152 -9.17 -27.06 -5.81
N ARG A 153 -8.96 -26.25 -4.76
CA ARG A 153 -7.85 -25.31 -4.76
C ARG A 153 -7.37 -25.08 -3.35
N ASP A 157 -5.25 -19.25 -3.62
CA ASP A 157 -4.78 -19.53 -5.00
C ASP A 157 -5.64 -18.70 -5.96
N PHE A 158 -5.10 -17.55 -6.30
CA PHE A 158 -5.74 -16.52 -7.15
C PHE A 158 -5.97 -17.08 -8.55
N ASN A 159 -4.93 -17.67 -9.11
CA ASN A 159 -4.99 -18.30 -10.42
C ASN A 159 -6.11 -19.29 -10.54
N ALA A 160 -6.28 -20.14 -9.51
CA ALA A 160 -7.26 -21.21 -9.58
C ALA A 160 -8.63 -20.63 -9.73
N LEU A 161 -8.90 -19.62 -8.92
CA LEU A 161 -10.19 -18.96 -8.92
C LEU A 161 -10.49 -18.45 -10.32
N ALA A 162 -9.48 -17.84 -10.96
CA ALA A 162 -9.61 -17.40 -12.35
C ALA A 162 -9.84 -18.58 -13.30
N GLU A 163 -9.06 -19.65 -13.16
CA GLU A 163 -9.18 -20.81 -14.06
C GLU A 163 -10.40 -21.70 -13.77
N GLY A 164 -11.43 -21.16 -13.13
CA GLY A 164 -12.63 -21.92 -12.77
C GLY A 164 -12.57 -22.99 -11.68
N ARG A 165 -11.47 -23.05 -10.89
CA ARG A 165 -11.33 -24.05 -9.83
C ARG A 165 -11.62 -23.34 -8.52
N ASP A 166 -12.75 -23.65 -7.90
CA ASP A 166 -13.08 -23.08 -6.61
C ASP A 166 -13.55 -24.22 -5.70
N ASN A 167 -13.46 -23.97 -4.41
CA ASN A 167 -14.01 -24.86 -3.38
C ASN A 167 -15.50 -24.52 -3.23
N HIS A 168 -16.31 -25.56 -3.10
CA HIS A 168 -17.79 -25.44 -3.10
C HIS A 168 -18.38 -26.13 -1.91
N ILE A 169 -19.58 -25.70 -1.53
N ILE A 169 -19.54 -25.65 -1.46
CA ILE A 169 -20.30 -26.28 -0.42
CA ILE A 169 -20.31 -26.31 -0.41
C ILE A 169 -21.80 -26.07 -0.68
C ILE A 169 -21.79 -26.11 -0.72
N THR A 170 -22.64 -26.84 0.00
CA THR A 170 -24.07 -26.60 0.07
C THR A 170 -24.44 -26.60 1.55
N ALA A 171 -25.58 -26.01 1.88
CA ALA A 171 -26.02 -25.99 3.29
C ALA A 171 -26.25 -27.42 3.81
N SER A 173 -25.03 -30.34 2.74
CA SER A 173 -23.84 -31.16 2.83
C SER A 173 -23.06 -30.79 4.07
N LEU A 174 -22.98 -29.50 4.37
CA LEU A 174 -22.28 -29.05 5.58
C LEU A 174 -23.03 -29.54 6.83
N ALA A 175 -24.37 -29.45 6.77
CA ALA A 175 -25.18 -29.98 7.87
C ALA A 175 -24.93 -31.46 8.11
N ARG A 176 -24.81 -32.24 7.06
CA ARG A 176 -24.54 -33.68 7.21
C ARG A 176 -23.12 -33.94 7.76
N LEU A 177 -22.16 -33.13 7.37
CA LEU A 177 -20.82 -33.23 7.95
C LEU A 177 -20.83 -32.89 9.44
N TYR A 178 -21.54 -31.83 9.83
CA TYR A 178 -21.70 -31.53 11.24
C TYR A 178 -22.42 -32.62 12.00
N LYS A 179 -23.41 -33.28 11.37
CA LYS A 179 -24.08 -34.40 12.06
C LYS A 179 -23.10 -35.53 12.31
N HIS A 180 -22.27 -35.82 11.32
CA HIS A 180 -21.25 -36.84 11.51
C HIS A 180 -20.30 -36.49 12.69
N ILE A 181 -19.83 -35.25 12.70
CA ILE A 181 -18.97 -34.78 13.81
C ILE A 181 -19.66 -34.87 15.15
N PHE A 182 -20.91 -34.42 15.17
CA PHE A 182 -21.77 -34.53 16.36
C PHE A 182 -21.83 -35.98 16.87
N GLU A 183 -22.04 -36.93 15.95
CA GLU A 183 -22.13 -38.33 16.32
C GLU A 183 -20.80 -38.85 16.93
N CYS A 184 -19.65 -38.28 16.57
CA CYS A 184 -18.33 -38.69 17.07
C CYS A 184 -17.91 -38.02 18.42
N ARG A 185 -18.64 -37.00 18.84
CA ARG A 185 -18.21 -36.10 19.90
C ARG A 185 -17.91 -36.76 21.23
N ASP A 186 -18.62 -37.85 21.53
CA ASP A 186 -18.45 -38.59 22.77
C ASP A 186 -17.84 -39.98 22.57
N ARG A 187 -17.42 -40.31 21.35
N ARG A 187 -17.42 -40.33 21.36
CA ARG A 187 -16.96 -41.66 21.00
CA ARG A 187 -16.99 -41.69 21.06
C ARG A 187 -15.53 -41.93 21.49
C ARG A 187 -15.53 -41.95 21.48
N ASP A 188 -14.65 -40.95 21.28
CA ASP A 188 -13.24 -41.14 21.54
C ASP A 188 -12.54 -39.80 21.65
N VAL A 189 -11.24 -39.80 21.92
CA VAL A 189 -10.58 -38.51 22.16
C VAL A 189 -10.52 -37.65 20.90
N TYR A 190 -10.53 -38.28 19.73
CA TYR A 190 -10.46 -37.57 18.45
C TYR A 190 -11.79 -36.84 18.14
N GLY A 191 -12.90 -37.57 18.24
CA GLY A 191 -14.23 -36.98 18.13
C GLY A 191 -14.43 -35.83 19.13
N ARG A 192 -14.01 -36.04 20.35
CA ARG A 192 -14.19 -35.03 21.40
C ARG A 192 -13.37 -33.78 21.06
N GLU A 193 -12.12 -33.96 20.62
CA GLU A 193 -11.29 -32.82 20.27
C GLU A 193 -11.86 -32.03 19.10
N TRP A 195 -14.98 -31.66 18.40
CA TRP A 195 -16.13 -30.96 18.94
C TRP A 195 -15.62 -29.76 19.75
N ASN A 196 -14.56 -29.98 20.53
CA ASN A 196 -14.03 -28.91 21.37
C ASN A 196 -13.44 -27.77 20.49
N ILE A 197 -12.70 -28.14 19.43
CA ILE A 197 -12.13 -27.16 18.47
C ILE A 197 -13.26 -26.32 17.87
N LEU A 198 -14.34 -26.98 17.42
CA LEU A 198 -15.45 -26.22 16.84
C LEU A 198 -15.96 -25.17 17.83
N GLY A 199 -16.03 -25.57 19.09
CA GLY A 199 -16.51 -24.69 20.14
C GLY A 199 -15.59 -23.59 20.60
N ARG A 200 -14.31 -23.61 20.17
CA ARG A 200 -13.37 -22.57 20.51
C ARG A 200 -13.18 -21.59 19.33
N GLN A 201 -14.10 -21.61 18.37
CA GLN A 201 -14.08 -20.64 17.26
C GLN A 201 -13.95 -19.22 17.79
N GLN A 202 -13.01 -18.44 17.24
CA GLN A 202 -12.77 -17.09 17.71
C GLN A 202 -13.57 -16.02 16.97
N PHE A 203 -14.08 -16.31 15.77
CA PHE A 203 -14.80 -15.28 15.00
C PHE A 203 -16.30 -15.38 15.24
N ARG A 204 -16.81 -14.41 16.00
CA ARG A 204 -18.17 -14.39 16.46
C ARG A 204 -18.93 -13.19 15.89
N ASP A 205 -18.61 -12.80 14.66
CA ASP A 205 -19.16 -11.63 14.07
C ASP A 205 -20.42 -11.93 13.24
N ILE A 206 -20.81 -13.20 13.11
CA ILE A 206 -21.99 -13.54 12.30
C ILE A 206 -23.12 -14.04 13.19
N LEU A 207 -23.39 -15.34 13.19
CA LEU A 207 -24.53 -15.88 13.89
C LEU A 207 -24.57 -15.60 15.38
N PRO A 208 -23.43 -15.66 16.08
CA PRO A 208 -23.54 -15.40 17.54
C PRO A 208 -23.34 -13.97 17.99
N PHE A 209 -23.37 -13.02 17.05
CA PHE A 209 -23.12 -11.63 17.37
C PHE A 209 -23.91 -11.11 18.58
N TYR A 210 -25.21 -11.42 18.61
CA TYR A 210 -26.06 -10.95 19.72
C TYR A 210 -26.15 -11.91 20.90
N TRP A 211 -25.49 -13.06 20.84
CA TRP A 211 -25.77 -14.10 21.83
C TRP A 211 -25.10 -13.81 23.20
N GLY A 212 -24.00 -13.11 23.18
CA GLY A 212 -23.21 -12.93 24.39
C GLY A 212 -22.06 -13.93 24.44
N GLU A 213 -20.99 -13.50 25.07
CA GLU A 213 -19.78 -14.28 25.13
C GLU A 213 -19.94 -15.62 25.86
N GLY A 214 -20.87 -15.72 26.77
CA GLY A 214 -21.07 -17.00 27.48
C GLY A 214 -21.73 -18.13 26.69
N ILE A 215 -22.15 -17.87 25.45
CA ILE A 215 -22.90 -18.87 24.74
C ILE A 215 -21.98 -19.56 23.77
N ARG A 216 -21.64 -20.80 24.07
CA ARG A 216 -20.71 -21.53 23.20
C ARG A 216 -21.43 -21.95 21.92
N PHE A 217 -20.72 -21.89 20.81
CA PHE A 217 -21.29 -22.35 19.52
C PHE A 217 -20.14 -23.17 18.89
N HIS A 218 -20.51 -24.28 18.30
CA HIS A 218 -19.56 -25.21 17.66
C HIS A 218 -19.59 -24.98 16.19
N HIS A 219 -18.69 -24.11 15.69
CA HIS A 219 -18.90 -23.54 14.37
C HIS A 219 -17.65 -23.09 13.67
N LYS A 220 -17.86 -22.66 12.45
CA LYS A 220 -16.82 -22.17 11.56
C LYS A 220 -17.41 -21.13 10.64
N THR A 221 -16.68 -20.04 10.45
CA THR A 221 -17.12 -18.99 9.56
C THR A 221 -16.30 -19.03 8.26
N GLY A 222 -16.82 -18.32 7.26
CA GLY A 222 -16.07 -18.15 6.04
C GLY A 222 -16.35 -16.82 5.41
N SER A 223 -15.35 -16.26 4.75
CA SER A 223 -15.50 -14.96 4.15
C SER A 223 -14.61 -14.89 2.93
N LEU A 224 -15.14 -14.32 1.85
CA LEU A 224 -14.35 -13.92 0.69
C LEU A 224 -15.01 -12.65 0.18
N ASP A 225 -14.46 -12.03 -0.85
CA ASP A 225 -15.16 -10.88 -1.44
C ASP A 225 -16.61 -11.23 -1.77
N ARG A 226 -17.54 -10.51 -1.15
CA ARG A 226 -18.99 -10.70 -1.36
C ARG A 226 -19.57 -12.07 -0.96
N VAL A 227 -18.91 -12.73 -0.02
CA VAL A 227 -19.36 -13.99 0.52
C VAL A 227 -19.12 -14.00 2.04
N GLU A 228 -20.16 -14.28 2.80
CA GLU A 228 -20.05 -14.41 4.25
C GLU A 228 -20.90 -15.60 4.68
N HIS A 229 -20.29 -16.55 5.37
CA HIS A 229 -20.97 -17.75 5.81
C HIS A 229 -20.69 -17.99 7.29
N ASP A 230 -21.61 -18.71 7.92
CA ASP A 230 -21.39 -19.23 9.27
C ASP A 230 -22.26 -20.46 9.44
N GLY A 231 -21.70 -21.50 10.04
CA GLY A 231 -22.49 -22.67 10.30
C GLY A 231 -21.93 -23.49 11.43
N GLY A 232 -22.83 -24.06 12.20
CA GLY A 232 -22.42 -24.88 13.34
C GLY A 232 -23.56 -25.33 14.17
N VAL A 233 -23.23 -25.84 15.34
CA VAL A 233 -24.19 -26.48 16.22
C VAL A 233 -24.20 -25.79 17.56
N ILE A 234 -25.41 -25.47 18.03
CA ILE A 234 -25.59 -24.90 19.36
C ILE A 234 -26.24 -25.92 20.30
N GLU A 235 -25.72 -26.02 21.50
CA GLU A 235 -26.34 -26.83 22.56
C GLU A 235 -27.24 -25.93 23.44
N THR A 236 -28.53 -26.25 23.51
CA THR A 236 -29.52 -25.45 24.23
C THR A 236 -30.23 -26.37 25.22
N PHE A 237 -31.01 -25.78 26.11
CA PHE A 237 -31.83 -26.57 27.03
C PHE A 237 -32.83 -27.50 26.30
N ARG A 238 -33.28 -27.13 25.11
CA ARG A 238 -34.20 -27.97 24.35
C ARG A 238 -33.52 -28.93 23.38
N GLY A 239 -32.19 -28.97 23.39
CA GLY A 239 -31.49 -29.89 22.51
C GLY A 239 -30.39 -29.22 21.72
N HIS A 240 -29.79 -30.00 20.83
CA HIS A 240 -28.79 -29.47 19.92
C HIS A 240 -29.43 -29.07 18.62
N PHE A 241 -29.04 -27.92 18.09
CA PHE A 241 -29.51 -27.47 16.79
C PHE A 241 -28.38 -27.03 15.91
N CYS A 242 -28.48 -27.40 14.64
CA CYS A 242 -27.53 -27.01 13.61
C CYS A 242 -28.06 -25.82 12.86
N PHE A 243 -27.28 -24.77 12.77
CA PHE A 243 -27.63 -23.50 12.10
C PHE A 243 -26.60 -23.31 11.00
N ILE A 244 -27.06 -23.26 9.76
CA ILE A 244 -26.17 -22.99 8.63
C ILE A 244 -26.72 -21.78 7.88
N LEU A 245 -25.86 -20.79 7.62
CA LEU A 245 -26.20 -19.60 6.87
C LEU A 245 -25.10 -19.35 5.84
N LEU A 246 -25.47 -19.47 4.56
CA LEU A 246 -24.60 -19.22 3.43
C LEU A 246 -25.06 -17.98 2.67
N SER A 248 -24.04 -15.37 -0.43
CA SER A 248 -23.24 -14.99 -1.59
C SER A 248 -23.88 -13.78 -2.29
N ASP A 249 -23.08 -13.11 -3.11
CA ASP A 249 -23.49 -11.93 -3.88
C ASP A 249 -24.11 -10.90 -2.94
N ILE A 250 -23.37 -10.60 -1.87
CA ILE A 250 -23.79 -9.64 -0.89
C ILE A 250 -22.60 -8.77 -0.48
N ASP A 251 -22.82 -7.50 -0.22
CA ASP A 251 -21.74 -6.69 0.34
C ASP A 251 -21.31 -7.32 1.66
N ASN A 252 -20.02 -7.38 1.94
CA ASN A 252 -19.57 -8.13 3.12
C ASN A 252 -20.12 -7.57 4.41
N ASP A 253 -20.12 -6.25 4.53
CA ASP A 253 -20.62 -5.62 5.77
C ASP A 253 -22.11 -5.93 6.01
N ARG A 254 -22.88 -5.82 4.94
CA ARG A 254 -24.32 -6.15 4.99
C ARG A 254 -24.54 -7.62 5.34
N GLY A 255 -23.73 -8.51 4.78
CA GLY A 255 -23.78 -9.93 5.13
C GLY A 255 -23.54 -10.19 6.62
N LYS A 256 -22.54 -9.54 7.20
CA LYS A 256 -22.32 -9.71 8.63
C LYS A 256 -23.53 -9.22 9.44
N GLU A 257 -24.11 -8.09 9.02
CA GLU A 257 -25.27 -7.55 9.70
C GLU A 257 -26.48 -8.48 9.57
N LEU A 258 -26.71 -9.01 8.38
CA LEU A 258 -27.82 -9.94 8.15
C LEU A 258 -27.63 -11.21 9.00
N GLY A 259 -26.40 -11.70 9.04
CA GLY A 259 -26.11 -12.91 9.77
C GLY A 259 -26.33 -12.74 11.25
N ALA A 260 -25.98 -11.58 11.77
CA ALA A 260 -26.23 -11.27 13.20
C ALA A 260 -27.76 -11.33 13.47
N GLN A 261 -28.55 -10.73 12.57
CA GLN A 261 -30.02 -10.76 12.76
C GLN A 261 -30.52 -12.20 12.69
N VAL A 262 -30.04 -12.96 11.71
CA VAL A 262 -30.51 -14.33 11.50
C VAL A 262 -30.17 -15.21 12.70
N GLY A 263 -28.93 -15.12 13.21
CA GLY A 263 -28.56 -16.00 14.31
C GLY A 263 -29.38 -15.71 15.55
N ARG A 264 -29.76 -14.46 15.75
CA ARG A 264 -30.60 -14.10 16.90
C ARG A 264 -32.00 -14.71 16.73
N ILE A 265 -32.54 -14.61 15.52
CA ILE A 265 -33.89 -15.17 15.26
C ILE A 265 -33.88 -16.71 15.42
N LYS A 267 -31.78 -18.65 17.18
CA LYS A 267 -31.57 -19.06 18.55
C LYS A 267 -32.83 -18.89 19.41
N GLU A 268 -33.47 -17.74 19.31
CA GLU A 268 -34.69 -17.51 20.06
C GLU A 268 -35.77 -18.49 19.65
N PHE A 269 -35.86 -18.78 18.36
CA PHE A 269 -36.91 -19.69 17.90
C PHE A 269 -36.76 -21.11 18.49
N VAL A 270 -35.56 -21.68 18.37
CA VAL A 270 -35.36 -23.06 18.83
C VAL A 270 -35.42 -23.14 20.36
N GLU A 271 -35.08 -22.06 21.05
CA GLU A 271 -35.09 -22.03 22.51
C GLU A 271 -36.46 -21.75 23.11
N GLU A 272 -37.30 -20.99 22.41
CA GLU A 272 -38.55 -20.54 23.01
C GLU A 272 -39.80 -21.00 22.32
N ALA A 273 -39.75 -21.12 20.99
CA ALA A 273 -40.94 -21.41 20.19
C ALA A 273 -41.11 -22.86 19.80
N LEU A 274 -40.01 -23.49 19.42
CA LEU A 274 -40.09 -24.82 18.86
C LEU A 274 -40.33 -25.81 20.00
N PRO A 275 -41.41 -26.63 19.86
CA PRO A 275 -41.68 -27.66 20.83
C PRO A 275 -40.61 -28.72 20.68
N SER B 1 -6.19 25.39 5.86
CA SER B 1 -6.79 25.98 7.09
C SER B 1 -5.83 25.86 8.25
N ASN B 2 -5.83 26.85 9.12
CA ASN B 2 -5.09 26.73 10.34
C ASN B 2 -5.85 25.82 11.30
N ALA B 3 -5.26 25.60 12.47
CA ALA B 3 -5.82 24.73 13.49
C ALA B 3 -7.18 25.20 13.99
N GLU B 5 -9.53 27.03 12.42
CA GLU B 5 -10.58 26.76 11.44
C GLU B 5 -11.00 25.31 11.39
N LYS B 6 -10.01 24.41 11.47
CA LYS B 6 -10.26 22.97 11.57
C LYS B 6 -11.03 22.62 12.84
N LEU B 7 -10.66 23.19 13.97
CA LEU B 7 -11.42 22.99 15.20
C LEU B 7 -12.88 23.49 15.05
N ILE B 8 -13.06 24.64 14.39
CA ILE B 8 -14.41 25.17 14.28
C ILE B 8 -15.24 24.23 13.41
N VAL B 9 -14.68 23.85 12.26
CA VAL B 9 -15.40 22.93 11.37
C VAL B 9 -15.69 21.59 12.06
N GLY B 10 -14.76 21.14 12.88
CA GLY B 10 -14.89 19.90 13.66
C GLY B 10 -16.07 19.82 14.61
N LYS B 11 -16.61 20.99 15.00
CA LYS B 11 -17.79 21.00 15.85
C LYS B 11 -18.95 20.27 15.20
N SER B 12 -19.05 20.36 13.87
N SER B 12 -19.08 20.36 13.87
CA SER B 12 -20.07 19.63 13.13
CA SER B 12 -20.09 19.57 13.16
C SER B 12 -19.89 18.09 13.25
C SER B 12 -19.89 18.06 13.32
N LEU B 13 -18.63 17.63 13.31
CA LEU B 13 -18.34 16.23 13.56
C LEU B 13 -18.74 15.81 14.97
N GLU B 14 -18.43 16.64 15.96
CA GLU B 14 -18.81 16.38 17.35
C GLU B 14 -20.31 16.23 17.43
N HIS B 15 -21.05 17.13 16.78
CA HIS B 15 -22.49 17.05 16.78
C HIS B 15 -23.01 15.76 16.17
N GLN B 16 -22.48 15.37 15.02
CA GLN B 16 -22.88 14.12 14.39
C GLN B 16 -22.57 12.90 15.25
N LEU B 17 -21.39 12.86 15.85
CA LEU B 17 -21.03 11.71 16.72
C LEU B 17 -21.86 11.68 18.00
N ASP B 18 -22.05 12.84 18.63
CA ASP B 18 -22.83 12.92 19.88
C ASP B 18 -24.30 12.54 19.65
N THR B 19 -24.81 12.86 18.47
CA THR B 19 -26.16 12.49 18.09
C THR B 19 -26.30 10.96 18.05
N VAL B 20 -25.37 10.31 17.36
N VAL B 20 -25.38 10.29 17.35
CA VAL B 20 -25.46 8.86 17.19
CA VAL B 20 -25.49 8.85 17.22
C VAL B 20 -25.17 8.13 18.51
C VAL B 20 -25.24 8.17 18.56
N ILE B 21 -24.28 8.68 19.33
CA ILE B 21 -24.04 8.15 20.66
C ILE B 21 -25.30 8.22 21.53
N LYS B 22 -26.00 9.34 21.47
CA LYS B 22 -27.21 9.47 22.25
C LYS B 22 -28.31 8.49 21.78
N GLU B 23 -28.43 8.28 20.47
CA GLU B 23 -29.39 7.34 19.92
C GLU B 23 -29.06 5.92 20.37
N LEU B 24 -27.78 5.54 20.33
CA LEU B 24 -27.44 4.12 20.48
C LEU B 24 -26.94 3.70 21.85
N ALA B 25 -26.37 4.63 22.61
CA ALA B 25 -25.82 4.30 23.93
C ALA B 25 -25.93 5.48 24.87
N PRO B 26 -27.16 5.94 25.14
CA PRO B 26 -27.37 7.12 26.00
C PRO B 26 -26.86 6.96 27.42
N ALA B 27 -26.72 5.73 27.91
CA ALA B 27 -26.18 5.53 29.28
C ALA B 27 -24.75 5.02 29.28
N GLY B 28 -24.12 4.93 28.11
CA GLY B 28 -22.71 4.49 28.02
C GLY B 28 -21.74 5.58 28.44
N ASN B 29 -20.51 5.18 28.65
CA ASN B 29 -19.44 6.10 28.91
C ASN B 29 -18.53 6.07 27.71
N ILE B 30 -18.76 7.02 26.81
CA ILE B 30 -18.14 7.01 25.49
C ILE B 30 -17.23 8.22 25.32
N SER B 31 -15.97 7.96 24.95
CA SER B 31 -14.99 8.98 24.70
C SER B 31 -14.46 8.80 23.29
N TYR B 32 -14.12 9.92 22.65
CA TYR B 32 -13.47 9.87 21.36
C TYR B 32 -12.54 11.07 21.18
N ALA B 33 -11.60 10.88 20.27
CA ALA B 33 -10.80 11.97 19.75
C ALA B 33 -10.49 11.74 18.27
N VAL B 34 -10.53 12.82 17.50
CA VAL B 34 -10.19 12.86 16.10
C VAL B 34 -9.16 13.96 15.95
N LEU B 35 -7.99 13.58 15.44
CA LEU B 35 -6.90 14.51 15.22
C LEU B 35 -6.30 14.37 13.83
N GLN B 36 -5.76 15.47 13.31
CA GLN B 36 -4.96 15.42 12.10
C GLN B 36 -3.49 15.34 12.48
N PHE B 37 -2.79 14.40 11.84
CA PHE B 37 -1.36 14.16 12.04
C PHE B 37 -0.58 14.60 10.81
N ASP B 38 0.44 15.42 11.06
CA ASP B 38 1.37 15.87 10.04
C ASP B 38 2.80 15.70 10.58
N ASP B 39 3.72 15.30 9.71
CA ASP B 39 5.12 15.08 10.15
C ASP B 39 5.73 16.29 10.86
N GLU B 40 6.28 16.04 12.03
CA GLU B 40 6.98 17.05 12.84
C GLU B 40 6.11 18.20 13.33
N GLU B 41 4.80 18.08 13.26
CA GLU B 41 3.91 19.12 13.80
C GLU B 41 3.07 18.54 14.91
N GLU B 42 2.72 19.40 15.88
CA GLU B 42 1.78 19.01 16.94
C GLU B 42 0.47 18.56 16.32
N PRO B 43 -0.14 17.48 16.84
CA PRO B 43 -1.42 17.04 16.30
C PRO B 43 -2.45 18.14 16.34
N THR B 44 -3.30 18.20 15.33
CA THR B 44 -4.36 19.17 15.29
C THR B 44 -5.67 18.51 15.72
N LEU B 45 -6.21 18.95 16.84
CA LEU B 45 -7.47 18.41 17.31
C LEU B 45 -8.65 18.84 16.41
N ILE B 46 -9.47 17.88 16.02
CA ILE B 46 -10.62 18.14 15.16
C ILE B 46 -11.91 18.02 15.98
N ALA B 47 -12.02 16.95 16.76
CA ALA B 47 -13.20 16.69 17.53
C ALA B 47 -12.85 15.84 18.76
N ALA B 48 -13.56 16.05 19.86
CA ALA B 48 -13.28 15.30 21.06
C ALA B 48 -14.48 15.24 21.98
N ARG B 49 -14.50 14.17 22.79
CA ARG B 49 -15.52 13.96 23.80
C ARG B 49 -14.90 13.14 24.92
N GLY B 50 -14.87 13.66 26.13
CA GLY B 50 -14.35 12.88 27.23
C GLY B 50 -12.93 12.37 27.00
N GLU B 51 -12.12 13.18 26.34
CA GLU B 51 -10.87 12.73 25.79
C GLU B 51 -9.79 12.49 26.86
N ASN B 52 -10.02 12.98 28.07
CA ASN B 52 -9.12 12.69 29.21
C ASN B 52 -9.67 11.76 30.29
N THR B 53 -10.88 11.24 30.09
CA THR B 53 -11.52 10.25 30.98
C THR B 53 -10.70 8.98 30.96
N VAL B 54 -10.51 8.41 32.13
CA VAL B 54 -9.79 7.13 32.27
C VAL B 54 -10.76 5.97 32.00
N HIS B 55 -10.38 5.10 31.07
CA HIS B 55 -11.09 3.86 30.82
C HIS B 55 -10.19 2.68 31.08
N SER B 56 -10.81 1.54 31.36
N SER B 56 -10.78 1.53 31.37
CA SER B 56 -10.13 0.26 31.27
CA SER B 56 -10.05 0.27 31.36
C SER B 56 -9.41 0.26 29.92
C SER B 56 -9.47 0.07 29.96
N SER B 57 -8.17 -0.19 29.89
CA SER B 57 -7.49 -0.21 28.61
C SER B 57 -7.97 -1.37 27.73
N ALA B 58 -8.36 -2.45 28.40
CA ALA B 58 -8.49 -3.67 27.78
C ALA B 58 -7.15 -3.84 26.98
N SER B 59 -7.21 -4.40 25.85
CA SER B 59 -5.98 -4.67 25.11
C SER B 59 -5.23 -3.49 24.53
N LEU B 60 -5.71 -2.25 24.65
CA LEU B 60 -5.03 -1.15 23.97
C LEU B 60 -3.66 -0.89 24.55
N ILE B 61 -3.42 -1.30 25.79
CA ILE B 61 -2.11 -1.14 26.42
C ILE B 61 -1.02 -1.92 25.67
N LYS B 62 -1.43 -2.91 24.87
CA LYS B 62 -0.48 -3.65 24.05
C LYS B 62 0.31 -2.73 23.09
N VAL B 63 -0.26 -1.59 22.71
CA VAL B 63 0.44 -0.66 21.80
C VAL B 63 1.70 -0.13 22.47
N LEU B 64 1.59 0.17 23.77
CA LEU B 64 2.72 0.69 24.55
C LEU B 64 3.81 -0.37 24.67
N ILE B 65 3.38 -1.60 24.94
CA ILE B 65 4.29 -2.73 25.05
C ILE B 65 5.12 -2.90 23.73
N GLU B 67 5.71 -0.58 21.51
CA GLU B 67 6.60 0.57 21.35
C GLU B 67 7.89 0.33 22.17
N TYR B 68 7.70 -0.18 23.36
CA TYR B 68 8.83 -0.37 24.25
C TYR B 68 9.81 -1.42 23.68
N VAL B 69 9.28 -2.51 23.15
CA VAL B 69 10.13 -3.55 22.52
C VAL B 69 10.97 -2.94 21.42
N PHE B 70 10.33 -2.20 20.53
CA PHE B 70 11.06 -1.59 19.40
C PHE B 70 12.03 -0.49 19.84
N HIS B 71 11.74 0.21 20.92
CA HIS B 71 12.69 1.15 21.52
C HIS B 71 13.95 0.42 22.01
N LEU B 72 13.78 -0.71 22.71
CA LEU B 72 14.90 -1.47 23.18
C LEU B 72 15.75 -1.99 22.00
N ALA B 73 15.06 -2.36 20.91
CA ALA B 73 15.77 -2.85 19.73
C ALA B 73 16.54 -1.70 19.10
N ARG B 74 15.91 -0.55 18.94
CA ARG B 74 16.57 0.57 18.32
C ARG B 74 17.80 1.02 19.13
N THR B 75 17.69 0.97 20.45
CA THR B 75 18.78 1.40 21.29
C THR B 75 19.75 0.25 21.59
N GLU B 76 19.60 -0.89 20.91
CA GLU B 76 20.52 -2.04 21.00
C GLU B 76 20.56 -2.66 22.38
N GLN B 77 19.46 -2.56 23.10
CA GLN B 77 19.32 -3.20 24.39
C GLN B 77 18.75 -4.60 24.26
N LEU B 78 18.19 -4.94 23.09
CA LEU B 78 17.84 -6.31 22.77
C LEU B 78 17.91 -6.46 21.28
N ASP B 79 18.06 -7.71 20.86
CA ASP B 79 17.96 -8.10 19.46
C ASP B 79 16.56 -8.63 19.23
N ILE B 80 15.85 -8.01 18.30
CA ILE B 80 14.41 -8.29 18.07
C ILE B 80 14.22 -9.71 17.54
N ASN B 81 15.31 -10.32 17.10
CA ASN B 81 15.26 -11.70 16.62
C ASN B 81 15.69 -12.72 17.64
N ASP B 82 16.01 -12.29 18.85
CA ASP B 82 16.20 -13.25 19.95
C ASP B 82 14.84 -13.84 20.34
N THR B 83 14.88 -15.07 20.83
CA THR B 83 13.67 -15.86 21.08
C THR B 83 13.32 -15.91 22.56
N VAL B 84 12.03 -16.13 22.80
CA VAL B 84 11.49 -16.39 24.12
C VAL B 84 10.66 -17.69 24.07
N PRO B 85 10.86 -18.63 24.99
CA PRO B 85 10.11 -19.89 24.97
C PRO B 85 8.66 -19.62 25.34
N LEU B 86 7.73 -20.29 24.66
CA LEU B 86 6.33 -20.25 25.04
C LEU B 86 6.08 -20.61 26.52
N SER B 87 6.91 -21.48 27.07
CA SER B 87 6.82 -21.93 28.44
C SER B 87 7.00 -20.81 29.51
N ARG B 88 7.45 -19.60 29.10
CA ARG B 88 7.88 -18.58 30.09
C ARG B 88 6.76 -17.86 30.81
N THR B 89 5.51 -18.12 30.45
CA THR B 89 4.37 -17.58 31.22
C THR B 89 3.27 -18.63 31.20
N PRO B 90 2.41 -18.64 32.23
CA PRO B 90 1.31 -19.61 32.19
C PRO B 90 0.38 -19.38 31.02
N ARG B 91 -0.14 -20.48 30.50
CA ARG B 91 -1.15 -20.37 29.44
C ARG B 91 -2.35 -19.59 29.99
N VAL B 92 -2.83 -18.64 29.19
CA VAL B 92 -4.09 -17.93 29.45
C VAL B 92 -4.87 -17.92 28.12
N GLU B 93 -6.18 -17.73 28.23
CA GLU B 93 -7.08 -17.77 27.10
C GLU B 93 -7.46 -16.31 26.74
N GLY B 94 -8.68 -16.11 26.29
CA GLY B 94 -9.15 -14.80 25.92
C GLY B 94 -8.77 -14.36 24.53
N GLY B 95 -8.18 -15.25 23.74
CA GLY B 95 -7.89 -14.93 22.37
C GLY B 95 -6.44 -14.99 22.00
N GLY B 96 -6.19 -15.36 20.75
CA GLY B 96 -4.87 -15.53 20.21
C GLY B 96 -4.62 -16.91 19.63
N ALA B 97 -3.44 -17.10 19.10
CA ALA B 97 -3.00 -18.35 18.54
C ALA B 97 -2.25 -19.20 19.54
N LEU B 98 -1.44 -18.57 20.39
CA LEU B 98 -0.54 -19.35 21.21
C LEU B 98 -1.29 -20.22 22.23
N GLN B 99 -2.50 -19.80 22.60
CA GLN B 99 -3.35 -20.63 23.48
C GLN B 99 -3.70 -22.01 22.92
N GLU B 100 -3.60 -22.17 21.59
CA GLU B 100 -3.94 -23.44 20.95
C GLU B 100 -2.71 -24.37 20.81
N LEU B 101 -1.53 -23.85 21.15
CA LEU B 101 -0.28 -24.61 20.96
C LEU B 101 0.01 -25.47 22.15
N VAL B 102 0.64 -26.61 21.89
CA VAL B 102 0.94 -27.58 22.95
C VAL B 102 2.41 -27.98 22.97
N GLY B 103 3.13 -27.85 21.87
CA GLY B 103 4.48 -28.35 21.85
C GLY B 103 5.48 -27.37 22.44
N LYS B 104 6.75 -27.73 22.29
CA LYS B 104 7.85 -26.86 22.65
C LYS B 104 7.90 -25.87 21.51
N HIS B 105 7.76 -24.58 21.79
CA HIS B 105 7.90 -23.51 20.79
C HIS B 105 8.69 -22.37 21.40
N SER B 106 9.36 -21.62 20.52
CA SER B 106 9.99 -20.36 20.89
C SER B 106 9.62 -19.36 19.83
N PHE B 107 9.46 -18.11 20.25
CA PHE B 107 9.14 -17.01 19.35
C PHE B 107 10.10 -15.85 19.53
N THR B 108 10.43 -15.18 18.43
CA THR B 108 11.19 -13.95 18.54
C THR B 108 10.37 -12.82 19.15
N TYR B 109 11.06 -11.81 19.66
CA TYR B 109 10.37 -10.61 20.09
C TYR B 109 9.50 -10.02 18.97
N LEU B 110 10.02 -10.03 17.75
CA LEU B 110 9.25 -9.59 16.57
C LEU B 110 7.96 -10.37 16.41
N GLU B 111 8.07 -11.70 16.35
CA GLU B 111 6.91 -12.58 16.24
C GLU B 111 5.90 -12.34 17.38
N LEU B 112 6.39 -12.19 18.61
CA LEU B 112 5.51 -11.92 19.76
C LEU B 112 4.80 -10.59 19.65
N CYS B 113 5.51 -9.55 19.25
CA CYS B 113 4.85 -8.25 19.03
C CYS B 113 3.79 -8.34 17.93
N ARG B 114 4.14 -9.02 16.84
CA ARG B 114 3.17 -9.23 15.78
C ARG B 114 1.89 -9.90 16.26
N LEU B 115 2.01 -11.00 16.97
CA LEU B 115 0.83 -11.76 17.39
C LEU B 115 0.05 -11.02 18.46
N VAL B 118 -1.72 -8.02 16.09
CA VAL B 118 -2.69 -8.26 15.02
C VAL B 118 -3.83 -9.19 15.38
N LEU B 119 -3.60 -10.08 16.34
CA LEU B 119 -4.62 -10.98 16.83
C LEU B 119 -4.87 -10.81 18.35
N SER B 120 -4.36 -9.75 18.94
CA SER B 120 -4.54 -9.49 20.36
C SER B 120 -4.20 -10.75 21.19
N ASP B 121 -3.10 -11.41 20.87
CA ASP B 121 -2.74 -12.66 21.53
C ASP B 121 -2.31 -12.38 22.97
N ASN B 122 -3.04 -12.95 23.91
CA ASN B 122 -2.80 -12.66 25.33
C ASN B 122 -1.53 -13.32 25.90
N ILE B 123 -1.22 -14.52 25.44
CA ILE B 123 0.00 -15.19 25.86
C ILE B 123 1.21 -14.46 25.32
N ALA B 124 1.18 -14.07 24.05
CA ALA B 124 2.27 -13.26 23.50
C ALA B 124 2.54 -12.00 24.34
N THR B 125 1.48 -11.35 24.74
CA THR B 125 1.54 -10.18 25.59
C THR B 125 2.16 -10.48 26.93
N ASN B 126 1.70 -11.54 27.57
CA ASN B 126 2.24 -11.91 28.89
C ASN B 126 3.68 -12.37 28.84
N LEU B 127 4.06 -13.05 27.79
CA LEU B 127 5.49 -13.37 27.57
C LEU B 127 6.36 -12.13 27.53
N LEU B 128 5.91 -11.12 26.78
CA LEU B 128 6.62 -9.87 26.69
C LEU B 128 6.67 -9.12 28.03
N ILE B 129 5.55 -9.06 28.72
CA ILE B 129 5.54 -8.41 30.04
C ILE B 129 6.52 -9.10 31.01
N THR B 130 6.47 -10.42 31.01
CA THR B 130 7.33 -11.27 31.83
C THR B 130 8.79 -10.97 31.61
N VAL B 131 9.21 -10.89 30.35
N VAL B 131 9.24 -10.93 30.37
CA VAL B 131 10.60 -10.68 30.01
CA VAL B 131 10.65 -10.68 30.13
C VAL B 131 11.08 -9.24 30.08
C VAL B 131 11.05 -9.22 30.29
N LEU B 132 10.17 -8.27 29.90
CA LEU B 132 10.56 -6.85 29.84
C LEU B 132 10.40 -6.15 31.17
N GLY B 133 9.36 -6.52 31.92
CA GLY B 133 9.10 -5.96 33.25
C GLY B 133 8.05 -4.87 33.19
N GLU B 135 7.29 -2.58 35.48
CA GLU B 135 7.81 -1.29 35.87
C GLU B 135 8.55 -0.61 34.74
N ASN B 136 9.33 -1.37 33.98
CA ASN B 136 10.03 -0.81 32.85
C ASN B 136 9.09 -0.29 31.75
N ILE B 137 7.99 -1.00 31.53
CA ILE B 137 7.02 -0.57 30.50
C ILE B 137 6.36 0.76 30.91
N ASN B 138 5.95 0.86 32.16
CA ASN B 138 5.41 2.12 32.70
C ASN B 138 6.40 3.26 32.68
N ALA B 139 7.68 2.99 33.02
CA ALA B 139 8.69 4.01 32.89
C ALA B 139 8.78 4.52 31.46
N ARG B 140 8.64 3.65 30.47
CA ARG B 140 8.63 4.12 29.09
C ARG B 140 7.44 5.04 28.81
N ALA B 141 6.26 4.70 29.34
CA ALA B 141 5.09 5.62 29.17
C ALA B 141 5.41 7.00 29.75
N GLU B 142 6.09 7.03 30.91
CA GLU B 142 6.42 8.32 31.51
C GLU B 142 7.35 9.10 30.60
N LYS B 143 8.37 8.43 30.06
CA LYS B 143 9.34 9.07 29.20
C LYS B 143 8.67 9.62 27.97
N LEU B 144 7.68 8.92 27.42
CA LEU B 144 6.98 9.38 26.26
C LEU B 144 5.92 10.45 26.55
N GLY B 145 5.64 10.73 27.83
CA GLY B 145 4.57 11.68 28.19
C GLY B 145 3.15 11.13 27.96
N VAL B 146 2.96 9.82 28.13
CA VAL B 146 1.63 9.19 27.95
C VAL B 146 1.36 8.35 29.18
N ASP B 147 1.80 8.81 30.36
CA ASP B 147 1.65 7.95 31.52
C ASP B 147 0.28 7.97 32.14
N GLU B 148 -0.72 8.58 31.48
CA GLU B 148 -2.11 8.26 31.83
C GLU B 148 -2.45 6.84 31.46
N GLU B 150 -1.52 3.06 31.87
CA GLU B 150 -0.79 2.33 32.91
C GLU B 150 -0.98 0.87 32.72
N LEU B 151 0.10 0.12 32.90
CA LEU B 151 0.06 -1.32 32.92
C LEU B 151 0.22 -1.74 34.36
N ASN B 152 -0.85 -2.24 34.95
CA ASN B 152 -0.83 -2.72 36.35
C ASN B 152 -1.09 -4.23 36.48
N ARG B 153 -1.52 -4.90 35.40
CA ARG B 153 -1.79 -6.33 35.51
C ARG B 153 -1.52 -7.04 34.18
N ASP B 157 -5.61 -11.62 34.15
CA ASP B 157 -5.44 -11.76 35.61
C ASP B 157 -6.73 -11.27 36.30
N PHE B 158 -7.64 -12.21 36.50
CA PHE B 158 -8.96 -11.98 37.12
C PHE B 158 -8.82 -11.48 38.56
N ASN B 159 -7.95 -12.11 39.34
CA ASN B 159 -7.68 -11.66 40.71
C ASN B 159 -7.26 -10.20 40.80
N ALA B 160 -6.32 -9.79 39.93
CA ALA B 160 -5.78 -8.44 39.97
C ALA B 160 -6.89 -7.45 39.74
N LEU B 161 -7.70 -7.73 38.74
CA LEU B 161 -8.86 -6.90 38.47
C LEU B 161 -9.75 -6.74 39.72
N ALA B 162 -10.02 -7.86 40.39
CA ALA B 162 -10.83 -7.84 41.61
C ALA B 162 -10.16 -7.06 42.76
N GLU B 163 -8.85 -7.18 42.89
CA GLU B 163 -8.10 -6.45 43.91
C GLU B 163 -7.83 -4.99 43.52
N GLY B 164 -8.60 -4.46 42.58
CA GLY B 164 -8.41 -3.11 42.09
C GLY B 164 -7.20 -2.74 41.22
N ARG B 165 -6.43 -3.71 40.72
CA ARG B 165 -5.35 -3.36 39.77
C ARG B 165 -5.88 -3.58 38.34
N ASP B 166 -6.05 -2.52 37.58
CA ASP B 166 -6.46 -2.68 36.21
C ASP B 166 -5.53 -1.85 35.33
N ASN B 167 -5.46 -2.20 34.05
CA ASN B 167 -4.77 -1.42 33.04
C ASN B 167 -5.69 -0.27 32.58
N HIS B 168 -5.11 0.91 32.36
CA HIS B 168 -5.89 2.12 32.11
C HIS B 168 -5.35 2.85 30.92
N ILE B 169 -6.23 3.59 30.27
CA ILE B 169 -5.87 4.47 29.16
C ILE B 169 -6.80 5.70 29.12
N THR B 170 -6.40 6.71 28.38
CA THR B 170 -7.27 7.82 28.03
C THR B 170 -7.17 8.02 26.53
N ALA B 171 -8.15 8.70 25.94
CA ALA B 171 -8.12 8.87 24.50
C ALA B 171 -6.92 9.73 24.06
N SER B 173 -3.95 10.20 25.65
CA SER B 173 -2.66 9.55 25.85
C SER B 173 -2.42 8.55 24.72
N LEU B 174 -3.45 7.83 24.33
CA LEU B 174 -3.30 6.89 23.23
C LEU B 174 -3.02 7.67 21.92
N ALA B 175 -3.71 8.78 21.72
CA ALA B 175 -3.45 9.62 20.53
C ALA B 175 -1.99 10.09 20.49
N ARG B 176 -1.46 10.53 21.64
CA ARG B 176 -0.04 10.93 21.70
C ARG B 176 0.91 9.78 21.45
N LEU B 177 0.58 8.58 21.92
CA LEU B 177 1.40 7.41 21.63
C LEU B 177 1.39 7.11 20.12
N TYR B 178 0.22 7.14 19.51
CA TYR B 178 0.12 6.98 18.08
C TYR B 178 0.89 8.06 17.32
N LYS B 179 0.93 9.28 17.84
CA LYS B 179 1.67 10.33 17.15
C LYS B 179 3.18 10.04 17.18
N HIS B 180 3.66 9.53 18.31
CA HIS B 180 5.06 9.15 18.45
C HIS B 180 5.39 8.02 17.44
N ILE B 181 4.53 7.04 17.35
CA ILE B 181 4.73 5.93 16.41
C ILE B 181 4.68 6.45 14.96
N PHE B 182 3.68 7.28 14.66
CA PHE B 182 3.59 7.96 13.35
C PHE B 182 4.93 8.64 13.00
N GLU B 183 5.48 9.40 13.95
CA GLU B 183 6.75 10.06 13.69
C GLU B 183 7.91 9.12 13.39
N CYS B 184 7.87 7.87 13.88
CA CYS B 184 8.96 6.90 13.67
C CYS B 184 8.80 6.08 12.36
N ARG B 185 7.63 6.16 11.72
CA ARG B 185 7.23 5.21 10.67
C ARG B 185 8.16 5.14 9.46
N ASP B 186 8.83 6.25 9.14
CA ASP B 186 9.78 6.28 8.06
C ASP B 186 11.22 6.51 8.51
N ARG B 187 11.47 6.44 9.82
N ARG B 187 11.50 6.46 9.81
CA ARG B 187 12.79 6.77 10.37
CA ARG B 187 12.83 6.80 10.29
C ARG B 187 13.78 5.62 10.16
C ARG B 187 13.80 5.61 10.16
N ASP B 188 13.34 4.42 10.48
CA ASP B 188 14.21 3.24 10.53
C ASP B 188 13.40 1.96 10.38
N VAL B 189 14.06 0.79 10.41
CA VAL B 189 13.30 -0.42 10.14
C VAL B 189 12.34 -0.75 11.28
N TYR B 190 12.66 -0.26 12.49
CA TYR B 190 11.86 -0.56 13.67
C TYR B 190 10.56 0.22 13.65
N GLY B 191 10.67 1.51 13.38
CA GLY B 191 9.53 2.38 13.21
C GLY B 191 8.62 1.91 12.08
N ARG B 192 9.22 1.51 10.97
CA ARG B 192 8.48 0.99 9.85
C ARG B 192 7.70 -0.28 10.20
N GLU B 193 8.35 -1.21 10.87
CA GLU B 193 7.70 -2.43 11.25
C GLU B 193 6.52 -2.17 12.20
N TRP B 195 4.65 0.48 12.29
CA TRP B 195 3.61 1.01 11.44
C TRP B 195 2.95 -0.08 10.62
N ASN B 196 3.75 -0.99 10.08
CA ASN B 196 3.21 -2.09 9.24
C ASN B 196 2.38 -3.07 10.07
N ILE B 197 2.84 -3.35 11.28
CA ILE B 197 2.10 -4.21 12.22
C ILE B 197 0.75 -3.63 12.55
N LEU B 198 0.73 -2.35 12.85
CA LEU B 198 -0.55 -1.67 13.10
C LEU B 198 -1.52 -1.84 11.93
N GLY B 199 -0.97 -1.71 10.74
CA GLY B 199 -1.74 -1.83 9.51
C GLY B 199 -2.19 -3.21 9.14
N ARG B 200 -1.67 -4.23 9.81
CA ARG B 200 -2.07 -5.63 9.55
C ARG B 200 -3.05 -6.15 10.59
N GLN B 201 -3.58 -5.26 11.43
CA GLN B 201 -4.66 -5.60 12.40
C GLN B 201 -5.72 -6.44 11.75
N GLN B 202 -6.03 -7.57 12.38
CA GLN B 202 -7.02 -8.50 11.77
C GLN B 202 -8.45 -8.25 12.23
N PHE B 203 -8.65 -7.54 13.36
CA PHE B 203 -10.03 -7.35 13.81
C PHE B 203 -10.57 -6.02 13.30
N ARG B 204 -11.53 -6.10 12.38
CA ARG B 204 -12.09 -4.92 11.72
C ARG B 204 -13.58 -4.79 11.99
N ASP B 205 -13.98 -5.19 13.19
CA ASP B 205 -15.37 -5.19 13.57
C ASP B 205 -15.87 -3.86 14.19
N ILE B 206 -14.97 -2.90 14.40
N ILE B 206 -14.98 -2.90 14.40
CA ILE B 206 -15.37 -1.64 15.02
CA ILE B 206 -15.39 -1.63 15.01
C ILE B 206 -15.26 -0.49 13.99
C ILE B 206 -15.27 -0.47 13.99
N LEU B 207 -14.25 0.38 14.10
CA LEU B 207 -14.19 1.59 13.28
C LEU B 207 -14.21 1.34 11.78
N PRO B 208 -13.51 0.28 11.29
CA PRO B 208 -13.46 0.10 9.84
C PRO B 208 -14.54 -0.81 9.27
N PHE B 209 -15.56 -1.12 10.06
CA PHE B 209 -16.58 -2.08 9.64
C PHE B 209 -17.16 -1.80 8.27
N TYR B 210 -17.50 -0.54 8.00
CA TYR B 210 -18.11 -0.18 6.74
C TYR B 210 -17.11 0.28 5.67
N TRP B 211 -15.82 0.29 5.96
CA TRP B 211 -14.89 0.95 5.06
C TRP B 211 -14.55 0.11 3.82
N GLY B 212 -14.61 -1.20 3.97
CA GLY B 212 -14.25 -2.12 2.90
C GLY B 212 -12.84 -2.65 3.14
N GLU B 213 -12.61 -3.86 2.65
N GLU B 213 -12.60 -3.88 2.67
CA GLU B 213 -11.35 -4.60 2.80
CA GLU B 213 -11.32 -4.58 2.80
C GLU B 213 -10.12 -3.84 2.26
C GLU B 213 -10.12 -3.77 2.31
N GLY B 214 -10.31 -3.00 1.26
CA GLY B 214 -9.23 -2.24 0.65
C GLY B 214 -8.63 -1.09 1.47
N ILE B 215 -9.27 -0.69 2.58
CA ILE B 215 -8.87 0.51 3.27
C ILE B 215 -8.01 0.07 4.46
N ARG B 216 -6.73 0.34 4.38
CA ARG B 216 -5.84 0.00 5.46
C ARG B 216 -6.08 0.98 6.64
N PHE B 217 -6.00 0.44 7.86
CA PHE B 217 -6.12 1.27 9.07
C PHE B 217 -5.01 0.76 9.96
N HIS B 218 -4.33 1.66 10.63
CA HIS B 218 -3.21 1.35 11.46
C HIS B 218 -3.68 1.42 12.88
N HIS B 219 -4.08 0.28 13.43
CA HIS B 219 -4.91 0.32 14.62
C HIS B 219 -4.83 -0.89 15.50
N LYS B 220 -5.50 -0.78 16.65
CA LYS B 220 -5.59 -1.87 17.61
C LYS B 220 -6.97 -1.78 18.29
N THR B 221 -7.65 -2.91 18.45
CA THR B 221 -8.92 -2.93 19.18
C THR B 221 -8.72 -3.43 20.61
N GLY B 222 -9.74 -3.23 21.42
CA GLY B 222 -9.73 -3.81 22.78
C GLY B 222 -11.16 -4.22 23.14
N SER B 223 -11.31 -5.28 23.91
CA SER B 223 -12.61 -5.70 24.33
C SER B 223 -12.48 -6.39 25.68
N LEU B 224 -13.39 -6.08 26.60
CA LEU B 224 -13.61 -6.83 27.83
C LEU B 224 -15.11 -6.84 28.04
N ASP B 225 -15.58 -7.47 29.10
CA ASP B 225 -17.03 -7.41 29.38
C ASP B 225 -17.48 -5.93 29.48
N ARG B 226 -18.43 -5.54 28.63
CA ARG B 226 -18.96 -4.19 28.60
C ARG B 226 -17.97 -3.06 28.24
N VAL B 227 -16.86 -3.41 27.55
CA VAL B 227 -15.86 -2.47 27.06
C VAL B 227 -15.53 -2.83 25.60
N GLU B 228 -15.66 -1.87 24.69
CA GLU B 228 -15.24 -2.02 23.27
C GLU B 228 -14.50 -0.77 22.85
N HIS B 229 -13.25 -0.92 22.41
CA HIS B 229 -12.44 0.21 21.99
C HIS B 229 -11.83 -0.06 20.60
N ASP B 230 -11.51 1.00 19.89
CA ASP B 230 -10.72 0.92 18.68
C ASP B 230 -10.05 2.25 18.50
N GLY B 231 -8.78 2.24 18.13
CA GLY B 231 -8.04 3.48 17.90
C GLY B 231 -6.89 3.25 16.95
N GLY B 232 -6.64 4.24 16.09
CA GLY B 232 -5.54 4.15 15.15
C GLY B 232 -5.51 5.30 14.16
N VAL B 233 -4.73 5.11 13.10
CA VAL B 233 -4.45 6.16 12.14
C VAL B 233 -4.83 5.68 10.74
N ILE B 234 -5.57 6.54 10.02
CA ILE B 234 -5.90 6.27 8.65
C ILE B 234 -5.16 7.23 7.77
N GLU B 235 -4.67 6.75 6.64
CA GLU B 235 -4.04 7.62 5.61
C GLU B 235 -5.08 7.87 4.56
N THR B 236 -5.36 9.13 4.25
CA THR B 236 -6.39 9.49 3.26
C THR B 236 -5.75 10.45 2.23
N PHE B 237 -6.48 10.80 1.19
CA PHE B 237 -6.00 11.82 0.23
C PHE B 237 -5.78 13.18 0.87
N ARG B 238 -6.48 13.49 1.96
CA ARG B 238 -6.30 14.76 2.64
C ARG B 238 -5.34 14.73 3.83
N GLY B 239 -4.69 13.57 4.05
CA GLY B 239 -3.68 13.45 5.06
C GLY B 239 -3.98 12.30 6.00
N HIS B 240 -3.20 12.21 7.05
CA HIS B 240 -3.39 11.20 8.07
C HIS B 240 -4.25 11.76 9.19
N PHE B 241 -5.12 10.90 9.72
CA PHE B 241 -5.98 11.25 10.80
C PHE B 241 -5.96 10.14 11.82
N CYS B 242 -5.95 10.53 13.08
CA CYS B 242 -6.07 9.62 14.18
C CYS B 242 -7.49 9.62 14.71
N PHE B 243 -8.05 8.41 14.82
CA PHE B 243 -9.42 8.17 15.29
C PHE B 243 -9.32 7.31 16.54
N ILE B 244 -9.80 7.77 17.68
CA ILE B 244 -9.77 7.01 18.93
C ILE B 244 -11.21 6.96 19.42
N LEU B 245 -11.72 5.76 19.73
CA LEU B 245 -13.04 5.57 20.28
C LEU B 245 -12.97 4.56 21.44
N LEU B 246 -13.27 5.06 22.64
CA LEU B 246 -13.29 4.28 23.86
C LEU B 246 -14.74 4.18 24.34
N SER B 248 -17.08 2.38 27.29
CA SER B 248 -17.25 1.62 28.52
C SER B 248 -18.71 1.67 28.97
N ASP B 249 -19.09 0.73 29.81
CA ASP B 249 -20.46 0.56 30.30
C ASP B 249 -21.49 0.49 29.18
N ILE B 250 -21.21 -0.41 28.24
CA ILE B 250 -22.06 -0.59 27.08
C ILE B 250 -22.19 -2.08 26.81
N ASP B 251 -23.35 -2.54 26.37
CA ASP B 251 -23.44 -3.94 25.92
C ASP B 251 -22.39 -4.13 24.82
N ASN B 252 -21.66 -5.25 24.82
CA ASN B 252 -20.61 -5.41 23.82
C ASN B 252 -21.11 -5.34 22.37
N ASP B 253 -22.23 -5.99 22.08
N ASP B 253 -22.22 -5.98 22.07
CA ASP B 253 -22.80 -5.99 20.73
CA ASP B 253 -22.75 -5.98 20.71
C ASP B 253 -23.15 -4.57 20.29
C ASP B 253 -23.15 -4.57 20.28
N ARG B 254 -23.76 -3.82 21.19
CA ARG B 254 -24.13 -2.45 20.92
C ARG B 254 -22.90 -1.56 20.71
N GLY B 255 -21.85 -1.80 21.49
CA GLY B 255 -20.60 -1.06 21.30
C GLY B 255 -20.01 -1.28 19.93
N LYS B 256 -19.99 -2.52 19.48
CA LYS B 256 -19.48 -2.80 18.14
C LYS B 256 -20.33 -2.07 17.09
N GLU B 257 -21.66 -2.12 17.23
CA GLU B 257 -22.52 -1.43 16.30
C GLU B 257 -22.30 0.08 16.29
N LEU B 258 -22.19 0.67 17.50
CA LEU B 258 -21.95 2.08 17.61
C LEU B 258 -20.62 2.44 16.96
N GLY B 259 -19.61 1.64 17.23
CA GLY B 259 -18.27 1.92 16.70
C GLY B 259 -18.26 1.86 15.17
N ALA B 260 -18.99 0.92 14.59
CA ALA B 260 -19.18 0.89 13.13
C ALA B 260 -19.76 2.18 12.57
N GLN B 261 -20.81 2.68 13.20
CA GLN B 261 -21.38 3.95 12.78
C GLN B 261 -20.41 5.10 12.90
N VAL B 262 -19.75 5.18 14.05
CA VAL B 262 -18.83 6.25 14.36
C VAL B 262 -17.65 6.27 13.35
N GLY B 263 -17.09 5.08 13.06
CA GLY B 263 -15.98 5.03 12.11
C GLY B 263 -16.35 5.50 10.73
N ARG B 264 -17.57 5.22 10.30
CA ARG B 264 -18.05 5.67 9.00
C ARG B 264 -18.18 7.20 8.96
N ILE B 265 -18.73 7.76 10.01
CA ILE B 265 -18.93 9.20 10.13
C ILE B 265 -17.57 9.92 10.17
N LYS B 267 -14.62 8.87 9.04
CA LYS B 267 -13.89 8.75 7.78
C LYS B 267 -14.47 9.68 6.71
N GLU B 268 -15.79 9.65 6.52
CA GLU B 268 -16.42 10.55 5.56
C GLU B 268 -16.10 12.00 5.89
N PHE B 269 -16.12 12.34 7.17
CA PHE B 269 -15.94 13.73 7.53
C PHE B 269 -14.56 14.24 7.14
N VAL B 270 -13.52 13.52 7.57
CA VAL B 270 -12.17 13.99 7.29
C VAL B 270 -11.82 13.91 5.81
N GLU B 271 -12.47 13.01 5.07
CA GLU B 271 -12.18 12.90 3.65
C GLU B 271 -12.94 13.88 2.78
N GLU B 272 -14.14 14.27 3.19
CA GLU B 272 -15.01 15.09 2.34
C GLU B 272 -15.28 16.48 2.86
N ALA B 273 -15.44 16.64 4.18
CA ALA B 273 -15.90 17.91 4.79
C ALA B 273 -14.79 18.83 5.30
N LEU B 274 -13.81 18.23 5.94
CA LEU B 274 -12.78 19.01 6.64
C LEU B 274 -11.84 19.58 5.59
N PRO B 275 -11.62 20.91 5.62
CA PRO B 275 -10.64 21.57 4.77
C PRO B 275 -9.23 21.34 5.31
N ILE C 8 36.77 25.60 -31.58
CA ILE C 8 36.19 25.47 -32.98
C ILE C 8 36.22 24.02 -33.48
N VAL C 9 37.29 23.29 -33.18
CA VAL C 9 37.38 21.86 -33.52
C VAL C 9 36.25 21.04 -32.85
N GLY C 10 35.82 21.48 -31.67
CA GLY C 10 34.79 20.78 -30.94
C GLY C 10 33.39 20.79 -31.53
N LYS C 11 33.10 21.74 -32.44
CA LYS C 11 31.76 21.81 -33.07
C LYS C 11 31.52 20.57 -33.92
N SER C 12 32.59 20.00 -34.45
CA SER C 12 32.48 18.79 -35.25
C SER C 12 31.98 17.62 -34.37
N LEU C 13 32.43 17.56 -33.13
CA LEU C 13 31.90 16.56 -32.22
C LEU C 13 30.41 16.79 -31.92
N GLU C 14 30.04 18.05 -31.71
CA GLU C 14 28.63 18.39 -31.47
C GLU C 14 27.81 17.94 -32.66
N HIS C 15 28.33 18.15 -33.86
CA HIS C 15 27.53 17.78 -35.00
C HIS C 15 27.31 16.26 -35.08
N GLN C 16 28.37 15.51 -34.79
CA GLN C 16 28.30 14.05 -34.76
C GLN C 16 27.32 13.57 -33.71
N LEU C 17 27.39 14.15 -32.53
CA LEU C 17 26.49 13.76 -31.44
C LEU C 17 25.04 14.17 -31.74
N ASP C 18 24.86 15.39 -32.24
CA ASP C 18 23.52 15.87 -32.55
C ASP C 18 22.89 15.05 -33.66
N THR C 19 23.70 14.60 -34.61
CA THR C 19 23.18 13.76 -35.70
C THR C 19 22.61 12.44 -35.17
N VAL C 20 23.35 11.73 -34.31
N VAL C 20 23.36 11.73 -34.32
CA VAL C 20 22.84 10.46 -33.79
CA VAL C 20 22.84 10.44 -33.76
C VAL C 20 21.67 10.65 -32.80
C VAL C 20 21.66 10.66 -32.80
N ILE C 21 21.69 11.75 -32.06
CA ILE C 21 20.57 12.11 -31.17
C ILE C 21 19.30 12.30 -32.00
N LYS C 22 19.42 12.98 -33.12
CA LYS C 22 18.27 13.20 -33.99
C LYS C 22 17.73 11.90 -34.59
N GLU C 23 18.63 11.02 -35.07
N GLU C 23 18.62 11.00 -35.06
CA GLU C 23 18.28 9.68 -35.57
CA GLU C 23 18.20 9.69 -35.59
C GLU C 23 17.50 8.89 -34.51
C GLU C 23 17.50 8.84 -34.52
N LEU C 24 18.05 8.81 -33.32
CA LEU C 24 17.60 7.85 -32.29
C LEU C 24 16.58 8.37 -31.28
N ALA C 25 16.63 9.66 -30.98
CA ALA C 25 15.76 10.23 -29.96
C ALA C 25 15.39 11.67 -30.27
N PRO C 26 14.74 11.90 -31.44
CA PRO C 26 14.41 13.25 -31.87
C PRO C 26 13.44 14.00 -30.94
N ALA C 27 12.67 13.28 -30.13
CA ALA C 27 11.76 13.93 -29.18
C ALA C 27 12.34 13.91 -27.74
N GLY C 28 13.57 13.44 -27.59
CA GLY C 28 14.20 13.36 -26.29
C GLY C 28 14.63 14.71 -25.77
N ASN C 29 14.90 14.78 -24.47
CA ASN C 29 15.55 15.91 -23.87
C ASN C 29 16.96 15.46 -23.44
N ILE C 30 17.92 15.72 -24.32
CA ILE C 30 19.22 15.16 -24.24
C ILE C 30 20.20 16.33 -24.03
N SER C 31 21.00 16.24 -22.98
CA SER C 31 22.07 17.17 -22.72
C SER C 31 23.39 16.44 -22.66
N TYR C 32 24.47 17.13 -23.03
CA TYR C 32 25.82 16.55 -22.86
C TYR C 32 26.85 17.63 -22.67
N ALA C 33 28.00 17.21 -22.18
CA ALA C 33 29.19 18.06 -22.10
C ALA C 33 30.43 17.19 -22.21
N VAL C 34 31.42 17.67 -22.95
CA VAL C 34 32.70 17.00 -23.11
C VAL C 34 33.74 18.05 -22.78
N LEU C 35 34.58 17.75 -21.81
CA LEU C 35 35.59 18.66 -21.34
C LEU C 35 36.93 17.98 -21.26
N GLN C 36 37.99 18.77 -21.44
CA GLN C 36 39.36 18.30 -21.15
C GLN C 36 39.73 18.75 -19.76
N PHE C 37 40.25 17.82 -18.95
CA PHE C 37 40.66 18.08 -17.57
C PHE C 37 42.17 17.97 -17.45
N ASP C 38 42.78 19.01 -16.88
CA ASP C 38 44.20 19.07 -16.61
C ASP C 38 44.40 19.60 -15.19
N ASP C 39 45.47 19.11 -14.55
CA ASP C 39 45.67 19.39 -13.15
C ASP C 39 45.87 20.87 -12.95
N GLU C 40 45.12 21.40 -11.98
CA GLU C 40 45.17 22.79 -11.58
C GLU C 40 44.87 23.78 -12.70
N GLU C 41 44.20 23.37 -13.76
CA GLU C 41 43.78 24.30 -14.81
C GLU C 41 42.26 24.26 -14.93
N GLU C 42 41.67 25.37 -15.34
CA GLU C 42 40.23 25.38 -15.65
C GLU C 42 39.90 24.40 -16.75
N PRO C 43 38.78 23.68 -16.62
CA PRO C 43 38.42 22.74 -17.68
C PRO C 43 38.16 23.45 -19.01
N THR C 44 38.52 22.82 -20.11
CA THR C 44 38.21 23.31 -21.42
C THR C 44 36.97 22.58 -21.93
N LEU C 45 35.90 23.34 -22.18
CA LEU C 45 34.69 22.80 -22.76
C LEU C 45 34.89 22.59 -24.28
N ILE C 46 34.82 21.33 -24.71
CA ILE C 46 35.03 20.95 -26.09
C ILE C 46 33.71 20.91 -26.87
N ALA C 47 32.68 20.31 -26.28
CA ALA C 47 31.39 20.18 -26.91
C ALA C 47 30.31 20.22 -25.83
N ALA C 48 29.15 20.76 -26.18
CA ALA C 48 28.06 20.87 -25.23
C ALA C 48 26.71 20.99 -25.91
N ARG C 49 25.68 20.53 -25.22
CA ARG C 49 24.32 20.67 -25.67
C ARG C 49 23.45 20.73 -24.44
N GLY C 50 22.65 21.79 -24.32
CA GLY C 50 21.76 21.94 -23.18
C GLY C 50 22.46 21.70 -21.86
N GLU C 51 23.68 22.21 -21.73
CA GLU C 51 24.54 21.86 -20.59
C GLU C 51 24.11 22.47 -19.26
N ASN C 52 23.17 23.40 -19.26
CA ASN C 52 22.64 23.96 -18.01
C ASN C 52 21.18 23.63 -17.78
N THR C 53 20.60 22.79 -18.64
CA THR C 53 19.22 22.30 -18.47
C THR C 53 19.15 21.47 -17.20
N VAL C 54 18.09 21.65 -16.42
CA VAL C 54 17.93 20.85 -15.20
C VAL C 54 17.28 19.53 -15.55
N HIS C 55 17.88 18.43 -15.14
CA HIS C 55 17.26 17.13 -15.28
C HIS C 55 17.05 16.51 -13.90
N SER C 56 16.13 15.55 -13.84
N SER C 56 16.13 15.55 -13.83
CA SER C 56 16.02 14.64 -12.71
CA SER C 56 16.06 14.66 -12.69
C SER C 56 17.38 13.95 -12.52
C SER C 56 17.45 14.08 -12.53
N SER C 57 17.93 13.97 -11.31
CA SER C 57 19.29 13.48 -11.14
C SER C 57 19.34 11.96 -11.27
N ALA C 58 18.25 11.34 -10.92
CA ALA C 58 18.20 9.95 -10.70
C ALA C 58 19.44 9.76 -9.76
N SER C 59 20.10 8.68 -9.89
CA SER C 59 21.18 8.39 -8.94
C SER C 59 22.43 9.25 -9.00
N LEU C 60 22.54 10.21 -9.92
CA LEU C 60 23.80 10.93 -10.08
C LEU C 60 24.11 11.80 -8.84
N ILE C 61 23.10 12.16 -8.06
CA ILE C 61 23.29 12.95 -6.85
C ILE C 61 24.12 12.18 -5.84
N LYS C 62 24.22 10.86 -6.01
CA LYS C 62 25.06 10.07 -5.12
C LYS C 62 26.55 10.51 -5.12
N VAL C 63 27.01 11.07 -6.24
CA VAL C 63 28.39 11.56 -6.34
C VAL C 63 28.64 12.65 -5.31
N LEU C 64 27.68 13.53 -5.15
CA LEU C 64 27.82 14.64 -4.14
C LEU C 64 27.84 14.11 -2.70
N ILE C 65 26.99 13.13 -2.44
CA ILE C 65 26.93 12.48 -1.14
C ILE C 65 28.28 11.88 -0.79
N GLU C 67 31.23 12.75 -1.99
CA GLU C 67 32.16 13.80 -1.79
C GLU C 67 32.03 14.35 -0.36
N TYR C 68 30.80 14.54 0.08
CA TYR C 68 30.58 15.09 1.43
C TYR C 68 31.10 14.17 2.53
N VAL C 69 30.89 12.87 2.40
CA VAL C 69 31.40 11.92 3.40
C VAL C 69 32.92 12.07 3.48
N PHE C 70 33.58 12.08 2.32
CA PHE C 70 35.06 12.18 2.32
C PHE C 70 35.58 13.53 2.78
N HIS C 71 34.80 14.59 2.52
CA HIS C 71 35.11 15.90 3.10
C HIS C 71 35.10 15.88 4.64
N LEU C 72 34.06 15.27 5.21
CA LEU C 72 33.95 15.13 6.66
C LEU C 72 35.09 14.28 7.21
N ALA C 73 35.50 13.23 6.47
CA ALA C 73 36.62 12.40 6.88
C ALA C 73 37.93 13.20 6.89
N ARG C 74 38.18 13.92 5.80
CA ARG C 74 39.40 14.70 5.66
C ARG C 74 39.50 15.79 6.72
N THR C 75 38.38 16.41 7.05
CA THR C 75 38.39 17.46 8.06
C THR C 75 38.20 16.94 9.49
N GLU C 76 38.26 15.62 9.66
CA GLU C 76 38.20 14.95 10.96
C GLU C 76 36.90 15.17 11.72
N GLN C 77 35.80 15.32 10.99
CA GLN C 77 34.48 15.40 11.61
C GLN C 77 33.78 14.06 11.65
N LEU C 78 34.36 13.08 10.98
CA LEU C 78 33.93 11.69 11.13
C LEU C 78 35.08 10.77 10.79
N ASP C 79 35.00 9.56 11.33
CA ASP C 79 35.95 8.54 11.05
C ASP C 79 35.30 7.61 10.02
N ILE C 80 35.96 7.47 8.87
CA ILE C 80 35.37 6.80 7.69
C ILE C 80 35.13 5.31 8.00
N ASN C 81 35.81 4.81 9.03
CA ASN C 81 35.64 3.42 9.47
C ASN C 81 34.65 3.19 10.62
N ASP C 82 33.96 4.22 11.05
CA ASP C 82 32.90 4.01 12.02
C ASP C 82 31.71 3.42 11.26
N THR C 83 30.86 2.71 11.99
CA THR C 83 29.80 1.94 11.37
C THR C 83 28.45 2.56 11.57
N VAL C 84 27.55 2.18 10.67
CA VAL C 84 26.15 2.54 10.70
C VAL C 84 25.34 1.25 10.55
N PRO C 85 24.38 1.00 11.45
CA PRO C 85 23.57 -0.21 11.33
C PRO C 85 22.67 -0.19 10.10
N LEU C 86 22.49 -1.33 9.45
CA LEU C 86 21.57 -1.47 8.35
C LEU C 86 20.12 -1.04 8.74
N SER C 87 19.78 -1.24 10.03
CA SER C 87 18.48 -0.92 10.56
C SER C 87 18.09 0.59 10.53
N ARG C 88 19.08 1.45 10.30
CA ARG C 88 18.89 2.91 10.47
C ARG C 88 18.05 3.63 9.43
N THR C 89 17.62 2.93 8.38
CA THR C 89 16.68 3.51 7.43
C THR C 89 15.77 2.40 6.96
N PRO C 90 14.52 2.72 6.59
CA PRO C 90 13.65 1.65 6.09
C PRO C 90 14.23 1.00 4.83
N ARG C 91 14.00 -0.30 4.70
CA ARG C 91 14.35 -0.99 3.47
C ARG C 91 13.62 -0.35 2.26
N VAL C 92 14.37 -0.08 1.19
CA VAL C 92 13.82 0.35 -0.09
C VAL C 92 14.46 -0.54 -1.17
N GLU C 93 13.80 -0.66 -2.31
CA GLU C 93 14.27 -1.46 -3.42
C GLU C 93 14.93 -0.54 -4.49
N GLY C 94 14.80 -0.92 -5.75
CA GLY C 94 15.27 -0.15 -6.88
C GLY C 94 16.74 -0.43 -7.18
N GLY C 95 17.33 -1.40 -6.51
CA GLY C 95 18.68 -1.77 -6.83
C GLY C 95 19.68 -1.66 -5.69
N GLY C 96 20.60 -2.59 -5.72
CA GLY C 96 21.65 -2.68 -4.74
C GLY C 96 21.68 -4.06 -4.11
N ALA C 97 22.60 -4.23 -3.18
CA ALA C 97 22.82 -5.46 -2.48
C ALA C 97 22.14 -5.44 -1.12
N LEU C 98 22.13 -4.29 -0.45
CA LEU C 98 21.58 -4.27 0.93
C LEU C 98 20.10 -4.68 1.00
N GLN C 99 19.34 -4.41 -0.09
CA GLN C 99 17.93 -4.84 -0.15
C GLN C 99 17.73 -6.36 -0.05
N GLU C 100 18.78 -7.15 -0.37
CA GLU C 100 18.70 -8.61 -0.25
C GLU C 100 19.03 -9.11 1.17
N LEU C 101 19.52 -8.23 2.05
CA LEU C 101 19.99 -8.67 3.35
C LEU C 101 18.84 -8.72 4.33
N VAL C 102 18.96 -9.63 5.30
CA VAL C 102 17.92 -9.79 6.30
C VAL C 102 18.44 -9.77 7.72
N GLY C 103 19.69 -10.10 7.94
CA GLY C 103 20.18 -10.20 9.31
C GLY C 103 20.58 -8.84 9.88
N LYS C 104 21.19 -8.90 11.06
CA LYS C 104 21.77 -7.74 11.70
C LYS C 104 23.10 -7.50 10.98
N HIS C 105 23.27 -6.33 10.40
CA HIS C 105 24.49 -5.93 9.73
C HIS C 105 24.79 -4.48 10.07
N SER C 106 26.08 -4.17 10.08
CA SER C 106 26.59 -2.82 10.14
C SER C 106 27.67 -2.63 9.08
N PHE C 107 27.71 -1.43 8.52
CA PHE C 107 28.61 -1.04 7.47
C PHE C 107 29.31 0.26 7.81
N THR C 108 30.59 0.36 7.45
CA THR C 108 31.34 1.58 7.69
C THR C 108 30.89 2.62 6.66
N TYR C 109 31.13 3.89 6.96
CA TYR C 109 30.91 4.95 5.97
C TYR C 109 31.61 4.65 4.65
N LEU C 110 32.83 4.11 4.73
CA LEU C 110 33.55 3.70 3.49
C LEU C 110 32.78 2.65 2.70
N GLU C 111 32.34 1.60 3.38
CA GLU C 111 31.61 0.51 2.74
C GLU C 111 30.32 1.03 2.12
N LEU C 112 29.64 1.92 2.84
CA LEU C 112 28.38 2.47 2.35
C LEU C 112 28.62 3.34 1.09
N CYS C 113 29.67 4.17 1.11
CA CYS C 113 29.97 4.96 -0.10
C CYS C 113 30.26 4.06 -1.27
N ARG C 114 31.03 2.99 -1.04
CA ARG C 114 31.38 2.07 -2.12
C ARG C 114 30.14 1.47 -2.74
N LEU C 115 29.27 0.93 -1.90
CA LEU C 115 28.06 0.27 -2.40
C LEU C 115 27.10 1.27 -3.09
N VAL C 118 29.20 2.02 -6.60
CA VAL C 118 29.54 1.04 -7.67
C VAL C 118 28.38 0.18 -8.13
N LEU C 119 27.36 0.06 -7.27
CA LEU C 119 26.16 -0.71 -7.52
C LEU C 119 24.89 0.12 -7.37
N SER C 120 25.04 1.42 -7.23
CA SER C 120 23.92 2.35 -7.05
C SER C 120 22.97 1.90 -5.93
N ASP C 121 23.53 1.49 -4.80
CA ASP C 121 22.72 0.86 -3.75
C ASP C 121 21.84 1.92 -3.03
N ASN C 122 20.52 1.77 -3.14
CA ASN C 122 19.62 2.79 -2.63
C ASN C 122 19.54 2.84 -1.12
N ILE C 123 19.64 1.69 -0.45
CA ILE C 123 19.68 1.67 1.00
C ILE C 123 20.96 2.30 1.54
N ALA C 124 22.09 1.96 0.93
CA ALA C 124 23.36 2.59 1.37
C ALA C 124 23.26 4.11 1.30
N THR C 125 22.69 4.58 0.22
CA THR C 125 22.45 6.02 0.02
C THR C 125 21.58 6.62 1.13
N ASN C 126 20.42 6.00 1.37
CA ASN C 126 19.51 6.49 2.39
C ASN C 126 20.09 6.43 3.81
N LEU C 127 20.90 5.42 4.09
CA LEU C 127 21.62 5.37 5.35
C LEU C 127 22.52 6.57 5.50
N LEU C 128 23.28 6.92 4.45
CA LEU C 128 24.17 8.09 4.52
C LEU C 128 23.39 9.39 4.65
N ILE C 129 22.30 9.54 3.90
CA ILE C 129 21.49 10.76 4.00
C ILE C 129 20.93 10.90 5.42
N THR C 130 20.45 9.78 5.97
CA THR C 130 19.87 9.74 7.33
C THR C 130 20.84 10.23 8.33
N VAL C 131 22.06 9.72 8.31
CA VAL C 131 23.04 10.12 9.29
C VAL C 131 23.71 11.47 8.99
N LEU C 132 23.86 11.86 7.73
CA LEU C 132 24.60 13.08 7.44
C LEU C 132 23.71 14.33 7.43
N GLY C 133 22.45 14.16 7.01
CA GLY C 133 21.49 15.26 6.89
C GLY C 133 21.42 15.84 5.48
N GLU C 135 20.10 18.72 4.46
CA GLU C 135 20.48 20.13 4.46
C GLU C 135 21.98 20.27 4.41
N ASN C 136 22.71 19.44 5.17
CA ASN C 136 24.17 19.50 5.19
C ASN C 136 24.79 19.13 3.83
N ILE C 137 24.18 18.17 3.18
CA ILE C 137 24.65 17.75 1.86
C ILE C 137 24.46 18.88 0.85
N ASN C 138 23.29 19.53 0.86
CA ASN C 138 23.09 20.69 -0.03
C ASN C 138 24.00 21.87 0.30
N ALA C 139 24.28 22.11 1.58
CA ALA C 139 25.22 23.16 1.96
C ALA C 139 26.61 22.88 1.38
N ARG C 140 26.99 21.60 1.31
CA ARG C 140 28.25 21.23 0.67
C ARG C 140 28.25 21.56 -0.84
N ALA C 141 27.14 21.28 -1.52
CA ALA C 141 27.00 21.66 -2.94
C ALA C 141 27.20 23.17 -3.12
N GLU C 142 26.63 23.95 -2.21
CA GLU C 142 26.77 25.41 -2.29
C GLU C 142 28.23 25.81 -2.11
N LYS C 143 28.88 25.25 -1.12
CA LYS C 143 30.31 25.52 -0.88
C LYS C 143 31.16 25.21 -2.10
N LEU C 144 30.87 24.10 -2.77
CA LEU C 144 31.61 23.68 -3.92
C LEU C 144 31.22 24.43 -5.21
N GLY C 145 30.16 25.22 -5.20
CA GLY C 145 29.72 25.93 -6.38
C GLY C 145 28.99 25.04 -7.39
N VAL C 146 28.32 23.99 -6.89
CA VAL C 146 27.60 23.06 -7.78
C VAL C 146 26.17 22.91 -7.31
N ASP C 147 25.63 24.00 -6.77
CA ASP C 147 24.34 23.90 -6.13
C ASP C 147 23.16 23.93 -7.10
N GLU C 148 23.40 23.84 -8.41
CA GLU C 148 22.34 23.45 -9.34
C GLU C 148 21.97 21.99 -9.14
N GLU C 150 20.78 19.31 -6.56
CA GLU C 150 20.00 19.43 -5.33
C GLU C 150 19.55 18.10 -4.86
N LEU C 151 19.66 17.90 -3.56
CA LEU C 151 19.13 16.72 -2.90
C LEU C 151 17.88 17.11 -2.11
N ASN C 152 16.72 16.77 -2.66
CA ASN C 152 15.43 17.10 -2.05
C ASN C 152 14.66 15.89 -1.51
N ARG C 153 15.08 14.67 -1.84
CA ARG C 153 14.32 13.48 -1.49
C ARG C 153 15.25 12.30 -1.35
N ASP C 157 11.60 7.54 -2.69
CA ASP C 157 10.49 8.23 -2.02
C ASP C 157 9.48 8.67 -3.08
N PHE C 158 8.51 7.80 -3.31
CA PHE C 158 7.47 7.93 -4.34
C PHE C 158 6.58 9.13 -4.05
N ASN C 159 6.09 9.24 -2.82
CA ASN C 159 5.36 10.45 -2.39
C ASN C 159 6.05 11.78 -2.71
N ALA C 160 7.35 11.84 -2.44
CA ALA C 160 8.12 13.07 -2.64
C ALA C 160 8.03 13.48 -4.08
N LEU C 161 8.28 12.53 -4.98
CA LEU C 161 8.24 12.87 -6.40
C LEU C 161 6.84 13.34 -6.80
N ALA C 162 5.80 12.74 -6.21
CA ALA C 162 4.41 13.17 -6.44
C ALA C 162 4.10 14.56 -5.83
N GLU C 163 4.76 14.92 -4.74
CA GLU C 163 4.62 16.24 -4.14
C GLU C 163 5.59 17.29 -4.73
N GLY C 164 6.16 17.01 -5.90
CA GLY C 164 7.12 17.91 -6.53
C GLY C 164 8.52 18.08 -5.92
N ARG C 165 8.95 17.22 -4.97
CA ARG C 165 10.33 17.25 -4.50
C ARG C 165 11.15 16.16 -5.24
N ASP C 166 12.00 16.57 -6.16
CA ASP C 166 12.86 15.64 -6.86
C ASP C 166 14.30 16.11 -6.68
N ASN C 167 15.23 15.20 -6.85
CA ASN C 167 16.64 15.51 -6.95
C ASN C 167 16.96 15.96 -8.37
N HIS C 168 17.82 16.95 -8.51
CA HIS C 168 18.10 17.61 -9.78
C HIS C 168 19.59 17.70 -10.01
N ILE C 169 19.97 17.83 -11.28
CA ILE C 169 21.32 18.00 -11.69
C ILE C 169 21.33 18.76 -13.02
N THR C 170 22.48 19.34 -13.36
CA THR C 170 22.74 19.84 -14.69
C THR C 170 24.07 19.24 -15.12
N ALA C 171 24.32 19.25 -16.44
CA ALA C 171 25.58 18.68 -16.93
C ALA C 171 26.82 19.45 -16.43
N SER C 173 27.14 21.46 -13.69
CA SER C 173 27.34 21.28 -12.28
C SER C 173 28.01 19.92 -11.98
N LEU C 174 27.56 18.85 -12.65
CA LEU C 174 28.18 17.55 -12.45
C LEU C 174 29.63 17.58 -12.96
N ALA C 175 29.86 18.26 -14.09
CA ALA C 175 31.23 18.41 -14.62
C ALA C 175 32.10 19.11 -13.60
N ARG C 176 31.59 20.17 -13.00
CA ARG C 176 32.40 20.89 -11.97
C ARG C 176 32.67 20.03 -10.72
N LEU C 177 31.71 19.20 -10.34
CA LEU C 177 31.93 18.32 -9.22
C LEU C 177 33.03 17.29 -9.56
N TYR C 178 32.99 16.70 -10.76
CA TYR C 178 34.01 15.78 -11.18
C TYR C 178 35.38 16.47 -11.27
N LYS C 179 35.43 17.74 -11.68
CA LYS C 179 36.71 18.44 -11.73
C LYS C 179 37.27 18.57 -10.30
N HIS C 180 36.41 18.91 -9.35
CA HIS C 180 36.85 18.96 -7.96
C HIS C 180 37.41 17.61 -7.46
N ILE C 181 36.67 16.55 -7.74
CA ILE C 181 37.11 15.20 -7.41
C ILE C 181 38.42 14.84 -8.09
N PHE C 182 38.53 15.15 -9.38
CA PHE C 182 39.76 14.95 -10.14
C PHE C 182 40.92 15.67 -9.47
N GLU C 183 40.72 16.92 -9.04
CA GLU C 183 41.76 17.65 -8.33
C GLU C 183 42.22 17.03 -7.02
N CYS C 184 41.37 16.26 -6.35
CA CYS C 184 41.70 15.62 -5.07
C CYS C 184 42.37 14.25 -5.20
N ARG C 185 42.37 13.69 -6.40
CA ARG C 185 42.63 12.26 -6.60
C ARG C 185 44.00 11.81 -6.12
N ASP C 186 44.97 12.72 -6.14
CA ASP C 186 46.35 12.41 -5.70
C ASP C 186 46.76 13.16 -4.46
N ARG C 187 45.82 13.83 -3.82
CA ARG C 187 46.18 14.66 -2.65
C ARG C 187 46.35 13.89 -1.35
N ASP C 188 45.44 12.96 -1.11
CA ASP C 188 45.39 12.21 0.13
C ASP C 188 44.65 10.89 -0.04
N VAL C 189 44.55 10.09 1.03
CA VAL C 189 43.92 8.77 0.89
C VAL C 189 42.41 8.89 0.59
N TYR C 190 41.78 9.97 1.02
CA TYR C 190 40.34 10.18 0.81
C TYR C 190 40.06 10.51 -0.66
N GLY C 191 40.79 11.49 -1.19
CA GLY C 191 40.65 11.80 -2.60
C GLY C 191 40.99 10.62 -3.51
N ARG C 192 42.01 9.86 -3.14
CA ARG C 192 42.38 8.68 -3.95
C ARG C 192 41.29 7.62 -3.95
N GLU C 193 40.72 7.38 -2.77
CA GLU C 193 39.65 6.41 -2.61
C GLU C 193 38.44 6.83 -3.45
N TRP C 195 38.38 8.61 -6.21
CA TRP C 195 38.76 8.37 -7.59
C TRP C 195 38.69 6.87 -7.90
N ASN C 196 39.20 6.04 -6.98
CA ASN C 196 39.21 4.60 -7.16
C ASN C 196 37.77 4.02 -7.21
N ILE C 197 36.91 4.47 -6.29
CA ILE C 197 35.48 4.07 -6.27
C ILE C 197 34.82 4.42 -7.59
N LEU C 198 35.02 5.64 -8.07
CA LEU C 198 34.47 6.02 -9.37
C LEU C 198 34.89 5.04 -10.47
N GLY C 199 36.15 4.65 -10.44
CA GLY C 199 36.69 3.75 -11.46
C GLY C 199 36.28 2.30 -11.32
N ARG C 200 35.62 1.95 -10.21
CA ARG C 200 35.16 0.58 -9.99
C ARG C 200 33.67 0.43 -10.29
N GLN C 201 33.07 1.44 -10.89
CA GLN C 201 31.64 1.37 -11.31
C GLN C 201 31.34 0.09 -12.05
N GLN C 202 30.26 -0.60 -11.65
CA GLN C 202 29.96 -1.91 -12.23
C GLN C 202 28.97 -1.80 -13.38
N PHE C 203 28.25 -0.68 -13.51
CA PHE C 203 27.29 -0.58 -14.61
C PHE C 203 27.91 0.09 -15.84
N ARG C 204 28.11 -0.69 -16.90
CA ARG C 204 28.82 -0.21 -18.08
C ARG C 204 27.95 -0.34 -19.31
N ASP C 205 26.66 -0.12 -19.14
CA ASP C 205 25.73 -0.27 -20.21
C ASP C 205 25.49 1.01 -21.03
N ILE C 206 26.09 2.11 -20.62
CA ILE C 206 25.81 3.38 -21.31
C ILE C 206 27.10 3.78 -22.04
N LEU C 207 27.81 4.80 -21.54
CA LEU C 207 28.93 5.36 -22.29
C LEU C 207 30.04 4.37 -22.65
N PRO C 208 30.38 3.42 -21.76
CA PRO C 208 31.50 2.55 -22.12
C PRO C 208 31.10 1.26 -22.78
N PHE C 209 29.86 1.18 -23.22
CA PHE C 209 29.35 -0.07 -23.80
C PHE C 209 30.30 -0.69 -24.85
N TYR C 210 30.76 0.12 -25.78
CA TYR C 210 31.61 -0.37 -26.88
C TYR C 210 33.10 -0.29 -26.56
N TRP C 211 33.50 0.13 -25.37
CA TRP C 211 34.91 0.43 -25.13
C TRP C 211 35.76 -0.81 -24.86
N GLY C 212 35.15 -1.84 -24.31
CA GLY C 212 35.88 -3.04 -23.85
C GLY C 212 36.17 -2.96 -22.35
N GLU C 213 36.23 -4.13 -21.72
CA GLU C 213 36.40 -4.24 -20.25
C GLU C 213 37.69 -3.61 -19.75
N GLY C 214 38.70 -3.60 -20.57
CA GLY C 214 39.97 -2.99 -20.14
C GLY C 214 40.05 -1.48 -20.00
N ILE C 215 39.03 -0.73 -20.41
CA ILE C 215 39.12 0.70 -20.40
C ILE C 215 38.41 1.16 -19.13
N ARG C 216 39.20 1.63 -18.18
CA ARG C 216 38.65 2.14 -16.94
C ARG C 216 37.97 3.48 -17.19
N PHE C 217 36.83 3.68 -16.54
CA PHE C 217 36.11 4.95 -16.62
C PHE C 217 35.71 5.26 -15.16
N HIS C 218 35.87 6.51 -14.76
CA HIS C 218 35.59 6.96 -13.40
C HIS C 218 34.27 7.66 -13.42
N HIS C 219 33.22 6.90 -13.12
CA HIS C 219 31.87 7.34 -13.47
C HIS C 219 30.77 6.80 -12.60
N LYS C 220 29.57 7.32 -12.85
CA LYS C 220 28.36 6.92 -12.14
C LYS C 220 27.22 7.01 -13.16
N THR C 221 26.34 6.01 -13.18
CA THR C 221 25.15 6.07 -14.06
C THR C 221 23.92 6.44 -13.26
N GLY C 222 22.83 6.77 -13.97
CA GLY C 222 21.60 6.99 -13.27
C GLY C 222 20.47 6.49 -14.13
N SER C 223 19.42 5.99 -13.53
CA SER C 223 18.30 5.53 -14.30
C SER C 223 17.02 5.68 -13.51
N LEU C 224 15.95 6.16 -14.16
CA LEU C 224 14.61 6.11 -13.59
C LEU C 224 13.70 5.87 -14.78
N ASP C 225 12.40 5.78 -14.57
CA ASP C 225 11.49 5.67 -15.72
C ASP C 225 11.74 6.83 -16.69
N ARG C 226 12.09 6.49 -17.92
CA ARG C 226 12.29 7.45 -19.02
C ARG C 226 13.46 8.42 -18.82
N VAL C 227 14.44 8.02 -18.00
CA VAL C 227 15.63 8.80 -17.70
C VAL C 227 16.84 7.85 -17.65
N GLU C 228 17.85 8.16 -18.44
CA GLU C 228 19.09 7.41 -18.42
C GLU C 228 20.27 8.38 -18.52
N HIS C 229 21.18 8.31 -17.55
CA HIS C 229 22.32 9.20 -17.48
C HIS C 229 23.60 8.42 -17.29
N ASP C 230 24.70 8.99 -17.76
CA ASP C 230 26.05 8.49 -17.42
C ASP C 230 26.98 9.65 -17.49
N GLY C 231 27.90 9.74 -16.52
CA GLY C 231 28.90 10.78 -16.55
C GLY C 231 30.15 10.42 -15.79
N GLY C 232 31.28 10.87 -16.30
CA GLY C 232 32.55 10.59 -15.63
C GLY C 232 33.75 11.02 -16.42
N VAL C 233 34.90 10.54 -15.97
CA VAL C 233 36.18 10.94 -16.47
C VAL C 233 36.93 9.73 -16.99
N ILE C 234 37.43 9.84 -18.20
CA ILE C 234 38.27 8.80 -18.81
C ILE C 234 39.68 9.28 -18.91
N GLU C 235 40.62 8.41 -18.58
CA GLU C 235 42.04 8.72 -18.79
C GLU C 235 42.45 8.15 -20.16
N THR C 236 42.93 8.97 -21.09
CA THR C 236 43.37 8.48 -22.39
C THR C 236 44.87 8.74 -22.51
N PHE C 237 45.47 8.23 -23.57
CA PHE C 237 46.89 8.52 -23.85
C PHE C 237 47.13 10.01 -24.05
N ARG C 238 46.09 10.74 -24.48
CA ARG C 238 46.13 12.18 -24.70
C ARG C 238 45.79 13.02 -23.42
N GLY C 239 45.44 12.38 -22.30
CA GLY C 239 45.07 13.10 -21.08
C GLY C 239 43.65 12.71 -20.59
N HIS C 240 43.13 13.45 -19.63
CA HIS C 240 41.84 13.13 -19.05
C HIS C 240 40.75 13.96 -19.71
N PHE C 241 39.61 13.33 -19.94
CA PHE C 241 38.42 14.00 -20.45
C PHE C 241 37.20 13.62 -19.64
N CYS C 242 36.28 14.56 -19.49
CA CYS C 242 35.04 14.35 -18.80
C CYS C 242 33.92 14.25 -19.81
N PHE C 243 33.15 13.18 -19.71
CA PHE C 243 32.04 12.90 -20.61
C PHE C 243 30.79 12.88 -19.76
N ILE C 244 29.82 13.75 -20.05
CA ILE C 244 28.56 13.77 -19.34
C ILE C 244 27.44 13.64 -20.35
N LEU C 245 26.51 12.73 -20.11
CA LEU C 245 25.33 12.54 -20.99
C LEU C 245 24.10 12.36 -20.11
N LEU C 246 23.17 13.30 -20.23
CA LEU C 246 21.91 13.26 -19.51
C LEU C 246 20.77 13.09 -20.52
N SER C 248 16.62 12.58 -20.72
CA SER C 248 15.27 12.54 -20.15
C SER C 248 14.23 12.45 -21.25
N ASP C 249 13.03 12.05 -20.85
CA ASP C 249 11.92 11.85 -21.78
C ASP C 249 12.32 10.96 -22.94
N ILE C 250 12.86 9.79 -22.63
CA ILE C 250 13.31 8.85 -23.65
C ILE C 250 12.94 7.44 -23.21
N ASP C 251 12.59 6.53 -24.13
CA ASP C 251 12.39 5.14 -23.72
C ASP C 251 13.73 4.67 -23.14
N ASN C 252 13.70 3.93 -22.03
CA ASN C 252 14.95 3.54 -21.37
C ASN C 252 15.84 2.67 -22.25
N ASP C 253 15.26 1.74 -23.02
CA ASP C 253 16.08 0.89 -23.89
C ASP C 253 16.75 1.74 -24.97
N ARG C 254 15.99 2.68 -25.51
CA ARG C 254 16.52 3.60 -26.50
C ARG C 254 17.62 4.51 -25.92
N GLY C 255 17.45 4.96 -24.68
CA GLY C 255 18.47 5.78 -24.06
C GLY C 255 19.77 5.03 -23.88
N LYS C 256 19.68 3.77 -23.47
CA LYS C 256 20.89 2.95 -23.32
C LYS C 256 21.61 2.78 -24.68
N GLU C 257 20.84 2.53 -25.74
CA GLU C 257 21.39 2.41 -27.10
C GLU C 257 22.03 3.69 -27.55
N LEU C 258 21.35 4.81 -27.30
CA LEU C 258 21.87 6.12 -27.68
C LEU C 258 23.17 6.39 -26.92
N GLY C 259 23.18 6.12 -25.62
CA GLY C 259 24.35 6.39 -24.81
C GLY C 259 25.53 5.58 -25.22
N ALA C 260 25.32 4.35 -25.63
CA ALA C 260 26.41 3.53 -26.16
C ALA C 260 27.02 4.18 -27.41
N GLN C 261 26.17 4.63 -28.34
CA GLN C 261 26.66 5.32 -29.55
C GLN C 261 27.45 6.57 -29.20
N VAL C 262 26.92 7.36 -28.27
CA VAL C 262 27.52 8.61 -27.86
C VAL C 262 28.91 8.39 -27.23
N GLY C 263 29.01 7.42 -26.34
CA GLY C 263 30.28 7.13 -25.66
C GLY C 263 31.39 6.72 -26.62
N ARG C 264 31.03 5.96 -27.65
CA ARG C 264 31.99 5.56 -28.64
C ARG C 264 32.45 6.79 -29.47
N ILE C 265 31.49 7.61 -29.88
CA ILE C 265 31.81 8.84 -30.64
C ILE C 265 32.74 9.76 -29.83
N LYS C 267 34.78 9.06 -27.16
CA LYS C 267 36.12 8.50 -26.97
C LYS C 267 36.95 8.55 -28.25
N GLU C 268 36.35 8.16 -29.38
CA GLU C 268 37.06 8.24 -30.66
C GLU C 268 37.49 9.67 -30.99
N PHE C 269 36.60 10.63 -30.73
CA PHE C 269 36.89 12.01 -31.05
C PHE C 269 38.08 12.54 -30.25
N VAL C 270 38.09 12.34 -28.94
CA VAL C 270 39.17 12.90 -28.12
C VAL C 270 40.50 12.17 -28.32
N GLU C 271 40.43 10.92 -28.74
CA GLU C 271 41.62 10.15 -29.01
C GLU C 271 42.22 10.41 -30.39
N GLU C 272 41.39 10.72 -31.37
CA GLU C 272 41.83 10.74 -32.78
C GLU C 272 41.63 12.08 -33.50
N ALA C 273 40.54 12.79 -33.20
CA ALA C 273 40.17 14.01 -33.94
C ALA C 273 40.66 15.32 -33.31
N LEU C 274 41.05 15.28 -32.04
CA LEU C 274 41.38 16.49 -31.31
C LEU C 274 42.87 16.82 -31.44
N PRO C 275 43.20 17.99 -32.00
CA PRO C 275 44.60 18.36 -32.04
C PRO C 275 45.03 18.84 -30.67
N ILE D 8 6.87 -27.93 -34.94
CA ILE D 8 7.06 -27.74 -36.41
C ILE D 8 6.85 -26.27 -36.85
N VAL D 9 5.94 -25.58 -36.16
CA VAL D 9 5.84 -24.10 -36.20
C VAL D 9 7.11 -23.45 -35.61
N GLY D 10 7.81 -24.21 -34.77
CA GLY D 10 9.12 -23.79 -34.26
C GLY D 10 10.23 -23.58 -35.27
N LYS D 11 10.12 -24.21 -36.46
CA LYS D 11 11.08 -23.97 -37.55
C LYS D 11 11.06 -22.49 -37.98
N SER D 12 9.90 -21.87 -37.98
CA SER D 12 9.83 -20.47 -38.29
C SER D 12 10.63 -19.61 -37.27
N LEU D 13 10.54 -19.96 -35.99
CA LEU D 13 11.32 -19.27 -34.98
C LEU D 13 12.81 -19.53 -35.18
N GLU D 14 13.19 -20.78 -35.47
CA GLU D 14 14.60 -21.11 -35.73
C GLU D 14 15.11 -20.30 -36.91
N HIS D 15 14.32 -20.21 -37.97
CA HIS D 15 14.76 -19.40 -39.11
C HIS D 15 15.00 -17.93 -38.76
N GLN D 16 14.07 -17.32 -38.03
CA GLN D 16 14.22 -15.93 -37.57
C GLN D 16 15.46 -15.73 -36.73
N LEU D 17 15.69 -16.61 -35.76
CA LEU D 17 16.87 -16.48 -34.90
C LEU D 17 18.17 -16.72 -35.66
N ASP D 18 18.18 -17.75 -36.52
CA ASP D 18 19.36 -18.08 -37.30
C ASP D 18 19.71 -16.97 -38.28
N THR D 19 18.71 -16.25 -38.77
CA THR D 19 18.94 -15.11 -39.66
C THR D 19 19.69 -13.98 -38.94
N VAL D 20 19.20 -13.59 -37.76
N VAL D 20 19.19 -13.57 -37.77
CA VAL D 20 19.84 -12.51 -37.01
CA VAL D 20 19.84 -12.52 -37.00
C VAL D 20 21.20 -12.92 -36.44
C VAL D 20 21.25 -12.95 -36.54
N ILE D 21 21.39 -14.21 -36.15
CA ILE D 21 22.70 -14.73 -35.70
C ILE D 21 23.71 -14.65 -36.88
N LYS D 22 23.28 -15.06 -38.06
CA LYS D 22 24.16 -14.97 -39.20
C LYS D 22 24.52 -13.50 -39.52
N GLU D 23 23.60 -12.57 -39.35
CA GLU D 23 23.91 -11.16 -39.62
C GLU D 23 24.90 -10.60 -38.59
N LEU D 24 24.70 -10.93 -37.33
CA LEU D 24 25.45 -10.27 -36.25
C LEU D 24 26.65 -11.02 -35.72
N ALA D 25 26.61 -12.34 -35.78
CA ALA D 25 27.68 -13.14 -35.21
C ALA D 25 27.92 -14.39 -36.03
N PRO D 26 28.31 -14.24 -37.29
CA PRO D 26 28.42 -15.38 -38.20
C PRO D 26 29.54 -16.33 -37.84
N ALA D 27 30.51 -15.89 -37.06
CA ALA D 27 31.59 -16.76 -36.65
C ALA D 27 31.52 -17.13 -35.17
N GLY D 28 30.43 -16.77 -34.49
CA GLY D 28 30.27 -17.07 -33.07
C GLY D 28 29.81 -18.51 -32.87
N ASN D 29 29.98 -18.99 -31.66
CA ASN D 29 29.41 -20.24 -31.24
C ASN D 29 28.14 -19.94 -30.41
N ILE D 30 27.00 -20.01 -31.07
CA ILE D 30 25.73 -19.53 -30.52
C ILE D 30 24.78 -20.71 -30.42
N SER D 31 24.28 -20.95 -29.21
CA SER D 31 23.32 -21.99 -28.96
C SER D 31 22.09 -21.40 -28.33
N TYR D 32 20.93 -21.99 -28.58
CA TYR D 32 19.70 -21.58 -27.89
C TYR D 32 18.72 -22.73 -27.78
N ALA D 33 17.78 -22.54 -26.88
CA ALA D 33 16.65 -23.44 -26.74
C ALA D 33 15.46 -22.63 -26.28
N VAL D 34 14.30 -22.88 -26.89
CA VAL D 34 13.06 -22.27 -26.49
C VAL D 34 12.08 -23.40 -26.20
N LEU D 35 11.55 -23.40 -24.98
CA LEU D 35 10.65 -24.46 -24.54
C LEU D 35 9.41 -23.91 -23.89
N GLN D 36 8.30 -24.64 -24.01
CA GLN D 36 7.13 -24.38 -23.24
C GLN D 36 7.13 -25.26 -21.97
N PHE D 37 6.84 -24.64 -20.83
CA PHE D 37 6.82 -25.27 -19.50
C PHE D 37 5.37 -25.26 -19.01
N ASP D 38 4.88 -26.43 -18.65
CA ASP D 38 3.58 -26.61 -18.02
C ASP D 38 3.74 -27.49 -16.80
N ASP D 39 3.00 -27.18 -15.74
CA ASP D 39 3.13 -27.94 -14.49
C ASP D 39 2.92 -29.43 -14.70
N GLU D 40 3.86 -30.20 -14.16
CA GLU D 40 3.82 -31.65 -14.20
C GLU D 40 3.83 -32.27 -15.60
N GLU D 41 4.20 -31.52 -16.63
CA GLU D 41 4.30 -32.05 -18.00
C GLU D 41 5.74 -31.92 -18.48
N GLU D 42 6.17 -32.85 -19.33
CA GLU D 42 7.47 -32.75 -20.01
C GLU D 42 7.49 -31.50 -20.81
N PRO D 43 8.61 -30.77 -20.77
CA PRO D 43 8.69 -29.56 -21.57
C PRO D 43 8.57 -29.87 -23.07
N THR D 44 7.96 -28.95 -23.82
CA THR D 44 7.91 -29.00 -25.25
C THR D 44 9.03 -28.17 -25.83
N LEU D 45 9.89 -28.77 -26.62
CA LEU D 45 10.97 -28.04 -27.29
C LEU D 45 10.41 -27.36 -28.53
N ILE D 46 10.47 -26.02 -28.57
CA ILE D 46 9.87 -25.26 -29.69
C ILE D 46 10.92 -24.95 -30.73
N ALA D 47 12.09 -24.50 -30.28
CA ALA D 47 13.17 -24.20 -31.19
C ALA D 47 14.48 -24.46 -30.51
N ALA D 48 15.49 -24.88 -31.26
CA ALA D 48 16.82 -25.15 -30.73
C ALA D 48 17.92 -24.98 -31.76
N ARG D 49 19.13 -24.69 -31.27
CA ARG D 49 20.33 -24.60 -32.10
C ARG D 49 21.50 -24.96 -31.19
N GLY D 50 22.26 -25.98 -31.56
CA GLY D 50 23.46 -26.32 -30.80
C GLY D 50 23.17 -26.58 -29.33
N GLU D 51 22.02 -27.19 -29.05
CA GLU D 51 21.48 -27.18 -27.72
C GLU D 51 22.19 -28.12 -26.76
N ASN D 52 23.07 -28.96 -27.27
CA ASN D 52 23.92 -29.83 -26.43
C ASN D 52 25.40 -29.44 -26.44
N THR D 53 25.72 -28.36 -27.13
CA THR D 53 27.11 -27.91 -27.16
C THR D 53 27.55 -27.45 -25.79
N VAL D 54 28.74 -27.89 -25.38
CA VAL D 54 29.31 -27.45 -24.15
C VAL D 54 29.91 -26.03 -24.30
N HIS D 55 29.42 -25.09 -23.50
CA HIS D 55 30.02 -23.75 -23.36
C HIS D 55 30.62 -23.60 -21.95
N SER D 56 31.60 -22.74 -21.82
CA SER D 56 32.03 -22.28 -20.50
C SER D 56 30.79 -21.67 -19.82
N SER D 57 30.54 -22.03 -18.58
CA SER D 57 29.29 -21.63 -17.96
C SER D 57 29.26 -20.14 -17.60
N ALA D 58 30.45 -19.61 -17.37
CA ALA D 58 30.58 -18.39 -16.70
C ALA D 58 29.66 -18.50 -15.45
N SER D 59 28.94 -17.48 -15.17
CA SER D 59 28.19 -17.50 -13.91
C SER D 59 26.92 -18.33 -13.90
N LEU D 60 26.54 -18.96 -15.03
CA LEU D 60 25.31 -19.75 -15.02
C LEU D 60 25.32 -20.92 -14.06
N ILE D 61 26.49 -21.44 -13.73
CA ILE D 61 26.61 -22.57 -12.85
C ILE D 61 26.09 -22.22 -11.46
N LYS D 62 26.03 -20.91 -11.17
CA LYS D 62 25.44 -20.44 -9.91
C LYS D 62 23.99 -20.94 -9.68
N VAL D 63 23.25 -21.18 -10.76
CA VAL D 63 21.89 -21.66 -10.62
C VAL D 63 21.88 -23.03 -9.93
N LEU D 64 22.81 -23.92 -10.31
CA LEU D 64 22.93 -25.25 -9.69
C LEU D 64 23.31 -25.14 -8.21
N ILE D 65 24.23 -24.23 -7.92
CA ILE D 65 24.67 -23.98 -6.53
C ILE D 65 23.47 -23.60 -5.66
N GLU D 67 20.32 -24.21 -6.23
CA GLU D 67 19.42 -25.34 -6.12
C GLU D 67 19.89 -26.26 -5.00
N TYR D 68 21.19 -26.49 -4.95
CA TYR D 68 21.74 -27.40 -3.98
C TYR D 68 21.54 -26.89 -2.58
N VAL D 69 21.74 -25.59 -2.37
CA VAL D 69 21.56 -24.98 -1.02
C VAL D 69 20.12 -25.22 -0.57
N PHE D 70 19.16 -24.95 -1.46
CA PHE D 70 17.75 -25.11 -1.10
C PHE D 70 17.30 -26.56 -0.93
N HIS D 71 17.91 -27.48 -1.68
CA HIS D 71 17.73 -28.89 -1.45
C HIS D 71 18.17 -29.32 -0.05
N LEU D 72 19.37 -28.90 0.35
CA LEU D 72 19.88 -29.16 1.66
C LEU D 72 18.97 -28.57 2.75
N ALA D 73 18.40 -27.37 2.51
CA ALA D 73 17.45 -26.78 3.47
C ALA D 73 16.17 -27.59 3.54
N ARG D 74 15.66 -28.00 2.38
CA ARG D 74 14.42 -28.71 2.31
C ARG D 74 14.53 -30.07 3.02
N THR D 75 15.70 -30.68 2.94
CA THR D 75 15.90 -32.00 3.53
C THR D 75 16.48 -31.89 4.92
N GLU D 76 16.52 -30.69 5.47
CA GLU D 76 16.91 -30.46 6.85
C GLU D 76 18.34 -30.83 7.14
N GLN D 77 19.17 -30.71 6.13
CA GLN D 77 20.60 -30.93 6.31
C GLN D 77 21.32 -29.63 6.57
N LEU D 78 20.69 -28.48 6.31
CA LEU D 78 21.21 -27.22 6.82
C LEU D 78 20.06 -26.29 7.09
N ASP D 79 20.31 -25.32 7.96
CA ASP D 79 19.39 -24.27 8.26
C ASP D 79 19.82 -23.08 7.38
N ILE D 80 18.91 -22.63 6.53
CA ILE D 80 19.26 -21.59 5.57
C ILE D 80 19.61 -20.26 6.26
N ASN D 81 19.25 -20.12 7.52
CA ASN D 81 19.57 -18.90 8.25
C ASN D 81 20.85 -19.01 9.06
N ASP D 82 21.54 -20.13 9.00
CA ASP D 82 22.90 -20.16 9.58
C ASP D 82 23.87 -19.30 8.78
N THR D 83 24.91 -18.78 9.42
CA THR D 83 25.79 -17.85 8.78
C THR D 83 27.15 -18.44 8.42
N VAL D 84 27.81 -17.74 7.52
CA VAL D 84 29.11 -18.06 6.98
C VAL D 84 29.90 -16.73 7.06
N PRO D 85 31.04 -16.73 7.74
CA PRO D 85 31.88 -15.52 7.74
C PRO D 85 32.44 -15.15 6.35
N LEU D 86 32.46 -13.87 6.05
CA LEU D 86 33.07 -13.36 4.80
C LEU D 86 34.56 -13.83 4.62
N SER D 87 35.23 -13.99 5.75
CA SER D 87 36.62 -14.43 5.81
C SER D 87 36.91 -15.85 5.28
N ARG D 88 35.87 -16.69 5.07
CA ARG D 88 36.05 -18.10 4.73
C ARG D 88 36.54 -18.40 3.32
N THR D 89 36.65 -17.41 2.45
CA THR D 89 37.25 -17.60 1.14
C THR D 89 38.06 -16.34 0.77
N PRO D 90 39.14 -16.49 -0.04
CA PRO D 90 39.87 -15.26 -0.40
C PRO D 90 39.00 -14.29 -1.17
N ARG D 91 39.26 -13.00 -0.97
CA ARG D 91 38.62 -11.98 -1.75
C ARG D 91 38.92 -12.18 -3.24
N VAL D 92 37.88 -12.15 -4.07
CA VAL D 92 38.04 -12.15 -5.52
C VAL D 92 37.16 -11.01 -6.08
N GLU D 93 37.48 -10.53 -7.27
CA GLU D 93 36.72 -9.46 -7.88
C GLU D 93 35.79 -10.00 -8.98
N GLY D 94 35.59 -9.24 -10.05
CA GLY D 94 34.81 -9.67 -11.16
C GLY D 94 33.34 -9.40 -10.95
N GLY D 95 32.95 -8.70 -9.88
CA GLY D 95 31.56 -8.35 -9.71
C GLY D 95 30.94 -8.83 -8.42
N GLY D 96 30.10 -7.95 -7.88
CA GLY D 96 29.37 -8.25 -6.66
C GLY D 96 29.56 -7.13 -5.63
N ALA D 97 28.91 -7.31 -4.51
CA ALA D 97 28.99 -6.34 -3.44
C ALA D 97 30.03 -6.74 -2.41
N LEU D 98 30.21 -8.03 -2.15
CA LEU D 98 31.07 -8.42 -1.05
C LEU D 98 32.51 -8.00 -1.28
N GLN D 99 32.91 -7.90 -2.55
CA GLN D 99 34.27 -7.45 -2.89
C GLN D 99 34.59 -6.02 -2.40
N GLU D 100 33.54 -5.22 -2.15
CA GLU D 100 33.73 -3.87 -1.61
C GLU D 100 33.81 -3.80 -0.08
N LEU D 101 33.56 -4.90 0.61
CA LEU D 101 33.48 -4.93 2.06
C LEU D 101 34.84 -5.14 2.69
N VAL D 102 35.06 -4.56 3.87
CA VAL D 102 36.35 -4.65 4.54
C VAL D 102 36.23 -5.12 5.96
N GLY D 103 35.08 -4.95 6.59
CA GLY D 103 34.94 -5.31 7.98
C GLY D 103 34.74 -6.81 8.20
N LYS D 104 34.53 -7.16 9.45
CA LYS D 104 34.12 -8.48 9.85
C LYS D 104 32.64 -8.52 9.45
N HIS D 105 32.25 -9.45 8.59
CA HIS D 105 30.83 -9.62 8.25
C HIS D 105 30.57 -11.11 8.21
N SER D 106 29.30 -11.46 8.41
N SER D 106 29.32 -11.48 8.44
CA SER D 106 28.80 -12.81 8.24
CA SER D 106 28.87 -12.82 8.12
C SER D 106 27.44 -12.78 7.53
C SER D 106 27.53 -12.71 7.41
N PHE D 107 27.21 -13.74 6.66
CA PHE D 107 26.01 -13.80 5.85
C PHE D 107 25.34 -15.17 5.97
N THR D 108 24.00 -15.19 5.94
CA THR D 108 23.29 -16.44 5.98
C THR D 108 23.38 -17.11 4.60
N TYR D 109 23.17 -18.42 4.58
CA TYR D 109 23.08 -19.11 3.28
C TYR D 109 22.06 -18.43 2.36
N LEU D 110 20.94 -17.99 2.92
CA LEU D 110 19.92 -17.31 2.14
C LEU D 110 20.49 -16.03 1.52
N GLU D 111 21.14 -15.20 2.35
CA GLU D 111 21.74 -13.95 1.87
C GLU D 111 22.78 -14.21 0.77
N LEU D 112 23.59 -15.25 0.96
CA LEU D 112 24.62 -15.53 0.00
C LEU D 112 24.03 -16.02 -1.32
N CYS D 113 22.99 -16.84 -1.26
CA CYS D 113 22.30 -17.27 -2.50
C CYS D 113 21.76 -16.09 -3.24
N ARG D 114 21.10 -15.19 -2.51
CA ARG D 114 20.53 -13.99 -3.11
C ARG D 114 21.57 -13.13 -3.84
N LEU D 115 22.68 -12.82 -3.19
CA LEU D 115 23.74 -12.00 -3.76
C LEU D 115 24.43 -12.70 -4.91
N VAL D 118 21.40 -12.53 -7.81
CA VAL D 118 20.83 -11.29 -8.37
C VAL D 118 21.87 -10.28 -8.85
N LEU D 119 23.07 -10.37 -8.29
CA LEU D 119 24.17 -9.50 -8.67
C LEU D 119 25.43 -10.25 -9.10
N SER D 120 25.30 -11.56 -9.28
CA SER D 120 26.39 -12.45 -9.71
C SER D 120 27.62 -12.23 -8.83
N ASP D 121 27.40 -12.21 -7.52
CA ASP D 121 28.47 -11.94 -6.57
C ASP D 121 29.42 -13.14 -6.50
N ASN D 122 30.69 -12.94 -6.89
CA ASN D 122 31.67 -14.02 -6.97
C ASN D 122 32.16 -14.50 -5.63
N ILE D 123 32.29 -13.60 -4.66
CA ILE D 123 32.68 -14.02 -3.34
C ILE D 123 31.57 -14.82 -2.68
N ALA D 124 30.34 -14.35 -2.77
CA ALA D 124 29.19 -15.12 -2.25
C ALA D 124 29.20 -16.55 -2.79
N THR D 125 29.47 -16.65 -4.09
CA THR D 125 29.55 -17.95 -4.73
C THR D 125 30.65 -18.83 -4.18
N ASN D 126 31.87 -18.27 -4.06
CA ASN D 126 32.98 -19.01 -3.54
C ASN D 126 32.83 -19.39 -2.05
N LEU D 127 32.16 -18.55 -1.27
CA LEU D 127 31.83 -18.90 0.09
C LEU D 127 30.94 -20.14 0.12
N LEU D 128 29.91 -20.16 -0.71
CA LEU D 128 29.05 -21.35 -0.81
C LEU D 128 29.77 -22.60 -1.30
N ILE D 129 30.59 -22.45 -2.33
CA ILE D 129 31.38 -23.59 -2.81
C ILE D 129 32.28 -24.14 -1.70
N THR D 130 32.93 -23.24 -0.99
CA THR D 130 33.87 -23.63 0.09
C THR D 130 33.16 -24.45 1.15
N VAL D 131 31.99 -24.01 1.60
CA VAL D 131 31.31 -24.72 2.67
C VAL D 131 30.49 -25.90 2.17
N LEU D 132 30.02 -25.90 0.93
CA LEU D 132 29.17 -27.01 0.47
C LEU D 132 29.97 -28.15 -0.15
N GLY D 133 31.04 -27.80 -0.88
CA GLY D 133 31.99 -28.74 -1.47
C GLY D 133 31.65 -28.92 -2.95
N GLU D 135 32.53 -31.36 -5.09
CA GLU D 135 32.09 -32.70 -5.42
C GLU D 135 30.62 -32.92 -5.09
N ASN D 136 30.16 -32.40 -3.96
CA ASN D 136 28.75 -32.48 -3.59
C ASN D 136 27.84 -31.71 -4.50
N ILE D 137 28.28 -30.54 -4.95
CA ILE D 137 27.51 -29.78 -5.95
C ILE D 137 27.38 -30.58 -7.26
N ASN D 138 28.48 -31.15 -7.76
CA ASN D 138 28.40 -32.02 -8.93
C ASN D 138 27.55 -33.28 -8.74
N ALA D 139 27.60 -33.89 -7.55
CA ALA D 139 26.76 -35.06 -7.27
C ALA D 139 25.30 -34.66 -7.37
N ARG D 140 24.97 -33.44 -6.97
CA ARG D 140 23.60 -32.96 -7.09
C ARG D 140 23.17 -32.84 -8.55
N ALA D 141 24.05 -32.29 -9.39
CA ALA D 141 23.77 -32.21 -10.81
C ALA D 141 23.51 -33.61 -11.38
N GLU D 142 24.31 -34.59 -10.96
CA GLU D 142 24.10 -35.98 -11.41
C GLU D 142 22.71 -36.51 -10.98
N LYS D 143 22.35 -36.27 -9.74
CA LYS D 143 21.07 -36.70 -9.22
C LYS D 143 19.91 -36.05 -9.98
N LEU D 144 20.06 -34.79 -10.38
CA LEU D 144 19.04 -34.12 -11.15
C LEU D 144 19.03 -34.47 -12.65
N GLY D 145 20.01 -35.23 -13.10
CA GLY D 145 20.16 -35.53 -14.53
C GLY D 145 20.60 -34.34 -15.37
N VAL D 146 21.39 -33.42 -14.78
CA VAL D 146 21.86 -32.24 -15.53
C VAL D 146 23.38 -32.15 -15.46
N ASP D 147 24.03 -33.30 -15.33
CA ASP D 147 25.47 -33.28 -15.12
C ASP D 147 26.31 -33.01 -16.38
N GLU D 148 25.68 -32.63 -17.50
CA GLU D 148 26.46 -31.99 -18.55
C GLU D 148 26.97 -30.64 -18.05
N GLU D 150 28.98 -28.71 -15.19
CA GLU D 150 29.99 -29.14 -14.22
C GLU D 150 30.65 -27.96 -13.53
N LEU D 151 30.90 -28.11 -12.25
CA LEU D 151 31.60 -27.14 -11.46
C LEU D 151 32.98 -27.72 -11.18
N ASN D 152 34.00 -27.19 -11.86
CA ASN D 152 35.40 -27.64 -11.69
C ASN D 152 36.36 -26.60 -11.09
N ARG D 153 35.91 -25.34 -10.97
CA ARG D 153 36.78 -24.28 -10.44
C ARG D 153 35.93 -23.24 -9.75
N ASP D 157 39.15 -18.08 -10.53
CA ASP D 157 40.37 -18.88 -10.41
C ASP D 157 41.00 -19.09 -11.81
N PHE D 158 41.77 -18.12 -12.20
CA PHE D 158 42.49 -18.11 -13.47
C PHE D 158 43.57 -19.19 -13.58
N ASN D 159 44.30 -19.48 -12.50
CA ASN D 159 45.23 -20.63 -12.53
C ASN D 159 44.55 -21.94 -12.87
N ALA D 160 43.39 -22.19 -12.25
CA ALA D 160 42.68 -23.45 -12.46
C ALA D 160 42.35 -23.54 -13.92
N LEU D 161 41.89 -22.43 -14.45
CA LEU D 161 41.56 -22.40 -15.87
C LEU D 161 42.75 -22.74 -16.72
N ALA D 162 43.90 -22.14 -16.42
CA ALA D 162 45.13 -22.44 -17.18
C ALA D 162 45.62 -23.89 -16.99
N GLU D 163 45.24 -24.55 -15.90
CA GLU D 163 45.51 -25.97 -15.67
C GLU D 163 44.46 -26.92 -16.23
N GLY D 164 43.54 -26.39 -17.04
CA GLY D 164 42.52 -27.20 -17.69
C GLY D 164 41.27 -27.51 -16.89
N ARG D 165 41.00 -26.74 -15.83
CA ARG D 165 39.77 -26.90 -15.06
C ARG D 165 38.83 -25.73 -15.38
N ASP D 166 37.64 -26.03 -15.92
CA ASP D 166 36.68 -24.98 -16.23
C ASP D 166 35.24 -25.43 -15.91
N ASN D 167 34.37 -24.46 -15.73
CA ASN D 167 32.96 -24.70 -15.46
C ASN D 167 32.22 -24.71 -16.78
N HIS D 168 31.32 -25.65 -16.93
CA HIS D 168 30.66 -25.91 -18.20
C HIS D 168 29.14 -25.99 -18.05
N ILE D 169 28.46 -25.72 -19.16
CA ILE D 169 27.02 -25.85 -19.20
C ILE D 169 26.61 -26.17 -20.66
N THR D 170 25.40 -26.68 -20.85
CA THR D 170 24.77 -26.80 -22.16
C THR D 170 23.37 -26.20 -22.06
N ALA D 171 22.79 -25.85 -23.21
CA ALA D 171 21.45 -25.24 -23.19
C ALA D 171 20.40 -26.19 -22.62
N SER D 173 20.83 -28.88 -20.54
CA SER D 173 20.97 -29.20 -19.15
C SER D 173 20.44 -28.02 -18.31
N LEU D 174 20.71 -26.79 -18.73
CA LEU D 174 20.22 -25.61 -18.03
C LEU D 174 18.71 -25.59 -18.13
N ALA D 175 18.15 -25.94 -19.30
CA ALA D 175 16.69 -26.01 -19.44
C ALA D 175 16.06 -27.01 -18.48
N ARG D 176 16.67 -28.18 -18.36
CA ARG D 176 16.14 -29.18 -17.44
C ARG D 176 16.26 -28.71 -15.99
N LEU D 177 17.33 -28.03 -15.64
CA LEU D 177 17.47 -27.49 -14.30
C LEU D 177 16.34 -26.47 -13.99
N TYR D 178 16.10 -25.57 -14.93
CA TYR D 178 15.00 -24.61 -14.82
C TYR D 178 13.64 -25.28 -14.74
N LYS D 179 13.43 -26.37 -15.47
CA LYS D 179 12.15 -27.08 -15.34
C LYS D 179 11.99 -27.62 -13.92
N HIS D 180 13.06 -28.14 -13.36
CA HIS D 180 13.01 -28.68 -12.02
C HIS D 180 12.69 -27.56 -11.00
N ILE D 181 13.32 -26.41 -11.16
CA ILE D 181 13.03 -25.25 -10.29
C ILE D 181 11.61 -24.75 -10.45
N PHE D 182 11.17 -24.64 -11.72
CA PHE D 182 9.78 -24.32 -12.04
C PHE D 182 8.81 -25.25 -11.31
N GLU D 183 9.08 -26.55 -11.34
CA GLU D 183 8.23 -27.53 -10.68
C GLU D 183 8.15 -27.33 -9.16
N CYS D 184 9.20 -26.78 -8.57
CA CYS D 184 9.25 -26.51 -7.11
C CYS D 184 8.64 -25.17 -6.63
N ARG D 185 8.33 -24.28 -7.56
CA ARG D 185 8.08 -22.88 -7.26
C ARG D 185 6.87 -22.64 -6.35
N ASP D 186 5.90 -23.54 -6.35
CA ASP D 186 4.74 -23.40 -5.48
C ASP D 186 4.66 -24.52 -4.42
N ARG D 187 5.71 -25.32 -4.28
CA ARG D 187 5.62 -26.50 -3.42
C ARG D 187 5.84 -26.14 -1.94
N ASP D 188 6.83 -25.28 -1.71
CA ASP D 188 7.25 -24.94 -0.34
C ASP D 188 7.99 -23.63 -0.30
N VAL D 189 8.37 -23.17 0.88
CA VAL D 189 8.98 -21.84 0.95
C VAL D 189 10.34 -21.78 0.28
N TYR D 190 11.02 -22.93 0.13
CA TYR D 190 12.37 -22.97 -0.45
C TYR D 190 12.26 -22.85 -1.98
N GLY D 191 11.37 -23.64 -2.57
CA GLY D 191 11.11 -23.50 -3.99
C GLY D 191 10.58 -22.14 -4.40
N ARG D 192 9.70 -21.58 -3.59
CA ARG D 192 9.16 -20.25 -3.86
C ARG D 192 10.28 -19.20 -3.83
N GLU D 193 11.14 -19.27 -2.81
CA GLU D 193 12.25 -18.34 -2.72
C GLU D 193 13.20 -18.43 -3.88
N TRP D 195 12.42 -19.31 -6.95
CA TRP D 195 11.68 -18.66 -8.03
C TRP D 195 11.73 -17.13 -7.88
N ASN D 196 11.53 -16.63 -6.67
CA ASN D 196 11.51 -15.20 -6.42
C ASN D 196 12.91 -14.61 -6.66
N ILE D 197 13.93 -15.32 -6.21
CA ILE D 197 15.32 -14.88 -6.45
C ILE D 197 15.63 -14.76 -7.94
N LEU D 198 15.24 -15.80 -8.70
CA LEU D 198 15.41 -15.74 -10.16
C LEU D 198 14.75 -14.52 -10.76
N GLY D 199 13.54 -14.21 -10.28
CA GLY D 199 12.80 -13.06 -10.73
C GLY D 199 13.30 -11.70 -10.30
N ARG D 200 14.27 -11.64 -9.40
CA ARG D 200 14.82 -10.37 -8.91
C ARG D 200 16.20 -10.12 -9.52
N GLN D 201 16.51 -10.87 -10.58
CA GLN D 201 17.77 -10.67 -11.30
C GLN D 201 17.93 -9.21 -11.68
N GLN D 202 19.11 -8.63 -11.36
CA GLN D 202 19.32 -7.23 -11.63
C GLN D 202 19.93 -6.92 -13.00
N PHE D 203 20.53 -7.89 -13.69
CA PHE D 203 21.19 -7.59 -14.97
C PHE D 203 20.24 -7.94 -16.13
N ARG D 204 19.70 -6.90 -16.79
CA ARG D 204 18.69 -7.06 -17.82
C ARG D 204 19.23 -6.56 -19.17
N ASP D 205 20.53 -6.75 -19.35
CA ASP D 205 21.19 -6.27 -20.55
C ASP D 205 21.16 -7.20 -21.74
N ILE D 206 20.66 -8.40 -21.53
CA ILE D 206 20.63 -9.42 -22.61
C ILE D 206 19.17 -9.67 -23.08
N LEU D 207 18.61 -10.84 -22.74
CA LEU D 207 17.29 -11.21 -23.28
C LEU D 207 16.14 -10.21 -23.04
N PRO D 208 16.06 -9.61 -21.84
CA PRO D 208 14.95 -8.71 -21.59
C PRO D 208 15.22 -7.26 -21.97
N PHE D 209 16.30 -6.97 -22.67
CA PHE D 209 16.68 -5.58 -22.93
C PHE D 209 15.53 -4.72 -23.45
N TYR D 210 14.81 -5.25 -24.46
CA TYR D 210 13.67 -4.53 -25.06
C TYR D 210 12.32 -4.77 -24.41
N TRP D 211 12.24 -5.59 -23.37
CA TRP D 211 10.91 -6.00 -22.86
C TRP D 211 10.22 -4.93 -22.01
N GLY D 212 11.01 -4.06 -21.42
CA GLY D 212 10.50 -3.09 -20.45
C GLY D 212 10.68 -3.57 -19.01
N GLU D 213 10.91 -2.67 -18.06
N GLU D 213 10.88 -2.58 -18.12
CA GLU D 213 11.15 -3.11 -16.68
CA GLU D 213 10.96 -2.75 -16.67
C GLU D 213 9.88 -3.68 -15.99
C GLU D 213 9.92 -3.71 -16.12
N GLY D 214 8.69 -3.50 -16.56
CA GLY D 214 7.54 -4.20 -16.00
C GLY D 214 7.46 -5.71 -16.23
N ILE D 215 8.33 -6.27 -17.06
CA ILE D 215 8.20 -7.67 -17.44
C ILE D 215 9.19 -8.46 -16.60
N ARG D 216 8.67 -9.24 -15.67
CA ARG D 216 9.52 -10.07 -14.82
C ARG D 216 10.08 -11.26 -15.61
N PHE D 217 11.34 -11.61 -15.35
CA PHE D 217 11.93 -12.76 -16.00
C PHE D 217 12.70 -13.45 -14.89
N HIS D 218 12.62 -14.76 -14.86
CA HIS D 218 13.22 -15.59 -13.82
C HIS D 218 14.47 -16.19 -14.41
N HIS D 219 15.61 -15.53 -14.15
CA HIS D 219 16.75 -15.77 -14.95
C HIS D 219 18.08 -15.46 -14.28
N LYS D 220 19.12 -15.83 -15.01
CA LYS D 220 20.50 -15.54 -14.60
C LYS D 220 21.35 -15.29 -15.84
N THR D 221 22.26 -14.30 -15.80
CA THR D 221 23.14 -14.02 -16.94
C THR D 221 24.52 -14.56 -16.62
N GLY D 222 25.38 -14.65 -17.62
CA GLY D 222 26.79 -14.98 -17.35
C GLY D 222 27.64 -14.23 -18.34
N SER D 223 28.80 -13.74 -17.91
N SER D 223 28.85 -13.90 -17.93
CA SER D 223 29.72 -13.07 -18.83
CA SER D 223 29.72 -13.11 -18.78
C SER D 223 31.14 -13.43 -18.44
C SER D 223 31.15 -13.43 -18.42
N LEU D 224 31.97 -13.66 -19.44
CA LEU D 224 33.43 -13.73 -19.30
C LEU D 224 33.96 -13.09 -20.60
N ASP D 225 35.27 -12.94 -20.73
CA ASP D 225 35.82 -12.45 -21.97
C ASP D 225 35.31 -13.30 -23.15
N ARG D 226 34.67 -12.65 -24.10
CA ARG D 226 34.09 -13.29 -25.29
C ARG D 226 33.00 -14.36 -25.03
N VAL D 227 32.35 -14.27 -23.87
CA VAL D 227 31.25 -15.13 -23.47
C VAL D 227 30.12 -14.25 -22.89
N GLU D 228 28.93 -14.36 -23.46
CA GLU D 228 27.71 -13.74 -22.95
C GLU D 228 26.55 -14.71 -23.02
N HIS D 229 25.94 -14.96 -21.87
CA HIS D 229 24.83 -15.87 -21.73
C HIS D 229 23.63 -15.27 -21.00
N ASP D 230 22.44 -15.76 -21.33
CA ASP D 230 21.25 -15.45 -20.48
C ASP D 230 20.28 -16.61 -20.64
N GLY D 231 19.66 -17.00 -19.56
CA GLY D 231 18.62 -18.02 -19.65
C GLY D 231 17.67 -17.98 -18.48
N GLY D 232 16.40 -18.29 -18.75
CA GLY D 232 15.40 -18.27 -17.72
C GLY D 232 13.99 -18.48 -18.24
N VAL D 233 13.04 -18.21 -17.37
CA VAL D 233 11.65 -18.51 -17.59
C VAL D 233 10.82 -17.22 -17.53
N ILE D 234 10.02 -17.01 -18.55
CA ILE D 234 9.10 -15.88 -18.59
C ILE D 234 7.67 -16.37 -18.47
N GLU D 235 6.86 -15.67 -17.67
CA GLU D 235 5.43 -15.93 -17.65
C GLU D 235 4.74 -14.98 -18.62
N THR D 236 4.04 -15.53 -19.61
CA THR D 236 3.27 -14.75 -20.56
C THR D 236 1.80 -15.01 -20.31
N PHE D 237 0.96 -14.24 -20.98
CA PHE D 237 -0.48 -14.49 -20.95
C PHE D 237 -0.83 -15.89 -21.47
N ARG D 238 0.02 -16.47 -22.32
CA ARG D 238 -0.16 -17.81 -22.89
C ARG D 238 0.48 -18.96 -22.12
N GLY D 239 1.17 -18.66 -21.00
CA GLY D 239 1.86 -19.67 -20.20
C GLY D 239 3.32 -19.35 -20.01
N HIS D 240 4.05 -20.27 -19.40
CA HIS D 240 5.47 -20.09 -19.15
C HIS D 240 6.30 -20.63 -20.30
N PHE D 241 7.37 -19.93 -20.62
CA PHE D 241 8.33 -20.40 -21.62
C PHE D 241 9.74 -20.25 -21.05
N CYS D 242 10.61 -21.16 -21.40
CA CYS D 242 12.03 -21.09 -21.04
C CYS D 242 12.81 -20.65 -22.26
N PHE D 243 13.64 -19.62 -22.07
CA PHE D 243 14.48 -19.05 -23.14
C PHE D 243 15.95 -19.21 -22.68
N ILE D 244 16.77 -19.91 -23.45
CA ILE D 244 18.18 -20.08 -23.08
C ILE D 244 18.99 -19.59 -24.27
N LEU D 245 19.96 -18.72 -24.04
CA LEU D 245 20.83 -18.26 -25.08
C LEU D 245 22.28 -18.30 -24.56
N LEU D 246 23.10 -19.12 -25.24
CA LEU D 246 24.51 -19.25 -24.91
C LEU D 246 25.36 -18.74 -26.05
N SER D 248 29.32 -17.90 -27.20
CA SER D 248 30.77 -17.94 -27.00
C SER D 248 31.49 -17.53 -28.30
N ASP D 249 32.75 -17.19 -28.15
CA ASP D 249 33.58 -16.67 -29.22
C ASP D 249 32.93 -15.52 -29.98
N ILE D 250 32.54 -14.50 -29.21
CA ILE D 250 31.86 -13.36 -29.72
C ILE D 250 32.39 -12.14 -28.96
N ASP D 251 32.54 -10.98 -29.63
CA ASP D 251 32.84 -9.73 -28.91
C ASP D 251 31.74 -9.52 -27.87
N ASN D 252 32.10 -9.16 -26.64
CA ASN D 252 31.10 -9.04 -25.60
C ASN D 252 30.00 -8.05 -25.93
N ASP D 253 30.38 -6.89 -26.45
CA ASP D 253 29.35 -5.88 -26.87
C ASP D 253 28.41 -6.45 -27.92
N ARG D 254 28.98 -7.15 -28.90
CA ARG D 254 28.15 -7.75 -29.95
C ARG D 254 27.23 -8.80 -29.39
N GLY D 255 27.74 -9.58 -28.43
CA GLY D 255 26.92 -10.60 -27.80
C GLY D 255 25.71 -9.97 -27.08
N LYS D 256 25.96 -8.90 -26.34
CA LYS D 256 24.83 -8.24 -25.67
C LYS D 256 23.81 -7.72 -26.68
N GLU D 257 24.27 -7.15 -27.79
CA GLU D 257 23.35 -6.66 -28.83
C GLU D 257 22.53 -7.78 -29.45
N LEU D 258 23.20 -8.89 -29.75
CA LEU D 258 22.56 -10.03 -30.40
C LEU D 258 21.54 -10.61 -29.42
N GLY D 259 21.93 -10.71 -28.16
CA GLY D 259 21.03 -11.21 -27.13
C GLY D 259 19.75 -10.39 -26.98
N ALA D 260 19.88 -9.05 -27.04
CA ALA D 260 18.71 -8.19 -26.99
C ALA D 260 17.77 -8.46 -28.18
N GLN D 261 18.34 -8.58 -29.39
CA GLN D 261 17.54 -8.95 -30.57
C GLN D 261 16.84 -10.29 -30.39
N VAL D 262 17.58 -11.29 -29.92
CA VAL D 262 17.05 -12.63 -29.74
C VAL D 262 15.90 -12.67 -28.73
N GLY D 263 16.09 -11.98 -27.60
CA GLY D 263 15.05 -12.00 -26.58
C GLY D 263 13.77 -11.38 -27.10
N ARG D 264 13.89 -10.32 -27.88
CA ARG D 264 12.70 -9.70 -28.43
C ARG D 264 12.01 -10.64 -29.40
N ILE D 265 12.78 -11.35 -30.24
CA ILE D 265 12.17 -12.26 -31.22
C ILE D 265 11.48 -13.41 -30.50
N LYS D 267 10.22 -13.61 -27.34
CA LYS D 267 9.02 -13.17 -26.64
C LYS D 267 7.87 -12.91 -27.60
N GLU D 268 8.15 -12.21 -28.71
CA GLU D 268 7.11 -11.91 -29.67
C GLU D 268 6.55 -13.20 -30.26
N PHE D 269 7.42 -14.18 -30.50
CA PHE D 269 7.01 -15.40 -31.17
C PHE D 269 6.07 -16.22 -30.29
N VAL D 270 6.46 -16.42 -29.04
CA VAL D 270 5.64 -17.24 -28.17
C VAL D 270 4.34 -16.53 -27.84
N GLU D 271 4.33 -15.21 -27.87
CA GLU D 271 3.11 -14.46 -27.60
C GLU D 271 2.16 -14.36 -28.78
N GLU D 272 2.67 -14.34 -30.00
CA GLU D 272 1.88 -14.01 -31.19
C GLU D 272 1.84 -15.08 -32.29
N ALA D 273 2.85 -15.94 -32.37
CA ALA D 273 3.00 -16.87 -33.52
C ALA D 273 2.72 -18.32 -33.17
N LEU D 274 2.56 -18.62 -31.89
CA LEU D 274 2.30 -19.99 -31.46
C LEU D 274 0.78 -20.19 -31.50
N PRO D 275 0.31 -21.27 -32.15
CA PRO D 275 -1.12 -21.42 -32.49
C PRO D 275 -2.08 -21.25 -31.31
N ILE E 8 -19.63 12.35 -18.41
CA ILE E 8 -18.21 12.01 -18.21
C ILE E 8 -17.27 12.84 -19.12
N VAL E 9 -17.87 13.61 -20.03
CA VAL E 9 -17.18 14.72 -20.71
C VAL E 9 -16.82 15.79 -19.67
N GLY E 10 -17.42 15.69 -18.50
CA GLY E 10 -17.09 16.53 -17.37
C GLY E 10 -15.66 16.46 -16.87
N LYS E 11 -14.98 15.32 -17.06
CA LYS E 11 -13.56 15.19 -16.69
C LYS E 11 -12.67 16.19 -17.50
N SER E 12 -13.02 16.47 -18.73
CA SER E 12 -12.34 17.51 -19.51
C SER E 12 -12.45 18.91 -18.84
N LEU E 13 -13.64 19.26 -18.40
CA LEU E 13 -13.85 20.52 -17.71
C LEU E 13 -13.08 20.55 -16.39
N GLU E 14 -13.11 19.47 -15.62
CA GLU E 14 -12.32 19.41 -14.40
C GLU E 14 -10.83 19.60 -14.68
N HIS E 15 -10.33 18.96 -15.73
CA HIS E 15 -8.91 19.13 -16.05
C HIS E 15 -8.57 20.58 -16.38
N GLN E 16 -9.41 21.26 -17.18
CA GLN E 16 -9.17 22.68 -17.50
C GLN E 16 -9.18 23.58 -16.25
N LEU E 17 -10.15 23.36 -15.37
CA LEU E 17 -10.27 24.14 -14.13
C LEU E 17 -9.11 23.82 -13.21
N ASP E 18 -8.81 22.55 -13.06
CA ASP E 18 -7.71 22.15 -12.17
C ASP E 18 -6.35 22.67 -12.63
N THR E 19 -6.16 22.78 -13.93
CA THR E 19 -4.92 23.34 -14.50
C THR E 19 -4.76 24.82 -14.08
N VAL E 20 -5.81 25.64 -14.28
CA VAL E 20 -5.70 27.05 -13.96
C VAL E 20 -5.58 27.26 -12.44
N ILE E 21 -6.26 26.41 -11.66
CA ILE E 21 -6.17 26.48 -10.19
C ILE E 21 -4.71 26.19 -9.74
N LYS E 22 -4.12 25.16 -10.32
CA LYS E 22 -2.72 24.84 -10.01
C LYS E 22 -1.79 26.00 -10.42
N GLU E 23 -2.04 26.65 -11.55
CA GLU E 23 -1.23 27.78 -12.00
C GLU E 23 -1.38 28.98 -11.08
N LEU E 24 -2.60 29.32 -10.68
CA LEU E 24 -2.85 30.59 -10.00
C LEU E 24 -2.94 30.50 -8.47
N ALA E 25 -3.31 29.35 -7.93
CA ALA E 25 -3.55 29.19 -6.50
C ALA E 25 -3.22 27.77 -6.05
N PRO E 26 -1.95 27.35 -6.26
CA PRO E 26 -1.58 25.99 -5.96
C PRO E 26 -1.72 25.65 -4.48
N ALA E 27 -1.68 26.63 -3.58
CA ALA E 27 -1.82 26.34 -2.16
C ALA E 27 -3.19 26.74 -1.56
N GLY E 28 -4.12 27.15 -2.41
CA GLY E 28 -5.44 27.59 -1.94
C GLY E 28 -6.33 26.41 -1.66
N ASN E 29 -7.42 26.64 -0.95
CA ASN E 29 -8.44 25.66 -0.75
C ASN E 29 -9.60 26.03 -1.69
N ILE E 30 -9.63 25.38 -2.86
CA ILE E 30 -10.52 25.79 -3.92
C ILE E 30 -11.50 24.67 -4.18
N SER E 31 -12.79 24.98 -4.09
CA SER E 31 -13.86 24.04 -4.40
C SER E 31 -14.75 24.57 -5.50
N TYR E 32 -15.27 23.68 -6.32
CA TYR E 32 -16.26 24.07 -7.34
C TYR E 32 -17.24 22.96 -7.62
N ALA E 33 -18.37 23.36 -8.16
CA ALA E 33 -19.34 22.44 -8.75
C ALA E 33 -20.01 23.10 -9.95
N VAL E 34 -20.23 22.30 -11.02
CA VAL E 34 -20.89 22.73 -12.21
C VAL E 34 -22.01 21.69 -12.45
N LEU E 35 -23.25 22.18 -12.52
CA LEU E 35 -24.39 21.31 -12.66
C LEU E 35 -25.33 21.82 -13.72
N GLN E 36 -26.05 20.89 -14.34
N GLN E 36 -26.05 20.89 -14.36
CA GLN E 36 -27.14 21.21 -15.24
CA GLN E 36 -27.14 21.27 -15.22
C GLN E 36 -28.45 21.16 -14.46
C GLN E 36 -28.45 21.17 -14.45
N PHE E 37 -29.26 22.21 -14.58
CA PHE E 37 -30.54 22.31 -13.90
C PHE E 37 -31.65 22.26 -14.92
N ASP E 38 -32.59 21.34 -14.71
CA ASP E 38 -33.80 21.23 -15.52
C ASP E 38 -34.99 21.13 -14.62
N ASP E 39 -36.09 21.73 -15.02
CA ASP E 39 -37.31 21.72 -14.21
C ASP E 39 -37.77 20.31 -13.82
N GLU E 40 -37.98 20.13 -12.52
CA GLU E 40 -38.51 18.91 -11.94
C GLU E 40 -37.59 17.71 -12.12
N GLU E 41 -36.31 17.92 -12.41
CA GLU E 41 -35.36 16.82 -12.55
C GLU E 41 -34.24 17.00 -11.58
N GLU E 42 -33.72 15.89 -11.10
CA GLU E 42 -32.55 15.93 -10.25
C GLU E 42 -31.40 16.58 -11.04
N PRO E 43 -30.64 17.48 -10.41
CA PRO E 43 -29.49 18.08 -11.13
C PRO E 43 -28.44 17.08 -11.60
N THR E 44 -27.85 17.32 -12.77
CA THR E 44 -26.72 16.56 -13.24
C THR E 44 -25.43 17.26 -12.85
N LEU E 45 -24.60 16.58 -12.08
CA LEU E 45 -23.31 17.10 -11.69
C LEU E 45 -22.33 16.88 -12.86
N ILE E 46 -21.82 17.95 -13.47
CA ILE E 46 -20.92 17.86 -14.61
C ILE E 46 -19.47 17.82 -14.19
N ALA E 47 -19.09 18.65 -13.23
CA ALA E 47 -17.69 18.75 -12.82
C ALA E 47 -17.67 19.16 -11.37
N ALA E 48 -16.70 18.66 -10.60
CA ALA E 48 -16.64 18.98 -9.19
C ALA E 48 -15.26 18.82 -8.65
N ARG E 49 -14.96 19.59 -7.59
CA ARG E 49 -13.71 19.55 -6.87
C ARG E 49 -14.01 19.95 -5.44
N GLY E 50 -13.72 19.08 -4.48
CA GLY E 50 -13.86 19.45 -3.09
C GLY E 50 -15.26 19.95 -2.79
N GLU E 51 -16.24 19.31 -3.44
CA GLU E 51 -17.61 19.86 -3.47
C GLU E 51 -18.38 19.71 -2.14
N ASN E 52 -17.81 18.96 -1.18
CA ASN E 52 -18.40 18.85 0.15
C ASN E 52 -17.55 19.51 1.23
N THR E 53 -16.43 20.13 0.86
CA THR E 53 -15.57 20.77 1.85
C THR E 53 -16.26 21.95 2.47
N VAL E 54 -16.16 22.05 3.78
CA VAL E 54 -16.71 23.19 4.49
C VAL E 54 -15.79 24.40 4.39
N HIS E 55 -16.32 25.49 3.83
CA HIS E 55 -15.69 26.80 3.84
C HIS E 55 -16.47 27.77 4.72
N SER E 56 -15.80 28.78 5.25
N SER E 56 -15.79 28.78 5.23
CA SER E 56 -16.45 29.94 5.81
CA SER E 56 -16.44 29.97 5.75
C SER E 56 -17.36 30.56 4.72
C SER E 56 -17.42 30.45 4.66
N SER E 57 -18.63 30.81 5.05
CA SER E 57 -19.59 31.20 4.04
C SER E 57 -19.35 32.60 3.51
N ALA E 58 -18.75 33.45 4.33
CA ALA E 58 -18.80 34.84 4.10
C ALA E 58 -20.29 35.17 3.75
N SER E 59 -20.51 36.06 2.88
CA SER E 59 -21.87 36.47 2.61
C SER E 59 -22.80 35.47 1.92
N LEU E 60 -22.32 34.29 1.53
CA LEU E 60 -23.20 33.34 0.82
C LEU E 60 -24.38 32.81 1.62
N ILE E 61 -24.30 32.85 2.94
CA ILE E 61 -25.34 32.35 3.82
C ILE E 61 -26.57 33.28 3.71
N LYS E 62 -26.38 34.46 3.14
CA LYS E 62 -27.48 35.38 2.92
C LYS E 62 -28.55 34.76 1.99
N VAL E 63 -28.13 33.85 1.10
CA VAL E 63 -29.09 33.21 0.21
C VAL E 63 -30.15 32.39 1.00
N LEU E 64 -29.69 31.69 2.02
CA LEU E 64 -30.59 30.92 2.90
C LEU E 64 -31.51 31.85 3.67
N ILE E 65 -30.98 32.97 4.14
CA ILE E 65 -31.84 33.93 4.84
C ILE E 65 -33.00 34.45 3.97
N GLU E 67 -34.25 32.95 1.31
CA GLU E 67 -35.21 31.87 1.07
C GLU E 67 -36.20 31.76 2.25
N TYR E 68 -35.68 31.88 3.46
CA TYR E 68 -36.52 31.71 4.66
C TYR E 68 -37.56 32.82 4.75
N VAL E 69 -37.15 34.06 4.47
CA VAL E 69 -38.11 35.20 4.48
C VAL E 69 -39.23 34.91 3.50
N PHE E 70 -38.86 34.50 2.29
CA PHE E 70 -39.90 34.21 1.28
C PHE E 70 -40.78 32.99 1.58
N HIS E 71 -40.21 31.99 2.26
CA HIS E 71 -40.99 30.89 2.78
C HIS E 71 -42.05 31.36 3.81
N LEU E 72 -41.63 32.22 4.74
CA LEU E 72 -42.55 32.74 5.74
C LEU E 72 -43.64 33.53 5.05
N ALA E 73 -43.29 34.24 3.99
CA ALA E 73 -44.27 35.05 3.29
C ALA E 73 -45.26 34.16 2.54
N ARG E 74 -44.75 33.16 1.83
CA ARG E 74 -45.60 32.24 1.13
C ARG E 74 -46.56 31.52 2.05
N THR E 75 -46.09 31.17 3.23
CA THR E 75 -46.95 30.42 4.18
C THR E 75 -47.74 31.33 5.09
N GLU E 76 -47.74 32.63 4.81
CA GLU E 76 -48.55 33.61 5.51
C GLU E 76 -48.18 33.77 6.97
N GLN E 77 -46.94 33.49 7.31
CA GLN E 77 -46.44 33.76 8.65
C GLN E 77 -45.87 35.16 8.78
N LEU E 78 -45.68 35.85 7.65
CA LEU E 78 -45.34 37.28 7.67
C LEU E 78 -45.79 37.91 6.39
N ASP E 79 -45.96 39.20 6.45
CA ASP E 79 -46.29 40.02 5.29
C ASP E 79 -44.99 40.67 4.83
N ILE E 80 -44.61 40.43 3.58
CA ILE E 80 -43.29 40.84 3.09
C ILE E 80 -43.20 42.37 3.02
N ASN E 81 -44.35 43.04 3.07
CA ASN E 81 -44.39 44.50 3.07
C ASN E 81 -44.45 45.13 4.45
N ASP E 82 -44.43 44.33 5.50
CA ASP E 82 -44.29 44.91 6.82
C ASP E 82 -42.86 45.43 7.01
N THR E 83 -42.70 46.41 7.90
CA THR E 83 -41.43 47.10 8.04
C THR E 83 -40.69 46.75 9.32
N VAL E 84 -39.38 46.99 9.28
CA VAL E 84 -38.47 46.78 10.35
C VAL E 84 -37.67 48.11 10.46
N PRO E 85 -37.59 48.69 11.63
CA PRO E 85 -36.80 49.91 11.80
C PRO E 85 -35.30 49.61 11.70
N LEU E 86 -34.59 50.54 11.09
CA LEU E 86 -33.12 50.45 10.98
C LEU E 86 -32.45 50.34 12.35
N SER E 87 -33.10 50.90 13.37
CA SER E 87 -32.64 50.88 14.75
C SER E 87 -32.54 49.48 15.40
N ARG E 88 -33.15 48.45 14.80
CA ARG E 88 -33.30 47.14 15.45
C ARG E 88 -32.05 46.29 15.55
N THR E 89 -30.95 46.77 14.97
CA THR E 89 -29.67 46.06 15.16
C THR E 89 -28.57 47.10 15.18
N PRO E 90 -27.47 46.82 15.88
CA PRO E 90 -26.40 47.83 15.88
C PRO E 90 -25.81 48.05 14.49
N ARG E 91 -25.41 49.29 14.23
CA ARG E 91 -24.73 49.59 12.97
C ARG E 91 -23.45 48.72 12.87
N VAL E 92 -23.24 48.13 11.69
CA VAL E 92 -21.99 47.42 11.33
C VAL E 92 -21.59 47.87 9.93
N GLU E 93 -20.32 47.71 9.61
CA GLU E 93 -19.78 48.15 8.36
C GLU E 93 -19.58 46.92 7.46
N GLY E 94 -18.58 46.95 6.61
CA GLY E 94 -18.21 45.83 5.80
C GLY E 94 -18.98 45.85 4.48
N GLY E 95 -19.76 46.89 4.24
CA GLY E 95 -20.38 47.04 2.94
C GLY E 95 -21.91 47.10 3.01
N GLY E 96 -22.45 47.82 2.05
CA GLY E 96 -23.90 48.06 1.95
C GLY E 96 -24.23 49.55 1.99
N ALA E 97 -25.50 49.83 1.89
CA ALA E 97 -25.99 51.19 1.87
C ALA E 97 -26.44 51.61 3.27
N LEU E 98 -27.01 50.71 4.05
CA LEU E 98 -27.63 51.17 5.31
C LEU E 98 -26.60 51.72 6.30
N GLN E 99 -25.35 51.29 6.16
CA GLN E 99 -24.27 51.81 7.01
C GLN E 99 -24.04 53.33 6.83
N GLU E 100 -24.45 53.87 5.68
CA GLU E 100 -24.32 55.31 5.44
C GLU E 100 -25.48 56.14 5.96
N LEU E 101 -26.54 55.49 6.43
CA LEU E 101 -27.77 56.21 6.81
C LEU E 101 -27.69 56.65 8.24
N VAL E 102 -28.35 57.77 8.53
CA VAL E 102 -28.30 58.33 9.87
C VAL E 102 -29.67 58.64 10.44
N GLY E 103 -30.66 58.86 9.60
CA GLY E 103 -31.96 59.25 10.09
C GLY E 103 -32.77 58.08 10.61
N LYS E 104 -34.01 58.38 10.97
CA LYS E 104 -35.01 57.39 11.30
C LYS E 104 -35.43 56.82 9.97
N HIS E 105 -35.25 55.52 9.78
CA HIS E 105 -35.66 54.81 8.58
C HIS E 105 -36.28 53.47 8.98
N SER E 106 -37.21 53.02 8.14
CA SER E 106 -37.79 51.68 8.24
C SER E 106 -37.77 51.07 6.85
N PHE E 107 -37.60 49.76 6.79
CA PHE E 107 -37.53 49.01 5.52
C PHE E 107 -38.43 47.80 5.58
N THR E 108 -39.04 47.43 4.43
CA THR E 108 -39.89 46.27 4.42
C THR E 108 -38.97 45.04 4.36
N TYR E 109 -39.52 43.88 4.69
CA TYR E 109 -38.80 42.63 4.52
C TYR E 109 -38.29 42.45 3.10
N LEU E 110 -39.10 42.88 2.12
CA LEU E 110 -38.73 42.80 0.69
C LEU E 110 -37.50 43.66 0.43
N GLU E 111 -37.55 44.91 0.90
CA GLU E 111 -36.46 45.86 0.73
C GLU E 111 -35.16 45.33 1.39
N LEU E 112 -35.28 44.79 2.62
CA LEU E 112 -34.12 44.27 3.29
C LEU E 112 -33.54 43.07 2.54
N CYS E 113 -34.38 42.16 2.07
CA CYS E 113 -33.86 41.04 1.29
C CYS E 113 -33.12 41.55 0.05
N ARG E 114 -33.72 42.49 -0.67
CA ARG E 114 -33.08 43.07 -1.85
C ARG E 114 -31.70 43.63 -1.56
N LEU E 115 -31.58 44.46 -0.53
CA LEU E 115 -30.31 45.08 -0.20
C LEU E 115 -29.29 44.10 0.32
N VAL E 118 -28.34 42.08 -3.28
CA VAL E 118 -27.71 42.72 -4.45
C VAL E 118 -26.47 43.54 -4.14
N LEU E 119 -26.42 44.08 -2.92
CA LEU E 119 -25.28 44.86 -2.44
C LEU E 119 -24.59 44.24 -1.24
N SER E 120 -24.97 43.02 -0.88
CA SER E 120 -24.40 42.35 0.28
C SER E 120 -24.47 43.24 1.54
N ASP E 121 -25.61 43.88 1.75
CA ASP E 121 -25.74 44.85 2.86
C ASP E 121 -25.74 44.10 4.19
N ASN E 122 -24.73 44.36 5.02
CA ASN E 122 -24.59 43.63 6.29
C ASN E 122 -25.61 44.06 7.36
N ILE E 123 -26.01 45.33 7.38
CA ILE E 123 -27.02 45.76 8.35
C ILE E 123 -28.37 45.14 7.94
N ALA E 124 -28.68 45.12 6.65
CA ALA E 124 -29.93 44.52 6.18
C ALA E 124 -30.00 43.07 6.66
N THR E 125 -28.90 42.37 6.50
CA THR E 125 -28.77 40.98 6.95
C THR E 125 -29.02 40.82 8.44
N ASN E 126 -28.32 41.60 9.23
CA ASN E 126 -28.47 41.52 10.66
C ASN E 126 -29.85 41.92 11.16
N LEU E 127 -30.49 42.85 10.47
CA LEU E 127 -31.87 43.18 10.83
C LEU E 127 -32.75 41.94 10.64
N LEU E 128 -32.60 41.28 9.48
CA LEU E 128 -33.37 40.04 9.20
C LEU E 128 -33.06 38.95 10.22
N ILE E 129 -31.79 38.77 10.56
CA ILE E 129 -31.45 37.70 11.49
C ILE E 129 -32.09 38.01 12.87
N THR E 130 -32.03 39.28 13.27
CA THR E 130 -32.55 39.72 14.59
C THR E 130 -34.03 39.42 14.68
N VAL E 131 -34.77 39.75 13.63
CA VAL E 131 -36.22 39.56 13.68
C VAL E 131 -36.67 38.12 13.44
N LEU E 132 -35.92 37.36 12.65
CA LEU E 132 -36.32 35.99 12.26
C LEU E 132 -35.83 34.92 13.22
N GLY E 133 -34.63 35.09 13.76
CA GLY E 133 -34.02 34.16 14.69
C GLY E 133 -33.06 33.24 13.98
N GLU E 135 -31.75 30.38 15.09
CA GLU E 135 -32.13 28.99 15.21
C GLU E 135 -33.23 28.66 14.19
N ASN E 136 -34.15 29.58 13.94
CA ASN E 136 -35.17 29.35 12.93
C ASN E 136 -34.61 29.24 11.49
N ILE E 137 -33.62 30.05 11.21
CA ILE E 137 -32.96 30.05 9.91
C ILE E 137 -32.24 28.70 9.66
N ASN E 138 -31.55 28.21 10.67
CA ASN E 138 -30.95 26.90 10.58
C ASN E 138 -31.94 25.76 10.48
N ALA E 139 -33.06 25.87 11.19
CA ALA E 139 -34.10 24.86 11.09
C ALA E 139 -34.65 24.81 9.65
N ARG E 140 -34.72 25.95 8.97
CA ARG E 140 -35.12 25.96 7.57
C ARG E 140 -34.10 25.21 6.67
N ALA E 141 -32.82 25.44 6.90
CA ALA E 141 -31.79 24.69 6.16
C ALA E 141 -31.94 23.21 6.36
N GLU E 142 -32.20 22.78 7.61
CA GLU E 142 -32.42 21.37 7.88
C GLU E 142 -33.62 20.84 7.10
N LYS E 143 -34.72 21.57 7.12
CA LYS E 143 -35.91 21.18 6.35
C LYS E 143 -35.65 21.05 4.87
N LEU E 144 -34.80 21.93 4.34
CA LEU E 144 -34.47 21.90 2.94
C LEU E 144 -33.40 20.86 2.57
N GLY E 145 -32.79 20.22 3.55
CA GLY E 145 -31.73 19.25 3.25
C GLY E 145 -30.40 19.91 2.88
N VAL E 146 -30.14 21.11 3.39
CA VAL E 146 -28.92 21.84 3.06
C VAL E 146 -28.23 22.30 4.33
N ASP E 147 -28.41 21.57 5.41
CA ASP E 147 -27.85 22.02 6.66
C ASP E 147 -26.35 21.79 6.85
N GLU E 148 -25.64 21.40 5.81
CA GLU E 148 -24.17 21.57 5.84
C GLU E 148 -23.83 23.04 5.87
N GLU E 150 -24.51 26.61 7.67
CA GLU E 150 -24.97 26.98 8.99
C GLU E 150 -24.77 28.47 9.23
N LEU E 151 -25.73 29.06 9.92
CA LEU E 151 -25.62 30.41 10.39
C LEU E 151 -25.36 30.40 11.90
N ASN E 152 -24.13 30.69 12.33
CA ASN E 152 -23.80 30.76 13.75
C ASN E 152 -23.44 32.13 14.29
N ARG E 153 -23.29 33.13 13.42
CA ARG E 153 -22.96 34.48 13.88
C ARG E 153 -23.51 35.52 12.93
N ASP E 157 -19.49 40.13 13.20
CA ASP E 157 -19.31 39.83 14.63
C ASP E 157 -17.95 39.12 14.81
N PHE E 158 -16.93 39.93 14.99
CA PHE E 158 -15.56 39.44 15.08
C PHE E 158 -15.34 38.74 16.42
N ASN E 159 -15.96 39.18 17.51
CA ASN E 159 -15.86 38.37 18.75
C ASN E 159 -16.40 36.96 18.62
N ALA E 160 -17.53 36.81 17.91
CA ALA E 160 -18.17 35.50 17.84
C ALA E 160 -17.17 34.59 17.14
N LEU E 161 -16.59 35.11 16.08
CA LEU E 161 -15.62 34.33 15.34
C LEU E 161 -14.53 33.86 16.23
N ALA E 162 -14.01 34.76 17.06
CA ALA E 162 -12.93 34.39 18.00
C ALA E 162 -13.34 33.40 19.11
N GLU E 163 -14.63 33.31 19.41
CA GLU E 163 -15.16 32.34 20.34
C GLU E 163 -15.55 31.04 19.65
N GLY E 164 -15.17 30.87 18.39
CA GLY E 164 -15.44 29.64 17.66
C GLY E 164 -16.77 29.56 16.92
N ARG E 165 -17.46 30.67 16.69
CA ARG E 165 -18.76 30.63 16.03
C ARG E 165 -18.59 31.24 14.63
N ASP E 166 -18.79 30.46 13.56
CA ASP E 166 -18.65 31.00 12.22
C ASP E 166 -19.73 30.44 11.30
N ASN E 167 -19.96 31.13 10.22
CA ASN E 167 -20.94 30.71 9.25
C ASN E 167 -20.24 29.86 8.19
N HIS E 168 -20.90 28.80 7.73
CA HIS E 168 -20.30 27.77 6.90
C HIS E 168 -21.17 27.46 5.72
N ILE E 169 -20.56 26.98 4.66
CA ILE E 169 -21.24 26.51 3.48
C ILE E 169 -20.37 25.42 2.80
N THR E 170 -20.97 24.66 1.90
CA THR E 170 -20.28 23.75 1.02
C THR E 170 -20.82 23.97 -0.38
N ALA E 171 -20.06 23.57 -1.37
CA ALA E 171 -20.53 23.76 -2.75
C ALA E 171 -21.84 23.00 -3.05
N SER E 173 -24.21 21.95 -0.90
CA SER E 173 -25.36 22.44 -0.15
C SER E 173 -25.87 23.71 -0.83
N LEU E 174 -24.96 24.55 -1.31
CA LEU E 174 -25.38 25.78 -1.99
C LEU E 174 -26.07 25.41 -3.32
N ALA E 175 -25.50 24.45 -4.05
CA ALA E 175 -26.13 23.97 -5.26
C ALA E 175 -27.55 23.47 -5.04
N ARG E 176 -27.76 22.70 -3.98
CA ARG E 176 -29.10 22.20 -3.65
C ARG E 176 -30.07 23.33 -3.28
N LEU E 177 -29.58 24.34 -2.59
CA LEU E 177 -30.37 25.49 -2.26
C LEU E 177 -30.76 26.24 -3.53
N TYR E 178 -29.80 26.45 -4.44
CA TYR E 178 -30.11 27.06 -5.72
C TYR E 178 -31.10 26.26 -6.57
N LYS E 179 -31.02 24.95 -6.51
CA LYS E 179 -31.96 24.11 -7.25
C LYS E 179 -33.38 24.28 -6.70
N HIS E 180 -33.49 24.38 -5.39
CA HIS E 180 -34.79 24.64 -4.75
C HIS E 180 -35.37 25.99 -5.20
N ILE E 181 -34.53 27.01 -5.19
CA ILE E 181 -34.92 28.34 -5.64
C ILE E 181 -35.30 28.35 -7.11
N PHE E 182 -34.47 27.73 -7.94
CA PHE E 182 -34.79 27.51 -9.35
C PHE E 182 -36.17 26.88 -9.54
N GLU E 183 -36.46 25.85 -8.76
CA GLU E 183 -37.76 25.20 -8.85
C GLU E 183 -38.94 26.11 -8.47
N CYS E 184 -38.74 27.10 -7.60
CA CYS E 184 -39.77 28.06 -7.19
C CYS E 184 -39.97 29.26 -8.14
N ARG E 185 -39.05 29.45 -9.09
CA ARG E 185 -38.97 30.72 -9.82
C ARG E 185 -40.20 31.11 -10.64
N ASP E 186 -40.97 30.14 -11.09
CA ASP E 186 -42.21 30.42 -11.83
C ASP E 186 -43.49 30.00 -11.08
N ARG E 187 -43.37 29.62 -9.81
N ARG E 187 -43.36 29.64 -9.81
CA ARG E 187 -44.52 29.09 -9.06
CA ARG E 187 -44.48 29.10 -9.04
C ARG E 187 -45.45 30.21 -8.58
C ARG E 187 -45.43 30.20 -8.58
N ASP E 188 -44.88 31.27 -8.05
CA ASP E 188 -45.65 32.35 -7.41
C ASP E 188 -44.84 33.63 -7.34
N VAL E 189 -45.42 34.69 -6.81
CA VAL E 189 -44.72 35.97 -6.85
C VAL E 189 -43.47 35.97 -5.98
N TYR E 190 -43.44 35.09 -4.97
CA TYR E 190 -42.33 35.05 -4.02
C TYR E 190 -41.12 34.36 -4.63
N GLY E 191 -41.36 33.20 -5.25
CA GLY E 191 -40.33 32.52 -5.98
C GLY E 191 -39.79 33.36 -7.11
N ARG E 192 -40.68 34.05 -7.81
CA ARG E 192 -40.26 34.90 -8.91
C ARG E 192 -39.37 36.04 -8.42
N GLU E 193 -39.76 36.69 -7.32
CA GLU E 193 -38.96 37.77 -6.77
C GLU E 193 -37.58 37.29 -6.34
N TRP E 195 -35.86 34.81 -7.62
CA TRP E 195 -35.11 34.62 -8.84
C TRP E 195 -34.64 35.98 -9.41
N ASN E 196 -35.56 36.97 -9.43
CA ASN E 196 -35.24 38.25 -9.99
C ASN E 196 -34.12 38.94 -9.13
N ILE E 197 -34.22 38.87 -7.82
CA ILE E 197 -33.22 39.48 -6.90
C ILE E 197 -31.84 38.86 -7.19
N LEU E 198 -31.80 37.53 -7.30
CA LEU E 198 -30.55 36.87 -7.62
C LEU E 198 -29.93 37.44 -8.91
N GLY E 199 -30.79 37.67 -9.90
CA GLY E 199 -30.36 38.19 -11.18
C GLY E 199 -29.99 39.66 -11.22
N ARG E 200 -30.26 40.41 -10.15
CA ARG E 200 -29.92 41.84 -10.05
C ARG E 200 -28.68 42.06 -9.19
N GLN E 201 -27.97 40.98 -8.88
CA GLN E 201 -26.67 41.08 -8.19
C GLN E 201 -25.77 42.13 -8.82
N GLN E 202 -25.21 43.01 -7.99
CA GLN E 202 -24.42 44.12 -8.52
C GLN E 202 -22.94 43.83 -8.55
N PHE E 203 -22.47 42.85 -7.79
CA PHE E 203 -21.03 42.56 -7.80
C PHE E 203 -20.71 41.47 -8.85
N ARG E 204 -20.04 41.91 -9.92
CA ARG E 204 -19.70 41.05 -11.07
C ARG E 204 -18.19 40.93 -11.29
N ASP E 205 -17.45 40.93 -10.18
CA ASP E 205 -16.02 40.87 -10.24
C ASP E 205 -15.42 39.45 -10.24
N ILE E 206 -16.25 38.43 -10.07
CA ILE E 206 -15.76 37.06 -9.97
C ILE E 206 -16.16 36.28 -11.25
N LEU E 207 -17.14 35.37 -11.16
CA LEU E 207 -17.45 34.48 -12.27
C LEU E 207 -17.84 35.20 -13.58
N PRO E 208 -18.58 36.31 -13.52
CA PRO E 208 -19.00 36.96 -14.78
C PRO E 208 -18.07 38.03 -15.27
N PHE E 209 -16.88 38.14 -14.70
CA PHE E 209 -15.98 39.22 -15.08
C PHE E 209 -15.79 39.36 -16.58
N TYR E 210 -15.60 38.26 -17.31
CA TYR E 210 -15.38 38.36 -18.74
C TYR E 210 -16.65 38.17 -19.57
N TRP E 211 -17.82 38.02 -18.94
CA TRP E 211 -18.99 37.64 -19.72
C TRP E 211 -19.61 38.81 -20.48
N GLY E 212 -19.44 40.02 -19.97
CA GLY E 212 -20.10 41.20 -20.53
C GLY E 212 -21.36 41.54 -19.73
N GLU E 213 -21.65 42.85 -19.68
CA GLU E 213 -22.83 43.41 -19.00
C GLU E 213 -24.17 42.74 -19.37
N GLY E 214 -24.33 42.31 -20.60
CA GLY E 214 -25.59 41.73 -21.03
C GLY E 214 -25.93 40.32 -20.57
N ILE E 215 -25.01 39.63 -19.91
CA ILE E 215 -25.27 38.24 -19.56
C ILE E 215 -25.75 38.24 -18.10
N ARG E 216 -27.03 37.98 -17.93
CA ARG E 216 -27.63 37.91 -16.60
C ARG E 216 -27.16 36.64 -15.88
N PHE E 217 -26.85 36.78 -14.59
CA PHE E 217 -26.45 35.64 -13.79
C PHE E 217 -27.21 35.79 -12.47
N HIS E 218 -27.75 34.67 -11.98
CA HIS E 218 -28.60 34.66 -10.80
C HIS E 218 -27.72 34.18 -9.68
N HIS E 219 -27.14 35.12 -8.95
CA HIS E 219 -25.97 34.76 -8.12
C HIS E 219 -25.76 35.62 -6.91
N LYS E 220 -24.81 35.19 -6.09
CA LYS E 220 -24.42 35.94 -4.91
C LYS E 220 -22.93 35.71 -4.74
N THR E 221 -22.19 36.75 -4.37
CA THR E 221 -20.74 36.61 -4.05
C THR E 221 -20.49 36.69 -2.54
N GLY E 222 -19.28 36.32 -2.12
CA GLY E 222 -18.94 36.49 -0.74
C GLY E 222 -17.47 36.80 -0.63
N SER E 223 -17.10 37.71 0.25
N SER E 223 -17.10 37.57 0.35
CA SER E 223 -15.69 38.05 0.47
CA SER E 223 -15.72 38.00 0.45
C SER E 223 -15.44 38.19 1.95
C SER E 223 -15.39 38.28 1.90
N LEU E 224 -14.28 37.71 2.38
CA LEU E 224 -13.73 38.03 3.69
C LEU E 224 -12.21 38.03 3.48
N ASP E 225 -11.45 38.39 4.49
CA ASP E 225 -10.02 38.30 4.35
C ASP E 225 -9.65 36.87 3.90
N ARG E 226 -8.97 36.78 2.76
CA ARG E 226 -8.50 35.53 2.16
C ARG E 226 -9.58 34.55 1.73
N VAL E 227 -10.80 35.05 1.48
CA VAL E 227 -11.92 34.23 1.07
C VAL E 227 -12.64 34.97 -0.02
N GLU E 228 -12.83 34.32 -1.17
CA GLU E 228 -13.59 34.90 -2.28
C GLU E 228 -14.46 33.83 -2.90
N HIS E 229 -15.79 34.05 -2.94
CA HIS E 229 -16.70 33.06 -3.44
C HIS E 229 -17.68 33.69 -4.41
N ASP E 230 -18.18 32.86 -5.33
CA ASP E 230 -19.30 33.29 -6.17
C ASP E 230 -20.04 32.04 -6.54
N GLY E 231 -21.36 32.11 -6.59
CA GLY E 231 -22.10 30.99 -7.12
C GLY E 231 -23.51 31.39 -7.54
N GLY E 232 -24.02 30.71 -8.56
CA GLY E 232 -25.32 31.04 -9.07
C GLY E 232 -25.64 30.22 -10.28
N VAL E 233 -26.70 30.66 -10.96
CA VAL E 233 -27.29 29.95 -12.07
C VAL E 233 -27.27 30.87 -13.30
N ILE E 234 -26.80 30.33 -14.41
CA ILE E 234 -26.84 31.03 -15.65
C ILE E 234 -27.84 30.39 -16.61
N GLU E 235 -28.60 31.21 -17.33
CA GLU E 235 -29.50 30.72 -18.38
C GLU E 235 -28.76 30.86 -19.70
N THR E 236 -28.53 29.76 -20.41
CA THR E 236 -27.86 29.79 -21.71
C THR E 236 -28.82 29.29 -22.76
N PHE E 237 -28.39 29.36 -24.01
CA PHE E 237 -29.21 28.91 -25.13
C PHE E 237 -29.50 27.42 -25.01
N ARG E 238 -28.66 26.66 -24.34
CA ARG E 238 -28.97 25.25 -24.15
C ARG E 238 -29.43 24.81 -22.74
N GLY E 239 -29.85 25.78 -21.93
CA GLY E 239 -30.43 25.45 -20.62
C GLY E 239 -29.76 26.21 -19.51
N HIS E 240 -30.17 25.87 -18.29
CA HIS E 240 -29.63 26.50 -17.10
C HIS E 240 -28.52 25.65 -16.53
N PHE E 241 -27.49 26.32 -16.03
CA PHE E 241 -26.38 25.65 -15.37
C PHE E 241 -26.07 26.39 -14.09
N CYS E 242 -25.69 25.64 -13.07
CA CYS E 242 -25.31 26.18 -11.79
C CYS E 242 -23.81 26.13 -11.71
N PHE E 243 -23.19 27.28 -11.39
CA PHE E 243 -21.72 27.39 -11.24
C PHE E 243 -21.44 27.82 -9.82
N ILE E 244 -20.68 27.03 -9.06
CA ILE E 244 -20.35 27.39 -7.70
C ILE E 244 -18.83 27.39 -7.62
N LEU E 245 -18.25 28.45 -7.08
CA LEU E 245 -16.82 28.50 -6.86
C LEU E 245 -16.54 29.06 -5.48
N LEU E 246 -15.87 28.24 -4.64
CA LEU E 246 -15.51 28.62 -3.29
C LEU E 246 -14.01 28.64 -3.19
N SER E 248 -10.86 29.61 -0.54
CA SER E 248 -10.35 29.99 0.77
C SER E 248 -8.83 29.86 0.78
N ASP E 249 -8.21 30.52 1.77
CA ASP E 249 -6.76 30.61 1.88
C ASP E 249 -6.07 31.06 0.59
N ILE E 250 -6.53 32.19 0.09
CA ILE E 250 -6.04 32.77 -1.12
C ILE E 250 -5.93 34.27 -0.93
N ASP E 251 -4.92 34.90 -1.52
CA ASP E 251 -4.90 36.37 -1.52
C ASP E 251 -6.20 36.83 -2.20
N ASN E 252 -6.87 37.84 -1.67
CA ASN E 252 -8.17 38.23 -2.27
C ASN E 252 -8.05 38.65 -3.74
N ASP E 253 -7.00 39.41 -4.08
CA ASP E 253 -6.83 39.86 -5.47
C ASP E 253 -6.64 38.67 -6.41
N ARG E 254 -5.84 37.71 -5.97
CA ARG E 254 -5.64 36.48 -6.76
C ARG E 254 -6.91 35.68 -6.89
N GLY E 255 -7.70 35.63 -5.82
CA GLY E 255 -8.99 34.93 -5.85
C GLY E 255 -9.91 35.49 -6.90
N LYS E 256 -10.01 36.81 -6.92
CA LYS E 256 -10.83 37.48 -7.94
C LYS E 256 -10.32 37.17 -9.37
N GLU E 257 -9.01 37.17 -9.55
CA GLU E 257 -8.45 36.85 -10.86
C GLU E 257 -8.72 35.42 -11.28
N LEU E 258 -8.55 34.49 -10.34
CA LEU E 258 -8.79 33.10 -10.61
C LEU E 258 -10.27 32.88 -10.95
N GLY E 259 -11.14 33.51 -10.16
CA GLY E 259 -12.59 33.41 -10.37
C GLY E 259 -13.03 33.88 -11.75
N ALA E 260 -12.45 34.98 -12.19
CA ALA E 260 -12.71 35.49 -13.53
C ALA E 260 -12.31 34.44 -14.61
N GLN E 261 -11.13 33.83 -14.46
CA GLN E 261 -10.70 32.79 -15.38
C GLN E 261 -11.64 31.59 -15.34
N VAL E 262 -12.02 31.18 -14.14
CA VAL E 262 -12.88 30.01 -13.98
C VAL E 262 -14.28 30.23 -14.60
N GLY E 263 -14.85 31.40 -14.37
CA GLY E 263 -16.17 31.70 -14.91
C GLY E 263 -16.19 31.64 -16.43
N ARG E 264 -15.12 32.11 -17.05
CA ARG E 264 -15.02 32.14 -18.49
C ARG E 264 -14.92 30.68 -19.02
N ILE E 265 -14.09 29.87 -18.37
CA ILE E 265 -13.95 28.47 -18.73
C ILE E 265 -15.30 27.70 -18.59
N LYS E 267 -18.46 28.88 -18.50
CA LYS E 267 -19.44 29.33 -19.50
C LYS E 267 -19.16 28.79 -20.90
N GLU E 268 -17.91 28.91 -21.34
CA GLU E 268 -17.48 28.37 -22.62
C GLU E 268 -17.75 26.87 -22.75
N PHE E 269 -17.46 26.15 -21.70
CA PHE E 269 -17.63 24.73 -21.72
C PHE E 269 -19.06 24.30 -21.87
N VAL E 270 -19.96 24.87 -21.08
CA VAL E 270 -21.34 24.44 -21.14
C VAL E 270 -22.00 24.89 -22.45
N GLU E 271 -21.51 25.98 -23.02
CA GLU E 271 -22.11 26.50 -24.25
C GLU E 271 -21.59 25.78 -25.47
N GLU E 272 -20.38 25.23 -25.40
CA GLU E 272 -19.69 24.69 -26.58
C GLU E 272 -19.21 23.24 -26.50
N ALA E 273 -18.81 22.75 -25.34
CA ALA E 273 -18.17 21.42 -25.21
C ALA E 273 -19.14 20.31 -24.81
N LEU E 274 -20.27 20.71 -24.25
CA LEU E 274 -21.27 19.76 -23.74
C LEU E 274 -22.09 19.27 -24.94
N PRO E 275 -22.14 17.93 -25.17
CA PRO E 275 -22.60 17.31 -26.44
C PRO E 275 -24.02 17.69 -26.89
#